data_1KUH
# 
_entry.id   1KUH 
# 
_audit_conform.dict_name       mmcif_pdbx.dic 
_audit_conform.dict_version    5.397 
_audit_conform.dict_location   http://mmcif.pdb.org/dictionaries/ascii/mmcif_pdbx.dic 
# 
loop_
_database_2.database_id 
_database_2.database_code 
_database_2.pdbx_database_accession 
_database_2.pdbx_DOI 
PDB   1KUH         pdb_00001kuh 10.2210/pdb1kuh/pdb 
WWPDB D_1000174495 ?            ?                   
# 
loop_
_pdbx_audit_revision_history.ordinal 
_pdbx_audit_revision_history.data_content_type 
_pdbx_audit_revision_history.major_revision 
_pdbx_audit_revision_history.minor_revision 
_pdbx_audit_revision_history.revision_date 
1 'Structure model' 1 0 1997-03-12 
2 'Structure model' 1 1 2008-03-24 
3 'Structure model' 1 2 2011-07-13 
4 'Structure model' 1 3 2024-06-05 
5 'Structure model' 1 4 2024-10-23 
# 
_pdbx_audit_revision_details.ordinal             1 
_pdbx_audit_revision_details.revision_ordinal    1 
_pdbx_audit_revision_details.data_content_type   'Structure model' 
_pdbx_audit_revision_details.provider            repository 
_pdbx_audit_revision_details.type                'Initial release' 
_pdbx_audit_revision_details.description         ? 
_pdbx_audit_revision_details.details             ? 
# 
loop_
_pdbx_audit_revision_group.ordinal 
_pdbx_audit_revision_group.revision_ordinal 
_pdbx_audit_revision_group.data_content_type 
_pdbx_audit_revision_group.group 
1 2 'Structure model' 'Version format compliance' 
2 3 'Structure model' 'Version format compliance' 
3 4 'Structure model' 'Data collection'           
4 4 'Structure model' 'Database references'       
5 4 'Structure model' 'Derived calculations'      
6 4 'Structure model' Other                       
7 5 'Structure model' 'Structure summary'         
# 
loop_
_pdbx_audit_revision_category.ordinal 
_pdbx_audit_revision_category.revision_ordinal 
_pdbx_audit_revision_category.data_content_type 
_pdbx_audit_revision_category.category 
1 4 'Structure model' chem_comp_atom            
2 4 'Structure model' chem_comp_bond            
3 4 'Structure model' database_2                
4 4 'Structure model' pdbx_database_status      
5 4 'Structure model' pdbx_struct_conn_angle    
6 4 'Structure model' struct_conn               
7 4 'Structure model' struct_site               
8 5 'Structure model' pdbx_entry_details        
9 5 'Structure model' pdbx_modification_feature 
# 
loop_
_pdbx_audit_revision_item.ordinal 
_pdbx_audit_revision_item.revision_ordinal 
_pdbx_audit_revision_item.data_content_type 
_pdbx_audit_revision_item.item 
1  4 'Structure model' '_database_2.pdbx_DOI'                        
2  4 'Structure model' '_database_2.pdbx_database_accession'         
3  4 'Structure model' '_pdbx_database_status.process_site'          
4  4 'Structure model' '_pdbx_struct_conn_angle.ptnr1_auth_comp_id'  
5  4 'Structure model' '_pdbx_struct_conn_angle.ptnr1_auth_seq_id'   
6  4 'Structure model' '_pdbx_struct_conn_angle.ptnr1_label_asym_id' 
7  4 'Structure model' '_pdbx_struct_conn_angle.ptnr1_label_atom_id' 
8  4 'Structure model' '_pdbx_struct_conn_angle.ptnr1_label_comp_id' 
9  4 'Structure model' '_pdbx_struct_conn_angle.ptnr1_label_seq_id'  
10 4 'Structure model' '_pdbx_struct_conn_angle.ptnr1_symmetry'      
11 4 'Structure model' '_pdbx_struct_conn_angle.ptnr2_auth_comp_id'  
12 4 'Structure model' '_pdbx_struct_conn_angle.ptnr2_auth_seq_id'   
13 4 'Structure model' '_pdbx_struct_conn_angle.ptnr2_label_asym_id' 
14 4 'Structure model' '_pdbx_struct_conn_angle.ptnr2_label_atom_id' 
15 4 'Structure model' '_pdbx_struct_conn_angle.ptnr2_label_comp_id' 
16 4 'Structure model' '_pdbx_struct_conn_angle.ptnr3_auth_comp_id'  
17 4 'Structure model' '_pdbx_struct_conn_angle.ptnr3_auth_seq_id'   
18 4 'Structure model' '_pdbx_struct_conn_angle.ptnr3_label_asym_id' 
19 4 'Structure model' '_pdbx_struct_conn_angle.ptnr3_label_atom_id' 
20 4 'Structure model' '_pdbx_struct_conn_angle.ptnr3_label_comp_id' 
21 4 'Structure model' '_pdbx_struct_conn_angle.ptnr3_label_seq_id'  
22 4 'Structure model' '_pdbx_struct_conn_angle.ptnr3_symmetry'      
23 4 'Structure model' '_pdbx_struct_conn_angle.value'               
24 4 'Structure model' '_struct_conn.pdbx_dist_value'                
25 4 'Structure model' '_struct_conn.ptnr1_auth_comp_id'             
26 4 'Structure model' '_struct_conn.ptnr1_auth_seq_id'              
27 4 'Structure model' '_struct_conn.ptnr1_label_asym_id'            
28 4 'Structure model' '_struct_conn.ptnr1_label_atom_id'            
29 4 'Structure model' '_struct_conn.ptnr1_label_comp_id'            
30 4 'Structure model' '_struct_conn.ptnr1_label_seq_id'             
31 4 'Structure model' '_struct_conn.ptnr2_auth_comp_id'             
32 4 'Structure model' '_struct_conn.ptnr2_auth_seq_id'              
33 4 'Structure model' '_struct_conn.ptnr2_label_asym_id'            
34 4 'Structure model' '_struct_conn.ptnr2_label_atom_id'            
35 4 'Structure model' '_struct_conn.ptnr2_label_comp_id'            
36 4 'Structure model' '_struct_conn.ptnr2_label_seq_id'             
37 4 'Structure model' '_struct_conn.ptnr2_symmetry'                 
38 4 'Structure model' '_struct_site.pdbx_auth_asym_id'              
39 4 'Structure model' '_struct_site.pdbx_auth_comp_id'              
40 4 'Structure model' '_struct_site.pdbx_auth_seq_id'               
# 
_pdbx_database_status.status_code                     REL 
_pdbx_database_status.entry_id                        1KUH 
_pdbx_database_status.recvd_initial_deposition_date   1996-02-22 
_pdbx_database_status.deposit_site                    ? 
_pdbx_database_status.process_site                    BNL 
_pdbx_database_status.status_code_sf                  REL 
_pdbx_database_status.status_code_mr                  ? 
_pdbx_database_status.SG_entry                        ? 
_pdbx_database_status.pdb_format_compatible           Y 
_pdbx_database_status.status_code_cs                  ? 
_pdbx_database_status.status_code_nmr_data            ? 
_pdbx_database_status.methods_development_category    ? 
# 
loop_
_audit_author.name 
_audit_author.pdbx_ordinal 
'Kurisu, G.'    1 
'Kinoshita, T.' 2 
'Sugimoto, A.'  3 
'Nagara, A.'    4 
'Kai, Y.'       5 
'Kasai, N.'     6 
'Harada, S.'    7 
# 
loop_
_citation.id 
_citation.title 
_citation.journal_abbrev 
_citation.journal_volume 
_citation.page_first 
_citation.page_last 
_citation.year 
_citation.journal_id_ASTM 
_citation.country 
_citation.journal_id_ISSN 
_citation.journal_id_CSD 
_citation.book_publisher 
_citation.pdbx_database_id_PubMed 
_citation.pdbx_database_id_DOI 
primary 'Structure of the zinc endoprotease from Streptomyces caespitosus.'                          'J.Biochem.(Tokyo)' 121 304 
308 1997 JOBIAO JA 0021-924X 0418 ? 9089404 ? 
1       'Complete Amino Acid Sequence of a Zinc Metalloendoprotease from Streptomyces Caespitosus'   Eur.J.Biochem.      233 683 ? 
1995 EJBCAI IX 0014-2956 0262 ? ?       ? 
2       'Crystallization and Main-Chain Structure of Neutral Protease from Streptomyces Caespitosus' 'J.Biochem.(Tokyo)' 110 46  ? 
1991 JOBIAO JA 0021-924X 0418 ? ?       ? 
# 
loop_
_citation_author.citation_id 
_citation_author.name 
_citation_author.ordinal 
_citation_author.identifier_ORCID 
primary 'Kurisu, G.'     1  ? 
primary 'Kinoshita, T.'  2  ? 
primary 'Sugimoto, A.'   3  ? 
primary 'Nagara, A.'     4  ? 
primary 'Kai, Y.'        5  ? 
primary 'Kasai, N.'      6  ? 
primary 'Harada, S.'     7  ? 
1       'Harada, S.'     8  ? 
1       'Kinoshita, T.'  9  ? 
1       'Kasai, N.'      10 ? 
1       'Tsunasawa, S.'  11 ? 
1       'Sakiyama, F.'   12 ? 
2       'Harada, S.'     13 ? 
2       'Kitadokoro, K.' 14 ? 
2       'Kinoshita, T.'  15 ? 
2       'Kai, Y.'        16 ? 
2       'Kasai, N.'      17 ? 
# 
loop_
_entity.id 
_entity.type 
_entity.src_method 
_entity.pdbx_description 
_entity.formula_weight 
_entity.pdbx_number_of_molecules 
_entity.pdbx_ec 
_entity.pdbx_mutation 
_entity.pdbx_fragment 
_entity.details 
1 polymer     nat 'ZINC PROTEASE' 14387.327 1  ? ? ? ? 
2 non-polymer syn 'ZINC ION'      65.409    1  ? ? ? ? 
3 non-polymer syn 'CALCIUM ION'   40.078    1  ? ? ? ? 
4 water       nat water           18.015    93 ? ? ? ? 
# 
_entity_name_com.entity_id   1 
_entity_name_com.name        'NEUTRAL PROTEASE' 
# 
_entity_poly.entity_id                      1 
_entity_poly.type                           'polypeptide(L)' 
_entity_poly.nstd_linkage                   no 
_entity_poly.nstd_monomer                   no 
_entity_poly.pdbx_seq_one_letter_code       
;TVTVTYDPSNAPSFQQEIANAAQIWNSSVRNVQLRAGGNADFSYYEGNDSRGSYAQTDGHGRGYIFLDYQQNQQYDSTRV
TAHETGHVLGLPDHYQGPCSELMSGGGPGPSCTNPYPNAQERSRVNALWANG
;
_entity_poly.pdbx_seq_one_letter_code_can   
;TVTVTYDPSNAPSFQQEIANAAQIWNSSVRNVQLRAGGNADFSYYEGNDSRGSYAQTDGHGRGYIFLDYQQNQQYDSTRV
TAHETGHVLGLPDHYQGPCSELMSGGGPGPSCTNPYPNAQERSRVNALWANG
;
_entity_poly.pdbx_strand_id                 A 
_entity_poly.pdbx_target_identifier         ? 
# 
loop_
_pdbx_entity_nonpoly.entity_id 
_pdbx_entity_nonpoly.name 
_pdbx_entity_nonpoly.comp_id 
2 'ZINC ION'    ZN  
3 'CALCIUM ION' CA  
4 water         HOH 
# 
loop_
_entity_poly_seq.entity_id 
_entity_poly_seq.num 
_entity_poly_seq.mon_id 
_entity_poly_seq.hetero 
1 1   THR n 
1 2   VAL n 
1 3   THR n 
1 4   VAL n 
1 5   THR n 
1 6   TYR n 
1 7   ASP n 
1 8   PRO n 
1 9   SER n 
1 10  ASN n 
1 11  ALA n 
1 12  PRO n 
1 13  SER n 
1 14  PHE n 
1 15  GLN n 
1 16  GLN n 
1 17  GLU n 
1 18  ILE n 
1 19  ALA n 
1 20  ASN n 
1 21  ALA n 
1 22  ALA n 
1 23  GLN n 
1 24  ILE n 
1 25  TRP n 
1 26  ASN n 
1 27  SER n 
1 28  SER n 
1 29  VAL n 
1 30  ARG n 
1 31  ASN n 
1 32  VAL n 
1 33  GLN n 
1 34  LEU n 
1 35  ARG n 
1 36  ALA n 
1 37  GLY n 
1 38  GLY n 
1 39  ASN n 
1 40  ALA n 
1 41  ASP n 
1 42  PHE n 
1 43  SER n 
1 44  TYR n 
1 45  TYR n 
1 46  GLU n 
1 47  GLY n 
1 48  ASN n 
1 49  ASP n 
1 50  SER n 
1 51  ARG n 
1 52  GLY n 
1 53  SER n 
1 54  TYR n 
1 55  ALA n 
1 56  GLN n 
1 57  THR n 
1 58  ASP n 
1 59  GLY n 
1 60  HIS n 
1 61  GLY n 
1 62  ARG n 
1 63  GLY n 
1 64  TYR n 
1 65  ILE n 
1 66  PHE n 
1 67  LEU n 
1 68  ASP n 
1 69  TYR n 
1 70  GLN n 
1 71  GLN n 
1 72  ASN n 
1 73  GLN n 
1 74  GLN n 
1 75  TYR n 
1 76  ASP n 
1 77  SER n 
1 78  THR n 
1 79  ARG n 
1 80  VAL n 
1 81  THR n 
1 82  ALA n 
1 83  HIS n 
1 84  GLU n 
1 85  THR n 
1 86  GLY n 
1 87  HIS n 
1 88  VAL n 
1 89  LEU n 
1 90  GLY n 
1 91  LEU n 
1 92  PRO n 
1 93  ASP n 
1 94  HIS n 
1 95  TYR n 
1 96  GLN n 
1 97  GLY n 
1 98  PRO n 
1 99  CYS n 
1 100 SER n 
1 101 GLU n 
1 102 LEU n 
1 103 MET n 
1 104 SER n 
1 105 GLY n 
1 106 GLY n 
1 107 GLY n 
1 108 PRO n 
1 109 GLY n 
1 110 PRO n 
1 111 SER n 
1 112 CYS n 
1 113 THR n 
1 114 ASN n 
1 115 PRO n 
1 116 TYR n 
1 117 PRO n 
1 118 ASN n 
1 119 ALA n 
1 120 GLN n 
1 121 GLU n 
1 122 ARG n 
1 123 SER n 
1 124 ARG n 
1 125 VAL n 
1 126 ASN n 
1 127 ALA n 
1 128 LEU n 
1 129 TRP n 
1 130 ALA n 
1 131 ASN n 
1 132 GLY n 
# 
_entity_src_nat.entity_id                  1 
_entity_src_nat.pdbx_src_id                1 
_entity_src_nat.pdbx_alt_source_flag       sample 
_entity_src_nat.pdbx_beg_seq_num           ? 
_entity_src_nat.pdbx_end_seq_num           ? 
_entity_src_nat.common_name                ? 
_entity_src_nat.pdbx_organism_scientific   'Streptomyces caespitosus' 
_entity_src_nat.pdbx_ncbi_taxonomy_id      53502 
_entity_src_nat.genus                      Streptomyces 
_entity_src_nat.species                    ? 
_entity_src_nat.strain                     ? 
_entity_src_nat.tissue                     ? 
_entity_src_nat.tissue_fraction            ? 
_entity_src_nat.pdbx_secretion             ? 
_entity_src_nat.pdbx_fragment              ? 
_entity_src_nat.pdbx_variant               ? 
_entity_src_nat.pdbx_cell_line             ? 
_entity_src_nat.pdbx_atcc                  ? 
_entity_src_nat.pdbx_cellular_location     ? 
_entity_src_nat.pdbx_organ                 ? 
_entity_src_nat.pdbx_organelle             ? 
_entity_src_nat.pdbx_cell                  ? 
_entity_src_nat.pdbx_plasmid_name          ? 
_entity_src_nat.pdbx_plasmid_details       ? 
_entity_src_nat.details                    ? 
# 
loop_
_chem_comp.id 
_chem_comp.type 
_chem_comp.mon_nstd_flag 
_chem_comp.name 
_chem_comp.pdbx_synonyms 
_chem_comp.formula 
_chem_comp.formula_weight 
ALA 'L-peptide linking' y ALANINE         ? 'C3 H7 N O2'     89.093  
ARG 'L-peptide linking' y ARGININE        ? 'C6 H15 N4 O2 1' 175.209 
ASN 'L-peptide linking' y ASPARAGINE      ? 'C4 H8 N2 O3'    132.118 
ASP 'L-peptide linking' y 'ASPARTIC ACID' ? 'C4 H7 N O4'     133.103 
CA  non-polymer         . 'CALCIUM ION'   ? 'Ca 2'           40.078  
CYS 'L-peptide linking' y CYSTEINE        ? 'C3 H7 N O2 S'   121.158 
GLN 'L-peptide linking' y GLUTAMINE       ? 'C5 H10 N2 O3'   146.144 
GLU 'L-peptide linking' y 'GLUTAMIC ACID' ? 'C5 H9 N O4'     147.129 
GLY 'peptide linking'   y GLYCINE         ? 'C2 H5 N O2'     75.067  
HIS 'L-peptide linking' y HISTIDINE       ? 'C6 H10 N3 O2 1' 156.162 
HOH non-polymer         . WATER           ? 'H2 O'           18.015  
ILE 'L-peptide linking' y ISOLEUCINE      ? 'C6 H13 N O2'    131.173 
LEU 'L-peptide linking' y LEUCINE         ? 'C6 H13 N O2'    131.173 
MET 'L-peptide linking' y METHIONINE      ? 'C5 H11 N O2 S'  149.211 
PHE 'L-peptide linking' y PHENYLALANINE   ? 'C9 H11 N O2'    165.189 
PRO 'L-peptide linking' y PROLINE         ? 'C5 H9 N O2'     115.130 
SER 'L-peptide linking' y SERINE          ? 'C3 H7 N O3'     105.093 
THR 'L-peptide linking' y THREONINE       ? 'C4 H9 N O3'     119.119 
TRP 'L-peptide linking' y TRYPTOPHAN      ? 'C11 H12 N2 O2'  204.225 
TYR 'L-peptide linking' y TYROSINE        ? 'C9 H11 N O3'    181.189 
VAL 'L-peptide linking' y VALINE          ? 'C5 H11 N O2'    117.146 
ZN  non-polymer         . 'ZINC ION'      ? 'Zn 2'           65.409  
# 
loop_
_pdbx_poly_seq_scheme.asym_id 
_pdbx_poly_seq_scheme.entity_id 
_pdbx_poly_seq_scheme.seq_id 
_pdbx_poly_seq_scheme.mon_id 
_pdbx_poly_seq_scheme.ndb_seq_num 
_pdbx_poly_seq_scheme.pdb_seq_num 
_pdbx_poly_seq_scheme.auth_seq_num 
_pdbx_poly_seq_scheme.pdb_mon_id 
_pdbx_poly_seq_scheme.auth_mon_id 
_pdbx_poly_seq_scheme.pdb_strand_id 
_pdbx_poly_seq_scheme.pdb_ins_code 
_pdbx_poly_seq_scheme.hetero 
A 1 1   THR 1   1   1   THR THR A . n 
A 1 2   VAL 2   2   2   VAL VAL A . n 
A 1 3   THR 3   3   3   THR THR A . n 
A 1 4   VAL 4   4   4   VAL VAL A . n 
A 1 5   THR 5   5   5   THR THR A . n 
A 1 6   TYR 6   6   6   TYR TYR A . n 
A 1 7   ASP 7   7   7   ASP ASP A . n 
A 1 8   PRO 8   8   8   PRO PRO A . n 
A 1 9   SER 9   9   9   SER SER A . n 
A 1 10  ASN 10  10  10  ASN ASN A . n 
A 1 11  ALA 11  11  11  ALA ALA A . n 
A 1 12  PRO 12  12  12  PRO PRO A . n 
A 1 13  SER 13  13  13  SER SER A . n 
A 1 14  PHE 14  14  14  PHE PHE A . n 
A 1 15  GLN 15  15  15  GLN GLN A . n 
A 1 16  GLN 16  16  16  GLN GLN A . n 
A 1 17  GLU 17  17  17  GLU GLU A . n 
A 1 18  ILE 18  18  18  ILE ILE A . n 
A 1 19  ALA 19  19  19  ALA ALA A . n 
A 1 20  ASN 20  20  20  ASN ASN A . n 
A 1 21  ALA 21  21  21  ALA ALA A . n 
A 1 22  ALA 22  22  22  ALA ALA A . n 
A 1 23  GLN 23  23  23  GLN GLN A . n 
A 1 24  ILE 24  24  24  ILE ILE A . n 
A 1 25  TRP 25  25  25  TRP TRP A . n 
A 1 26  ASN 26  26  26  ASN ASN A . n 
A 1 27  SER 27  27  27  SER SER A . n 
A 1 28  SER 28  28  28  SER SER A . n 
A 1 29  VAL 29  29  29  VAL VAL A . n 
A 1 30  ARG 30  30  30  ARG ARG A . n 
A 1 31  ASN 31  31  31  ASN ASN A . n 
A 1 32  VAL 32  32  32  VAL VAL A . n 
A 1 33  GLN 33  33  33  GLN GLN A . n 
A 1 34  LEU 34  34  34  LEU LEU A . n 
A 1 35  ARG 35  35  35  ARG ARG A . n 
A 1 36  ALA 36  36  36  ALA ALA A . n 
A 1 37  GLY 37  37  37  GLY GLY A . n 
A 1 38  GLY 38  38  38  GLY GLY A . n 
A 1 39  ASN 39  39  39  ASN ASN A . n 
A 1 40  ALA 40  40  40  ALA ALA A . n 
A 1 41  ASP 41  41  41  ASP ASP A . n 
A 1 42  PHE 42  42  42  PHE PHE A . n 
A 1 43  SER 43  43  43  SER SER A . n 
A 1 44  TYR 44  44  44  TYR TYR A . n 
A 1 45  TYR 45  45  45  TYR TYR A . n 
A 1 46  GLU 46  46  46  GLU GLU A . n 
A 1 47  GLY 47  47  47  GLY GLY A . n 
A 1 48  ASN 48  48  48  ASN ASN A . n 
A 1 49  ASP 49  49  49  ASP ASP A . n 
A 1 50  SER 50  50  50  SER SER A . n 
A 1 51  ARG 51  51  51  ARG ARG A . n 
A 1 52  GLY 52  52  52  GLY GLY A . n 
A 1 53  SER 53  53  53  SER SER A . n 
A 1 54  TYR 54  54  54  TYR TYR A . n 
A 1 55  ALA 55  55  55  ALA ALA A . n 
A 1 56  GLN 56  56  56  GLN GLN A . n 
A 1 57  THR 57  57  57  THR THR A . n 
A 1 58  ASP 58  58  58  ASP ASP A . n 
A 1 59  GLY 59  59  59  GLY GLY A . n 
A 1 60  HIS 60  60  60  HIS HIS A . n 
A 1 61  GLY 61  61  61  GLY GLY A . n 
A 1 62  ARG 62  62  62  ARG ARG A . n 
A 1 63  GLY 63  63  63  GLY GLY A . n 
A 1 64  TYR 64  64  64  TYR TYR A . n 
A 1 65  ILE 65  65  65  ILE ILE A . n 
A 1 66  PHE 66  66  66  PHE PHE A . n 
A 1 67  LEU 67  67  67  LEU LEU A . n 
A 1 68  ASP 68  68  68  ASP ASP A . n 
A 1 69  TYR 69  69  69  TYR TYR A . n 
A 1 70  GLN 70  70  70  GLN GLN A . n 
A 1 71  GLN 71  71  71  GLN GLN A . n 
A 1 72  ASN 72  72  72  ASN ASN A . n 
A 1 73  GLN 73  73  73  GLN GLN A . n 
A 1 74  GLN 74  74  74  GLN GLN A . n 
A 1 75  TYR 75  75  75  TYR TYR A . n 
A 1 76  ASP 76  76  76  ASP ASP A . n 
A 1 77  SER 77  77  77  SER SER A . n 
A 1 78  THR 78  78  78  THR THR A . n 
A 1 79  ARG 79  79  79  ARG ARG A . n 
A 1 80  VAL 80  80  80  VAL VAL A . n 
A 1 81  THR 81  81  81  THR THR A . n 
A 1 82  ALA 82  82  82  ALA ALA A . n 
A 1 83  HIS 83  83  83  HIS HIS A . n 
A 1 84  GLU 84  84  84  GLU GLU A . n 
A 1 85  THR 85  85  85  THR THR A . n 
A 1 86  GLY 86  86  86  GLY GLY A . n 
A 1 87  HIS 87  87  87  HIS HIS A . n 
A 1 88  VAL 88  88  88  VAL VAL A . n 
A 1 89  LEU 89  89  89  LEU LEU A . n 
A 1 90  GLY 90  90  90  GLY GLY A . n 
A 1 91  LEU 91  91  91  LEU LEU A . n 
A 1 92  PRO 92  92  92  PRO PRO A . n 
A 1 93  ASP 93  93  93  ASP ASP A . n 
A 1 94  HIS 94  94  94  HIS HIS A . n 
A 1 95  TYR 95  95  95  TYR TYR A . n 
A 1 96  GLN 96  96  96  GLN GLN A . n 
A 1 97  GLY 97  97  97  GLY GLY A . n 
A 1 98  PRO 98  98  98  PRO PRO A . n 
A 1 99  CYS 99  99  99  CYS CYS A . n 
A 1 100 SER 100 100 100 SER SER A . n 
A 1 101 GLU 101 101 101 GLU GLU A . n 
A 1 102 LEU 102 102 102 LEU LEU A . n 
A 1 103 MET 103 103 103 MET MET A . n 
A 1 104 SER 104 104 104 SER SER A . n 
A 1 105 GLY 105 105 105 GLY GLY A . n 
A 1 106 GLY 106 106 106 GLY GLY A . n 
A 1 107 GLY 107 107 107 GLY GLY A . n 
A 1 108 PRO 108 108 108 PRO PRO A . n 
A 1 109 GLY 109 109 109 GLY GLY A . n 
A 1 110 PRO 110 110 110 PRO PRO A . n 
A 1 111 SER 111 111 111 SER SER A . n 
A 1 112 CYS 112 112 112 CYS CYS A . n 
A 1 113 THR 113 113 113 THR THR A . n 
A 1 114 ASN 114 114 114 ASN ASN A . n 
A 1 115 PRO 115 115 115 PRO PRO A . n 
A 1 116 TYR 116 116 116 TYR TYR A . n 
A 1 117 PRO 117 117 117 PRO PRO A . n 
A 1 118 ASN 118 118 118 ASN ASN A . n 
A 1 119 ALA 119 119 119 ALA ALA A . n 
A 1 120 GLN 120 120 120 GLN GLN A . n 
A 1 121 GLU 121 121 121 GLU GLU A . n 
A 1 122 ARG 122 122 122 ARG ARG A . n 
A 1 123 SER 123 123 123 SER SER A . n 
A 1 124 ARG 124 124 124 ARG ARG A . n 
A 1 125 VAL 125 125 125 VAL VAL A . n 
A 1 126 ASN 126 126 126 ASN ASN A . n 
A 1 127 ALA 127 127 127 ALA ALA A . n 
A 1 128 LEU 128 128 128 LEU LEU A . n 
A 1 129 TRP 129 129 129 TRP TRP A . n 
A 1 130 ALA 130 130 130 ALA ALA A . n 
A 1 131 ASN 131 131 131 ASN ASN A . n 
A 1 132 GLY 132 132 132 GLY GLY A . n 
# 
loop_
_pdbx_nonpoly_scheme.asym_id 
_pdbx_nonpoly_scheme.entity_id 
_pdbx_nonpoly_scheme.mon_id 
_pdbx_nonpoly_scheme.ndb_seq_num 
_pdbx_nonpoly_scheme.pdb_seq_num 
_pdbx_nonpoly_scheme.auth_seq_num 
_pdbx_nonpoly_scheme.pdb_mon_id 
_pdbx_nonpoly_scheme.auth_mon_id 
_pdbx_nonpoly_scheme.pdb_strand_id 
_pdbx_nonpoly_scheme.pdb_ins_code 
B 2 ZN  1  133 133 ZN  ZN  A . 
C 3 CA  1  134 134 CA  CA  A . 
D 4 HOH 1  135 135 HOH HOH A . 
D 4 HOH 2  136 136 HOH HOH A . 
D 4 HOH 3  137 137 HOH HOH A . 
D 4 HOH 4  138 138 HOH HOH A . 
D 4 HOH 5  139 139 HOH HOH A . 
D 4 HOH 6  140 140 HOH HOH A . 
D 4 HOH 7  141 141 HOH HOH A . 
D 4 HOH 8  142 142 HOH HOH A . 
D 4 HOH 9  143 143 HOH HOH A . 
D 4 HOH 10 144 144 HOH HOH A . 
D 4 HOH 11 145 145 HOH HOH A . 
D 4 HOH 12 146 146 HOH HOH A . 
D 4 HOH 13 147 147 HOH HOH A . 
D 4 HOH 14 148 148 HOH HOH A . 
D 4 HOH 15 149 149 HOH HOH A . 
D 4 HOH 16 150 150 HOH HOH A . 
D 4 HOH 17 151 151 HOH HOH A . 
D 4 HOH 18 152 152 HOH HOH A . 
D 4 HOH 19 153 153 HOH HOH A . 
D 4 HOH 20 154 154 HOH HOH A . 
D 4 HOH 21 155 155 HOH HOH A . 
D 4 HOH 22 156 156 HOH HOH A . 
D 4 HOH 23 157 157 HOH HOH A . 
D 4 HOH 24 158 158 HOH HOH A . 
D 4 HOH 25 159 159 HOH HOH A . 
D 4 HOH 26 160 160 HOH HOH A . 
D 4 HOH 27 161 161 HOH HOH A . 
D 4 HOH 28 162 162 HOH HOH A . 
D 4 HOH 29 163 163 HOH HOH A . 
D 4 HOH 30 164 164 HOH HOH A . 
D 4 HOH 31 165 165 HOH HOH A . 
D 4 HOH 32 166 166 HOH HOH A . 
D 4 HOH 33 167 167 HOH HOH A . 
D 4 HOH 34 168 168 HOH HOH A . 
D 4 HOH 35 169 169 HOH HOH A . 
D 4 HOH 36 170 170 HOH HOH A . 
D 4 HOH 37 171 171 HOH HOH A . 
D 4 HOH 38 172 172 HOH HOH A . 
D 4 HOH 39 173 173 HOH HOH A . 
D 4 HOH 40 174 174 HOH HOH A . 
D 4 HOH 41 175 175 HOH HOH A . 
D 4 HOH 42 176 176 HOH HOH A . 
D 4 HOH 43 177 177 HOH HOH A . 
D 4 HOH 44 178 178 HOH HOH A . 
D 4 HOH 45 179 179 HOH HOH A . 
D 4 HOH 46 180 180 HOH HOH A . 
D 4 HOH 47 181 181 HOH HOH A . 
D 4 HOH 48 182 182 HOH HOH A . 
D 4 HOH 49 183 183 HOH HOH A . 
D 4 HOH 50 184 184 HOH HOH A . 
D 4 HOH 51 185 185 HOH HOH A . 
D 4 HOH 52 186 186 HOH HOH A . 
D 4 HOH 53 187 187 HOH HOH A . 
D 4 HOH 54 188 188 HOH HOH A . 
D 4 HOH 55 189 189 HOH HOH A . 
D 4 HOH 56 190 190 HOH HOH A . 
D 4 HOH 57 191 191 HOH HOH A . 
D 4 HOH 58 192 192 HOH HOH A . 
D 4 HOH 59 193 193 HOH HOH A . 
D 4 HOH 60 194 194 HOH HOH A . 
D 4 HOH 61 195 195 HOH HOH A . 
D 4 HOH 62 196 196 HOH HOH A . 
D 4 HOH 63 197 197 HOH HOH A . 
D 4 HOH 64 198 198 HOH HOH A . 
D 4 HOH 65 199 199 HOH HOH A . 
D 4 HOH 66 200 200 HOH HOH A . 
D 4 HOH 67 201 201 HOH HOH A . 
D 4 HOH 68 202 202 HOH HOH A . 
D 4 HOH 69 203 203 HOH HOH A . 
D 4 HOH 70 204 204 HOH HOH A . 
D 4 HOH 71 205 205 HOH HOH A . 
D 4 HOH 72 206 206 HOH HOH A . 
D 4 HOH 73 207 207 HOH HOH A . 
D 4 HOH 74 208 208 HOH HOH A . 
D 4 HOH 75 209 209 HOH HOH A . 
D 4 HOH 76 210 210 HOH HOH A . 
D 4 HOH 77 211 211 HOH HOH A . 
D 4 HOH 78 212 212 HOH HOH A . 
D 4 HOH 79 213 213 HOH HOH A . 
D 4 HOH 80 214 214 HOH HOH A . 
D 4 HOH 81 215 215 HOH HOH A . 
D 4 HOH 82 216 216 HOH HOH A . 
D 4 HOH 83 217 217 HOH HOH A . 
D 4 HOH 84 218 218 HOH HOH A . 
D 4 HOH 85 219 219 HOH HOH A . 
D 4 HOH 86 220 220 HOH HOH A . 
D 4 HOH 87 221 221 HOH HOH A . 
D 4 HOH 88 222 222 HOH HOH A . 
D 4 HOH 89 223 223 HOH HOH A . 
D 4 HOH 90 224 224 HOH HOH A . 
D 4 HOH 91 225 225 HOH HOH A . 
D 4 HOH 92 226 226 HOH HOH A . 
D 4 HOH 93 227 227 HOH HOH A . 
# 
_software.name             PROLSQ 
_software.classification   refinement 
_software.version          . 
_software.citation_id      ? 
_software.pdbx_ordinal     1 
# 
_cell.entry_id           1KUH 
_cell.length_a           55.210 
_cell.length_b           55.270 
_cell.length_c           37.600 
_cell.angle_alpha        90.00 
_cell.angle_beta         90.00 
_cell.angle_gamma        90.00 
_cell.Z_PDB              4 
_cell.pdbx_unique_axis   ? 
# 
_symmetry.entry_id                         1KUH 
_symmetry.space_group_name_H-M             'P 21 21 21' 
_symmetry.pdbx_full_space_group_name_H-M   ? 
_symmetry.cell_setting                     ? 
_symmetry.Int_Tables_number                19 
# 
_exptl.entry_id          1KUH 
_exptl.method            'X-RAY DIFFRACTION' 
_exptl.crystals_number   ? 
# 
_exptl_crystal.id                    1 
_exptl_crystal.density_meas          ? 
_exptl_crystal.density_Matthews      1.99 
_exptl_crystal.density_percent_sol   35. 
_exptl_crystal.description           ? 
# 
_diffrn.id                     1 
_diffrn.ambient_temp           ? 
_diffrn.ambient_temp_details   ? 
_diffrn.crystal_id             1 
# 
_diffrn_detector.diffrn_id              1 
_diffrn_detector.detector               'IMAGE PLATE' 
_diffrn_detector.type                   RIGAKU 
_diffrn_detector.pdbx_collection_date   ? 
_diffrn_detector.details                ? 
# 
_diffrn_radiation.diffrn_id                        1 
_diffrn_radiation.wavelength_id                    1 
_diffrn_radiation.pdbx_monochromatic_or_laue_m_l   M 
_diffrn_radiation.monochromator                    ? 
_diffrn_radiation.pdbx_diffrn_protocol             ? 
_diffrn_radiation.pdbx_scattering_type             x-ray 
# 
_diffrn_radiation_wavelength.id           1 
_diffrn_radiation_wavelength.wavelength   1.5418 
_diffrn_radiation_wavelength.wt           1.0 
# 
_diffrn_source.diffrn_id                   1 
_diffrn_source.source                      ? 
_diffrn_source.type                        ? 
_diffrn_source.pdbx_synchrotron_site       ? 
_diffrn_source.pdbx_synchrotron_beamline   ? 
_diffrn_source.pdbx_wavelength             1.5418 
_diffrn_source.pdbx_wavelength_list        ? 
# 
_reflns.entry_id                     1KUH 
_reflns.observed_criterion_sigma_I   2. 
_reflns.observed_criterion_sigma_F   ? 
_reflns.d_resolution_low             ? 
_reflns.d_resolution_high            ? 
_reflns.number_obs                   19872 
_reflns.number_all                   ? 
_reflns.percent_possible_obs         ? 
_reflns.pdbx_Rmerge_I_obs            ? 
_reflns.pdbx_Rsym_value              ? 
_reflns.pdbx_netI_over_sigmaI        ? 
_reflns.B_iso_Wilson_estimate        ? 
_reflns.pdbx_redundancy              ? 
_reflns.pdbx_diffrn_id               1 
_reflns.pdbx_ordinal                 1 
# 
_refine.entry_id                                 1KUH 
_refine.ls_number_reflns_obs                     12279 
_refine.ls_number_reflns_all                     ? 
_refine.pdbx_ls_sigma_I                          ? 
_refine.pdbx_ls_sigma_F                          2. 
_refine.pdbx_data_cutoff_high_absF               ? 
_refine.pdbx_data_cutoff_low_absF                ? 
_refine.pdbx_data_cutoff_high_rms_absF           ? 
_refine.ls_d_res_low                             10. 
_refine.ls_d_res_high                            1.6 
_refine.ls_percent_reflns_obs                    ? 
_refine.ls_R_factor_obs                          ? 
_refine.ls_R_factor_all                          ? 
_refine.ls_R_factor_R_work                       0.164 
_refine.ls_R_factor_R_free                       0.225 
_refine.ls_R_factor_R_free_error                 ? 
_refine.ls_R_factor_R_free_error_details         ? 
_refine.ls_percent_reflns_R_free                 ? 
_refine.ls_number_reflns_R_free                  ? 
_refine.ls_number_parameters                     ? 
_refine.ls_number_restraints                     ? 
_refine.occupancy_min                            ? 
_refine.occupancy_max                            ? 
_refine.B_iso_mean                               10.45 
_refine.aniso_B[1][1]                            ? 
_refine.aniso_B[2][2]                            ? 
_refine.aniso_B[3][3]                            ? 
_refine.aniso_B[1][2]                            ? 
_refine.aniso_B[1][3]                            ? 
_refine.aniso_B[2][3]                            ? 
_refine.solvent_model_details                    ? 
_refine.solvent_model_param_ksol                 ? 
_refine.solvent_model_param_bsol                 ? 
_refine.pdbx_ls_cross_valid_method               ? 
_refine.details                                  ? 
_refine.pdbx_starting_model                      ? 
_refine.pdbx_method_to_determine_struct          ? 
_refine.pdbx_isotropic_thermal_model             ? 
_refine.pdbx_stereochemistry_target_values       ? 
_refine.pdbx_stereochem_target_val_spec_case     ? 
_refine.pdbx_R_Free_selection_details            ? 
_refine.pdbx_overall_ESU_R                       ? 
_refine.pdbx_overall_ESU_R_Free                  ? 
_refine.overall_SU_ML                            ? 
_refine.overall_SU_B                             ? 
_refine.pdbx_refine_id                           'X-RAY DIFFRACTION' 
_refine.pdbx_diffrn_id                           1 
_refine.pdbx_TLS_residual_ADP_flag               ? 
_refine.correlation_coeff_Fo_to_Fc               ? 
_refine.correlation_coeff_Fo_to_Fc_free          ? 
_refine.pdbx_solvent_vdw_probe_radii             ? 
_refine.pdbx_solvent_ion_probe_radii             ? 
_refine.pdbx_solvent_shrinkage_radii             ? 
_refine.pdbx_overall_phase_error                 ? 
_refine.overall_SU_R_Cruickshank_DPI             ? 
_refine.pdbx_overall_SU_R_free_Cruickshank_DPI   ? 
_refine.pdbx_overall_SU_R_Blow_DPI               ? 
_refine.pdbx_overall_SU_R_free_Blow_DPI          ? 
# 
_refine_hist.pdbx_refine_id                   'X-RAY DIFFRACTION' 
_refine_hist.cycle_id                         LAST 
_refine_hist.pdbx_number_atoms_protein        1015 
_refine_hist.pdbx_number_atoms_nucleic_acid   0 
_refine_hist.pdbx_number_atoms_ligand         2 
_refine_hist.number_atoms_solvent             93 
_refine_hist.number_atoms_total               1110 
_refine_hist.d_res_high                       1.6 
_refine_hist.d_res_low                        10. 
# 
loop_
_refine_ls_restr.type 
_refine_ls_restr.dev_ideal 
_refine_ls_restr.dev_ideal_target 
_refine_ls_restr.weight 
_refine_ls_restr.number 
_refine_ls_restr.pdbx_refine_id 
_refine_ls_restr.pdbx_restraint_function 
p_bond_d            0.014  0.020 ? ? 'X-RAY DIFFRACTION' ? 
p_angle_d           0.039  0.040 ? ? 'X-RAY DIFFRACTION' ? 
p_angle_deg         ?      ?     ? ? 'X-RAY DIFFRACTION' ? 
p_planar_d          0.041  0.050 ? ? 'X-RAY DIFFRACTION' ? 
p_hb_or_metal_coord ?      ?     ? ? 'X-RAY DIFFRACTION' ? 
p_mcbond_it         1.064  1.500 ? ? 'X-RAY DIFFRACTION' ? 
p_mcangle_it        1.494  2.000 ? ? 'X-RAY DIFFRACTION' ? 
p_scbond_it         2.310  2.000 ? ? 'X-RAY DIFFRACTION' ? 
p_scangle_it        3.483  2.500 ? ? 'X-RAY DIFFRACTION' ? 
p_plane_restr       0.015  0.020 ? ? 'X-RAY DIFFRACTION' ? 
p_chiral_restr      0.117  0.120 ? ? 'X-RAY DIFFRACTION' ? 
p_singtor_nbd       0.151  0.200 ? ? 'X-RAY DIFFRACTION' ? 
p_multtor_nbd       0.208  0.200 ? ? 'X-RAY DIFFRACTION' ? 
p_xhyhbond_nbd      ?      ?     ? ? 'X-RAY DIFFRACTION' ? 
p_xyhbond_nbd       0.142  0.200 ? ? 'X-RAY DIFFRACTION' ? 
p_planar_tor        4.32   10.   ? ? 'X-RAY DIFFRACTION' ? 
p_staggered_tor     16.242 15.   ? ? 'X-RAY DIFFRACTION' ? 
p_orthonormal_tor   ?      ?     ? ? 'X-RAY DIFFRACTION' ? 
p_transverse_tor    23.454 45.   ? ? 'X-RAY DIFFRACTION' ? 
p_special_tor       ?      ?     ? ? 'X-RAY DIFFRACTION' ? 
# 
_struct.entry_id                  1KUH 
_struct.title                     'ZINC PROTEASE FROM STREPTOMYCES CAESPITOSUS' 
_struct.pdbx_model_details        ? 
_struct.pdbx_CASP_flag            ? 
_struct.pdbx_model_type_details   ? 
# 
_struct_keywords.entry_id        1KUH 
_struct_keywords.pdbx_keywords   HYDROLASE 
_struct_keywords.text            'METALLOPROTEINASE, HYDROLASE' 
# 
loop_
_struct_asym.id 
_struct_asym.pdbx_blank_PDB_chainid_flag 
_struct_asym.pdbx_modified 
_struct_asym.entity_id 
_struct_asym.details 
A N N 1 ? 
B N N 2 ? 
C N N 3 ? 
D N N 4 ? 
# 
_struct_ref.id                         1 
_struct_ref.db_name                    UNP 
_struct_ref.db_code                    SNPA_STRCS 
_struct_ref.entity_id                  1 
_struct_ref.pdbx_db_accession          P56406 
_struct_ref.pdbx_align_begin           1 
_struct_ref.pdbx_seq_one_letter_code   
;TVTVTYDPSNAPSFQQEIANAAQIWNSSVRNVQLRAGGNADFSYYEGNDSRGSYAQTDGHGRGYIFLDYQQNQQYDSTRV
TAHETGHVLGLPDHYQGPCSELMSGGGPGPSCTNPYPNAQERSRVNALWANG
;
_struct_ref.pdbx_db_isoform            ? 
# 
_struct_ref_seq.align_id                      1 
_struct_ref_seq.ref_id                        1 
_struct_ref_seq.pdbx_PDB_id_code              1KUH 
_struct_ref_seq.pdbx_strand_id                A 
_struct_ref_seq.seq_align_beg                 1 
_struct_ref_seq.pdbx_seq_align_beg_ins_code   ? 
_struct_ref_seq.seq_align_end                 132 
_struct_ref_seq.pdbx_seq_align_end_ins_code   ? 
_struct_ref_seq.pdbx_db_accession             P56406 
_struct_ref_seq.db_align_beg                  1 
_struct_ref_seq.pdbx_db_align_beg_ins_code    ? 
_struct_ref_seq.db_align_end                  132 
_struct_ref_seq.pdbx_db_align_end_ins_code    ? 
_struct_ref_seq.pdbx_auth_seq_align_beg       1 
_struct_ref_seq.pdbx_auth_seq_align_end       132 
# 
_pdbx_struct_assembly.id                   1 
_pdbx_struct_assembly.details              author_defined_assembly 
_pdbx_struct_assembly.method_details       ? 
_pdbx_struct_assembly.oligomeric_details   monomeric 
_pdbx_struct_assembly.oligomeric_count     1 
# 
_pdbx_struct_assembly_gen.assembly_id       1 
_pdbx_struct_assembly_gen.oper_expression   1 
_pdbx_struct_assembly_gen.asym_id_list      A,B,C,D 
# 
_pdbx_struct_oper_list.id                   1 
_pdbx_struct_oper_list.type                 'identity operation' 
_pdbx_struct_oper_list.name                 1_555 
_pdbx_struct_oper_list.symmetry_operation   x,y,z 
_pdbx_struct_oper_list.matrix[1][1]         1.0000000000 
_pdbx_struct_oper_list.matrix[1][2]         0.0000000000 
_pdbx_struct_oper_list.matrix[1][3]         0.0000000000 
_pdbx_struct_oper_list.vector[1]            0.0000000000 
_pdbx_struct_oper_list.matrix[2][1]         0.0000000000 
_pdbx_struct_oper_list.matrix[2][2]         1.0000000000 
_pdbx_struct_oper_list.matrix[2][3]         0.0000000000 
_pdbx_struct_oper_list.vector[2]            0.0000000000 
_pdbx_struct_oper_list.matrix[3][1]         0.0000000000 
_pdbx_struct_oper_list.matrix[3][2]         0.0000000000 
_pdbx_struct_oper_list.matrix[3][3]         1.0000000000 
_pdbx_struct_oper_list.vector[3]            0.0000000000 
# 
_struct_biol.id   1 
# 
loop_
_struct_conf.conf_type_id 
_struct_conf.id 
_struct_conf.pdbx_PDB_helix_id 
_struct_conf.beg_label_comp_id 
_struct_conf.beg_label_asym_id 
_struct_conf.beg_label_seq_id 
_struct_conf.pdbx_beg_PDB_ins_code 
_struct_conf.end_label_comp_id 
_struct_conf.end_label_asym_id 
_struct_conf.end_label_seq_id 
_struct_conf.pdbx_end_PDB_ins_code 
_struct_conf.beg_auth_comp_id 
_struct_conf.beg_auth_asym_id 
_struct_conf.beg_auth_seq_id 
_struct_conf.end_auth_comp_id 
_struct_conf.end_auth_asym_id 
_struct_conf.end_auth_seq_id 
_struct_conf.pdbx_PDB_helix_class 
_struct_conf.details 
_struct_conf.pdbx_PDB_helix_length 
HELX_P HELX_P1 1 PRO A 12  ? SER A 28  ? PRO A 12  SER A 28  5 ? 17 
HELX_P HELX_P2 2 TYR A 69  ? GLN A 74  ? TYR A 69  GLN A 74  1 ? 6  
HELX_P HELX_P3 3 SER A 77  ? LEU A 89  ? SER A 77  LEU A 89  1 ? 13 
HELX_P HELX_P4 4 LEU A 102 ? SER A 104 ? LEU A 102 SER A 104 5 ? 3  
HELX_P HELX_P5 5 ALA A 119 ? LEU A 128 ? ALA A 119 LEU A 128 1 ? 10 
# 
_struct_conf_type.id          HELX_P 
_struct_conf_type.criteria    ? 
_struct_conf_type.reference   ? 
# 
loop_
_struct_conn.id 
_struct_conn.conn_type_id 
_struct_conn.pdbx_leaving_atom_flag 
_struct_conn.pdbx_PDB_id 
_struct_conn.ptnr1_label_asym_id 
_struct_conn.ptnr1_label_comp_id 
_struct_conn.ptnr1_label_seq_id 
_struct_conn.ptnr1_label_atom_id 
_struct_conn.pdbx_ptnr1_label_alt_id 
_struct_conn.pdbx_ptnr1_PDB_ins_code 
_struct_conn.pdbx_ptnr1_standard_comp_id 
_struct_conn.ptnr1_symmetry 
_struct_conn.ptnr2_label_asym_id 
_struct_conn.ptnr2_label_comp_id 
_struct_conn.ptnr2_label_seq_id 
_struct_conn.ptnr2_label_atom_id 
_struct_conn.pdbx_ptnr2_label_alt_id 
_struct_conn.pdbx_ptnr2_PDB_ins_code 
_struct_conn.ptnr1_auth_asym_id 
_struct_conn.ptnr1_auth_comp_id 
_struct_conn.ptnr1_auth_seq_id 
_struct_conn.ptnr2_auth_asym_id 
_struct_conn.ptnr2_auth_comp_id 
_struct_conn.ptnr2_auth_seq_id 
_struct_conn.ptnr2_symmetry 
_struct_conn.pdbx_ptnr3_label_atom_id 
_struct_conn.pdbx_ptnr3_label_seq_id 
_struct_conn.pdbx_ptnr3_label_comp_id 
_struct_conn.pdbx_ptnr3_label_asym_id 
_struct_conn.pdbx_ptnr3_label_alt_id 
_struct_conn.pdbx_ptnr3_PDB_ins_code 
_struct_conn.details 
_struct_conn.pdbx_dist_value 
_struct_conn.pdbx_value_order 
_struct_conn.pdbx_role 
disulf1  disulf ? ? A CYS 99 SG  ? ? ? 1_555 A CYS 112 SG ? ? A CYS 99  A CYS 112 1_555 ? ? ? ? ? ? ? 2.041 ? ? 
metalc1  metalc ? ? A ASP 76 OD1 ? ? ? 1_555 C CA  .   CA ? ? A ASP 76  A CA  134 1_555 ? ? ? ? ? ? ? 2.768 ? ? 
metalc2  metalc ? ? A ASP 76 OD2 ? ? ? 1_555 C CA  .   CA ? ? A ASP 76  A CA  134 1_555 ? ? ? ? ? ? ? 2.795 ? ? 
metalc3  metalc ? ? A THR 78 OG1 ? ? ? 1_555 C CA  .   CA ? ? A THR 78  A CA  134 1_555 ? ? ? ? ? ? ? 2.760 ? ? 
metalc4  metalc ? ? A HIS 83 NE2 ? ? ? 1_555 B ZN  .   ZN ? ? A HIS 83  A ZN  133 1_555 ? ? ? ? ? ? ? 2.331 ? ? 
metalc5  metalc ? ? A HIS 87 NE2 ? ? ? 1_555 B ZN  .   ZN ? ? A HIS 87  A ZN  133 1_555 ? ? ? ? ? ? ? 2.294 ? ? 
metalc6  metalc ? ? A ASP 93 OD1 ? ? ? 1_555 B ZN  .   ZN ? ? A ASP 93  A ZN  133 1_555 ? ? ? ? ? ? ? 2.311 ? ? 
metalc7  metalc ? ? B ZN  .  ZN  ? ? ? 1_555 D HOH .   O  ? ? A ZN  133 A HOH 138 1_555 ? ? ? ? ? ? ? 2.379 ? ? 
metalc8  metalc ? ? C CA  .  CA  ? ? ? 1_555 D HOH .   O  ? ? A CA  134 A HOH 140 4_456 ? ? ? ? ? ? ? 2.822 ? ? 
metalc9  metalc ? ? C CA  .  CA  ? ? ? 1_555 D HOH .   O  ? ? A CA  134 A HOH 141 1_555 ? ? ? ? ? ? ? 2.833 ? ? 
metalc10 metalc ? ? C CA  .  CA  ? ? ? 1_555 D HOH .   O  ? ? A CA  134 A HOH 151 1_555 ? ? ? ? ? ? ? 2.829 ? ? 
metalc11 metalc ? ? C CA  .  CA  ? ? ? 1_555 D HOH .   O  ? ? A CA  134 A HOH 155 1_555 ? ? ? ? ? ? ? 2.887 ? ? 
metalc12 metalc ? ? C CA  .  CA  ? ? ? 1_555 D HOH .   O  ? ? A CA  134 A HOH 160 1_555 ? ? ? ? ? ? ? 2.867 ? ? 
# 
loop_
_struct_conn_type.id 
_struct_conn_type.criteria 
_struct_conn_type.reference 
disulf ? ? 
metalc ? ? 
# 
loop_
_pdbx_struct_conn_angle.id 
_pdbx_struct_conn_angle.ptnr1_label_atom_id 
_pdbx_struct_conn_angle.ptnr1_label_alt_id 
_pdbx_struct_conn_angle.ptnr1_label_asym_id 
_pdbx_struct_conn_angle.ptnr1_label_comp_id 
_pdbx_struct_conn_angle.ptnr1_label_seq_id 
_pdbx_struct_conn_angle.ptnr1_auth_atom_id 
_pdbx_struct_conn_angle.ptnr1_auth_asym_id 
_pdbx_struct_conn_angle.ptnr1_auth_comp_id 
_pdbx_struct_conn_angle.ptnr1_auth_seq_id 
_pdbx_struct_conn_angle.ptnr1_PDB_ins_code 
_pdbx_struct_conn_angle.ptnr1_symmetry 
_pdbx_struct_conn_angle.ptnr2_label_atom_id 
_pdbx_struct_conn_angle.ptnr2_label_alt_id 
_pdbx_struct_conn_angle.ptnr2_label_asym_id 
_pdbx_struct_conn_angle.ptnr2_label_comp_id 
_pdbx_struct_conn_angle.ptnr2_label_seq_id 
_pdbx_struct_conn_angle.ptnr2_auth_atom_id 
_pdbx_struct_conn_angle.ptnr2_auth_asym_id 
_pdbx_struct_conn_angle.ptnr2_auth_comp_id 
_pdbx_struct_conn_angle.ptnr2_auth_seq_id 
_pdbx_struct_conn_angle.ptnr2_PDB_ins_code 
_pdbx_struct_conn_angle.ptnr2_symmetry 
_pdbx_struct_conn_angle.ptnr3_label_atom_id 
_pdbx_struct_conn_angle.ptnr3_label_alt_id 
_pdbx_struct_conn_angle.ptnr3_label_asym_id 
_pdbx_struct_conn_angle.ptnr3_label_comp_id 
_pdbx_struct_conn_angle.ptnr3_label_seq_id 
_pdbx_struct_conn_angle.ptnr3_auth_atom_id 
_pdbx_struct_conn_angle.ptnr3_auth_asym_id 
_pdbx_struct_conn_angle.ptnr3_auth_comp_id 
_pdbx_struct_conn_angle.ptnr3_auth_seq_id 
_pdbx_struct_conn_angle.ptnr3_PDB_ins_code 
_pdbx_struct_conn_angle.ptnr3_symmetry 
_pdbx_struct_conn_angle.value 
_pdbx_struct_conn_angle.value_esd 
1  OD1 ? A ASP 76 ? A ASP 76  ? 1_555 CA ? C CA . ? A CA 134 ? 1_555 OD2 ? A ASP 76 ? A ASP 76  ? 1_555 45.6  ? 
2  OD1 ? A ASP 76 ? A ASP 76  ? 1_555 CA ? C CA . ? A CA 134 ? 1_555 OG1 ? A THR 78 ? A THR 78  ? 1_555 120.4 ? 
3  OD2 ? A ASP 76 ? A ASP 76  ? 1_555 CA ? C CA . ? A CA 134 ? 1_555 OG1 ? A THR 78 ? A THR 78  ? 1_555 80.6  ? 
4  OD1 ? A ASP 76 ? A ASP 76  ? 1_555 CA ? C CA . ? A CA 134 ? 1_555 O   ? D HOH .  ? A HOH 140 ? 4_456 78.7  ? 
5  OD2 ? A ASP 76 ? A ASP 76  ? 1_555 CA ? C CA . ? A CA 134 ? 1_555 O   ? D HOH .  ? A HOH 140 ? 4_456 123.1 ? 
6  OG1 ? A THR 78 ? A THR 78  ? 1_555 CA ? C CA . ? A CA 134 ? 1_555 O   ? D HOH .  ? A HOH 140 ? 4_456 153.6 ? 
7  OD1 ? A ASP 76 ? A ASP 76  ? 1_555 CA ? C CA . ? A CA 134 ? 1_555 O   ? D HOH .  ? A HOH 141 ? 1_555 76.1  ? 
8  OD2 ? A ASP 76 ? A ASP 76  ? 1_555 CA ? C CA . ? A CA 134 ? 1_555 O   ? D HOH .  ? A HOH 141 ? 1_555 69.1  ? 
9  OG1 ? A THR 78 ? A THR 78  ? 1_555 CA ? C CA . ? A CA 134 ? 1_555 O   ? D HOH .  ? A HOH 141 ? 1_555 111.6 ? 
10 O   ? D HOH .  ? A HOH 140 ? 4_456 CA ? C CA . ? A CA 134 ? 1_555 O   ? D HOH .  ? A HOH 141 ? 1_555 89.6  ? 
11 OD1 ? A ASP 76 ? A ASP 76  ? 1_555 CA ? C CA . ? A CA 134 ? 1_555 O   ? D HOH .  ? A HOH 151 ? 1_555 72.7  ? 
12 OD2 ? A ASP 76 ? A ASP 76  ? 1_555 CA ? C CA . ? A CA 134 ? 1_555 O   ? D HOH .  ? A HOH 151 ? 1_555 77.3  ? 
13 OG1 ? A THR 78 ? A THR 78  ? 1_555 CA ? C CA . ? A CA 134 ? 1_555 O   ? D HOH .  ? A HOH 151 ? 1_555 72.0  ? 
14 O   ? D HOH .  ? A HOH 140 ? 4_456 CA ? C CA . ? A CA 134 ? 1_555 O   ? D HOH .  ? A HOH 151 ? 1_555 100.1 ? 
15 O   ? D HOH .  ? A HOH 141 ? 1_555 CA ? C CA . ? A CA 134 ? 1_555 O   ? D HOH .  ? A HOH 151 ? 1_555 144.7 ? 
16 OD1 ? A ASP 76 ? A ASP 76  ? 1_555 CA ? C CA . ? A CA 134 ? 1_555 O   ? D HOH .  ? A HOH 155 ? 1_555 136.3 ? 
17 OD2 ? A ASP 76 ? A ASP 76  ? 1_555 CA ? C CA . ? A CA 134 ? 1_555 O   ? D HOH .  ? A HOH 155 ? 1_555 145.6 ? 
18 OG1 ? A THR 78 ? A THR 78  ? 1_555 CA ? C CA . ? A CA 134 ? 1_555 O   ? D HOH .  ? A HOH 155 ? 1_555 73.1  ? 
19 O   ? D HOH .  ? A HOH 140 ? 4_456 CA ? C CA . ? A CA 134 ? 1_555 O   ? D HOH .  ? A HOH 155 ? 1_555 80.5  ? 
20 O   ? D HOH .  ? A HOH 141 ? 1_555 CA ? C CA . ? A CA 134 ? 1_555 O   ? D HOH .  ? A HOH 155 ? 1_555 141.6 ? 
21 O   ? D HOH .  ? A HOH 151 ? 1_555 CA ? C CA . ? A CA 134 ? 1_555 O   ? D HOH .  ? A HOH 155 ? 1_555 73.7  ? 
22 OD1 ? A ASP 76 ? A ASP 76  ? 1_555 CA ? C CA . ? A CA 134 ? 1_555 O   ? D HOH .  ? A HOH 160 ? 1_555 140.4 ? 
23 OD2 ? A ASP 76 ? A ASP 76  ? 1_555 CA ? C CA . ? A CA 134 ? 1_555 O   ? D HOH .  ? A HOH 160 ? 1_555 119.5 ? 
24 OG1 ? A THR 78 ? A THR 78  ? 1_555 CA ? C CA . ? A CA 134 ? 1_555 O   ? D HOH .  ? A HOH 160 ? 1_555 82.0  ? 
25 O   ? D HOH .  ? A HOH 140 ? 4_456 CA ? C CA . ? A CA 134 ? 1_555 O   ? D HOH .  ? A HOH 160 ? 1_555 93.9  ? 
26 O   ? D HOH .  ? A HOH 141 ? 1_555 CA ? C CA . ? A CA 134 ? 1_555 O   ? D HOH .  ? A HOH 160 ? 1_555 64.9  ? 
27 O   ? D HOH .  ? A HOH 151 ? 1_555 CA ? C CA . ? A CA 134 ? 1_555 O   ? D HOH .  ? A HOH 160 ? 1_555 146.4 ? 
28 O   ? D HOH .  ? A HOH 155 ? 1_555 CA ? C CA . ? A CA 134 ? 1_555 O   ? D HOH .  ? A HOH 160 ? 1_555 78.8  ? 
29 NE2 ? A HIS 83 ? A HIS 83  ? 1_555 ZN ? B ZN . ? A ZN 133 ? 1_555 NE2 ? A HIS 87 ? A HIS 87  ? 1_555 108.3 ? 
30 NE2 ? A HIS 83 ? A HIS 83  ? 1_555 ZN ? B ZN . ? A ZN 133 ? 1_555 OD1 ? A ASP 93 ? A ASP 93  ? 1_555 103.6 ? 
31 NE2 ? A HIS 87 ? A HIS 87  ? 1_555 ZN ? B ZN . ? A ZN 133 ? 1_555 OD1 ? A ASP 93 ? A ASP 93  ? 1_555 103.2 ? 
32 NE2 ? A HIS 83 ? A HIS 83  ? 1_555 ZN ? B ZN . ? A ZN 133 ? 1_555 O   ? D HOH .  ? A HOH 138 ? 1_555 99.3  ? 
33 NE2 ? A HIS 87 ? A HIS 87  ? 1_555 ZN ? B ZN . ? A ZN 133 ? 1_555 O   ? D HOH .  ? A HOH 138 ? 1_555 123.0 ? 
34 OD1 ? A ASP 93 ? A ASP 93  ? 1_555 ZN ? B ZN . ? A ZN 133 ? 1_555 O   ? D HOH .  ? A HOH 138 ? 1_555 117.6 ? 
# 
_pdbx_modification_feature.ordinal                            1 
_pdbx_modification_feature.label_comp_id                      CYS 
_pdbx_modification_feature.label_asym_id                      A 
_pdbx_modification_feature.label_seq_id                       99 
_pdbx_modification_feature.label_alt_id                       ? 
_pdbx_modification_feature.modified_residue_label_comp_id     CYS 
_pdbx_modification_feature.modified_residue_label_asym_id     A 
_pdbx_modification_feature.modified_residue_label_seq_id      112 
_pdbx_modification_feature.modified_residue_label_alt_id      ? 
_pdbx_modification_feature.auth_comp_id                       CYS 
_pdbx_modification_feature.auth_asym_id                       A 
_pdbx_modification_feature.auth_seq_id                        99 
_pdbx_modification_feature.PDB_ins_code                       ? 
_pdbx_modification_feature.symmetry                           1_555 
_pdbx_modification_feature.modified_residue_auth_comp_id      CYS 
_pdbx_modification_feature.modified_residue_auth_asym_id      A 
_pdbx_modification_feature.modified_residue_auth_seq_id       112 
_pdbx_modification_feature.modified_residue_PDB_ins_code      ? 
_pdbx_modification_feature.modified_residue_symmetry          1_555 
_pdbx_modification_feature.comp_id_linking_atom               SG 
_pdbx_modification_feature.modified_residue_id_linking_atom   SG 
_pdbx_modification_feature.modified_residue_id                . 
_pdbx_modification_feature.ref_pcm_id                         . 
_pdbx_modification_feature.ref_comp_id                        . 
_pdbx_modification_feature.type                               None 
_pdbx_modification_feature.category                           'Disulfide bridge' 
# 
loop_
_struct_sheet.id 
_struct_sheet.type 
_struct_sheet.number_strands 
_struct_sheet.details 
A ? 2 ? 
B ? 3 ? 
# 
loop_
_struct_sheet_order.sheet_id 
_struct_sheet_order.range_id_1 
_struct_sheet_order.range_id_2 
_struct_sheet_order.offset 
_struct_sheet_order.sense 
A 1 2 ? parallel      
B 1 2 ? parallel      
B 2 3 ? anti-parallel 
# 
loop_
_struct_sheet_range.sheet_id 
_struct_sheet_range.id 
_struct_sheet_range.beg_label_comp_id 
_struct_sheet_range.beg_label_asym_id 
_struct_sheet_range.beg_label_seq_id 
_struct_sheet_range.pdbx_beg_PDB_ins_code 
_struct_sheet_range.end_label_comp_id 
_struct_sheet_range.end_label_asym_id 
_struct_sheet_range.end_label_seq_id 
_struct_sheet_range.pdbx_end_PDB_ins_code 
_struct_sheet_range.beg_auth_comp_id 
_struct_sheet_range.beg_auth_asym_id 
_struct_sheet_range.beg_auth_seq_id 
_struct_sheet_range.end_auth_comp_id 
_struct_sheet_range.end_auth_asym_id 
_struct_sheet_range.end_auth_seq_id 
A 1 VAL A 2  ? TYR A 6  ? VAL A 2  TYR A 6  
A 2 VAL A 32 ? ALA A 36 ? VAL A 32 ALA A 36 
B 1 PHE A 42 ? GLY A 47 ? PHE A 42 GLY A 47 
B 2 GLY A 63 ? ASP A 68 ? GLY A 63 ASP A 68 
B 3 TYR A 54 ? THR A 57 ? TYR A 54 THR A 57 
# 
loop_
_pdbx_struct_sheet_hbond.sheet_id 
_pdbx_struct_sheet_hbond.range_id_1 
_pdbx_struct_sheet_hbond.range_id_2 
_pdbx_struct_sheet_hbond.range_1_label_atom_id 
_pdbx_struct_sheet_hbond.range_1_label_comp_id 
_pdbx_struct_sheet_hbond.range_1_label_asym_id 
_pdbx_struct_sheet_hbond.range_1_label_seq_id 
_pdbx_struct_sheet_hbond.range_1_PDB_ins_code 
_pdbx_struct_sheet_hbond.range_1_auth_atom_id 
_pdbx_struct_sheet_hbond.range_1_auth_comp_id 
_pdbx_struct_sheet_hbond.range_1_auth_asym_id 
_pdbx_struct_sheet_hbond.range_1_auth_seq_id 
_pdbx_struct_sheet_hbond.range_2_label_atom_id 
_pdbx_struct_sheet_hbond.range_2_label_comp_id 
_pdbx_struct_sheet_hbond.range_2_label_asym_id 
_pdbx_struct_sheet_hbond.range_2_label_seq_id 
_pdbx_struct_sheet_hbond.range_2_PDB_ins_code 
_pdbx_struct_sheet_hbond.range_2_auth_atom_id 
_pdbx_struct_sheet_hbond.range_2_auth_comp_id 
_pdbx_struct_sheet_hbond.range_2_auth_asym_id 
_pdbx_struct_sheet_hbond.range_2_auth_seq_id 
A 1 2 O VAL A 2  ? O VAL A 2  N GLN A 33 ? N GLN A 33 
B 1 2 O SER A 43 ? O SER A 43 N GLY A 63 ? N GLY A 63 
B 2 3 O TYR A 64 ? O TYR A 64 N GLN A 56 ? N GLN A 56 
# 
loop_
_struct_site.id 
_struct_site.pdbx_evidence_code 
_struct_site.pdbx_auth_asym_id 
_struct_site.pdbx_auth_comp_id 
_struct_site.pdbx_auth_seq_id 
_struct_site.pdbx_auth_ins_code 
_struct_site.pdbx_num_residues 
_struct_site.details 
ZIN Unknown  ? ?  ?   ? 4 'ZINC COORDINATION'                 
AC1 Software A ZN 133 ? 4 'BINDING SITE FOR RESIDUE ZN A 133' 
AC2 Software A CA 134 ? 7 'BINDING SITE FOR RESIDUE CA A 134' 
# 
loop_
_struct_site_gen.id 
_struct_site_gen.site_id 
_struct_site_gen.pdbx_num_res 
_struct_site_gen.label_comp_id 
_struct_site_gen.label_asym_id 
_struct_site_gen.label_seq_id 
_struct_site_gen.pdbx_auth_ins_code 
_struct_site_gen.auth_comp_id 
_struct_site_gen.auth_asym_id 
_struct_site_gen.auth_seq_id 
_struct_site_gen.label_atom_id 
_struct_site_gen.label_alt_id 
_struct_site_gen.symmetry 
_struct_site_gen.details 
1  ZIN 4 HIS A 83 ? HIS A 83  . ? 1_555 ? 
2  ZIN 4 HIS A 87 ? HIS A 87  . ? 1_555 ? 
3  ZIN 4 ASP A 93 ? ASP A 93  . ? 1_555 ? 
4  ZIN 4 HOH D .  ? HOH A 138 . ? 1_555 ? 
5  AC1 4 HIS A 83 ? HIS A 83  . ? 1_555 ? 
6  AC1 4 HIS A 87 ? HIS A 87  . ? 1_555 ? 
7  AC1 4 ASP A 93 ? ASP A 93  . ? 1_555 ? 
8  AC1 4 HOH D .  ? HOH A 138 . ? 1_555 ? 
9  AC2 7 ASP A 76 ? ASP A 76  . ? 1_555 ? 
10 AC2 7 THR A 78 ? THR A 78  . ? 1_555 ? 
11 AC2 7 HOH D .  ? HOH A 140 . ? 4_456 ? 
12 AC2 7 HOH D .  ? HOH A 141 . ? 1_555 ? 
13 AC2 7 HOH D .  ? HOH A 151 . ? 1_555 ? 
14 AC2 7 HOH D .  ? HOH A 155 . ? 1_555 ? 
15 AC2 7 HOH D .  ? HOH A 160 . ? 1_555 ? 
# 
_pdbx_entry_details.entry_id                   1KUH 
_pdbx_entry_details.compound_details           ? 
_pdbx_entry_details.source_details             ? 
_pdbx_entry_details.nonpolymer_details         ? 
_pdbx_entry_details.sequence_details           ? 
_pdbx_entry_details.has_ligand_of_interest     ? 
_pdbx_entry_details.has_protein_modification   Y 
# 
loop_
_pdbx_validate_rmsd_angle.id 
_pdbx_validate_rmsd_angle.PDB_model_num 
_pdbx_validate_rmsd_angle.auth_atom_id_1 
_pdbx_validate_rmsd_angle.auth_asym_id_1 
_pdbx_validate_rmsd_angle.auth_comp_id_1 
_pdbx_validate_rmsd_angle.auth_seq_id_1 
_pdbx_validate_rmsd_angle.PDB_ins_code_1 
_pdbx_validate_rmsd_angle.label_alt_id_1 
_pdbx_validate_rmsd_angle.auth_atom_id_2 
_pdbx_validate_rmsd_angle.auth_asym_id_2 
_pdbx_validate_rmsd_angle.auth_comp_id_2 
_pdbx_validate_rmsd_angle.auth_seq_id_2 
_pdbx_validate_rmsd_angle.PDB_ins_code_2 
_pdbx_validate_rmsd_angle.label_alt_id_2 
_pdbx_validate_rmsd_angle.auth_atom_id_3 
_pdbx_validate_rmsd_angle.auth_asym_id_3 
_pdbx_validate_rmsd_angle.auth_comp_id_3 
_pdbx_validate_rmsd_angle.auth_seq_id_3 
_pdbx_validate_rmsd_angle.PDB_ins_code_3 
_pdbx_validate_rmsd_angle.label_alt_id_3 
_pdbx_validate_rmsd_angle.angle_value 
_pdbx_validate_rmsd_angle.angle_target_value 
_pdbx_validate_rmsd_angle.angle_deviation 
_pdbx_validate_rmsd_angle.angle_standard_deviation 
_pdbx_validate_rmsd_angle.linker_flag 
1  1 CB  A ASP 7   ? ? CG  A ASP 7   ? ? OD1 A ASP 7   ? ? 123.79 118.30 5.49   0.90 N 
2  1 CB  A TYR 45  ? ? CG  A TYR 45  ? ? CD2 A TYR 45  ? ? 117.16 121.00 -3.84  0.60 N 
3  1 CB  A ASP 58  ? ? CG  A ASP 58  ? ? OD1 A ASP 58  ? ? 124.03 118.30 5.73   0.90 N 
4  1 NE  A ARG 62  ? ? CZ  A ARG 62  ? ? NH2 A ARG 62  ? ? 115.60 120.30 -4.70  0.50 N 
5  1 CB  A ASP 76  ? ? CG  A ASP 76  ? ? OD2 A ASP 76  ? ? 125.22 118.30 6.92   0.90 N 
6  1 CD  A ARG 79  ? ? NE  A ARG 79  ? ? CZ  A ARG 79  ? ? 133.58 123.60 9.98   1.40 N 
7  1 ND1 A HIS 83  ? ? CE1 A HIS 83  ? ? NE2 A HIS 83  ? ? 101.62 108.50 -6.88  1.10 N 
8  1 CE1 A HIS 83  ? ? NE2 A HIS 83  ? ? CD2 A HIS 83  ? ? 117.70 109.00 8.70   0.70 N 
9  1 ND1 A HIS 87  ? ? CE1 A HIS 87  ? ? NE2 A HIS 87  ? ? 101.50 108.50 -7.00  1.10 N 
10 1 CE1 A HIS 87  ? ? NE2 A HIS 87  ? ? CD2 A HIS 87  ? ? 121.05 109.00 12.05  0.70 N 
11 1 CG  A HIS 87  ? ? CD2 A HIS 87  ? ? NE2 A HIS 87  ? ? 98.17  106.70 -8.53  1.20 N 
12 1 CB  A ASP 93  ? ? CG  A ASP 93  ? ? OD1 A ASP 93  ? ? 103.43 118.30 -14.87 0.90 N 
13 1 CB  A ASP 93  ? ? CG  A ASP 93  ? ? OD2 A ASP 93  ? ? 130.62 118.30 12.32  0.90 N 
14 1 NE  A ARG 124 ? ? CZ  A ARG 124 ? ? NH1 A ARG 124 ? ? 123.40 120.30 3.10   0.50 N 
# 
_pdbx_validate_torsion.id              1 
_pdbx_validate_torsion.PDB_model_num   1 
_pdbx_validate_torsion.auth_comp_id    HIS 
_pdbx_validate_torsion.auth_asym_id    A 
_pdbx_validate_torsion.auth_seq_id     60 
_pdbx_validate_torsion.PDB_ins_code    ? 
_pdbx_validate_torsion.label_alt_id    ? 
_pdbx_validate_torsion.phi             -144.31 
_pdbx_validate_torsion.psi             56.33 
# 
_pdbx_validate_planes.id              1 
_pdbx_validate_planes.PDB_model_num   1 
_pdbx_validate_planes.auth_comp_id    ARG 
_pdbx_validate_planes.auth_asym_id    A 
_pdbx_validate_planes.auth_seq_id     35 
_pdbx_validate_planes.PDB_ins_code    ? 
_pdbx_validate_planes.label_alt_id    ? 
_pdbx_validate_planes.rmsd            0.132 
_pdbx_validate_planes.type            'SIDE CHAIN' 
# 
loop_
_chem_comp_atom.comp_id 
_chem_comp_atom.atom_id 
_chem_comp_atom.type_symbol 
_chem_comp_atom.pdbx_aromatic_flag 
_chem_comp_atom.pdbx_stereo_config 
_chem_comp_atom.pdbx_ordinal 
ALA N    N  N N 1   
ALA CA   C  N S 2   
ALA C    C  N N 3   
ALA O    O  N N 4   
ALA CB   C  N N 5   
ALA OXT  O  N N 6   
ALA H    H  N N 7   
ALA H2   H  N N 8   
ALA HA   H  N N 9   
ALA HB1  H  N N 10  
ALA HB2  H  N N 11  
ALA HB3  H  N N 12  
ALA HXT  H  N N 13  
ARG N    N  N N 14  
ARG CA   C  N S 15  
ARG C    C  N N 16  
ARG O    O  N N 17  
ARG CB   C  N N 18  
ARG CG   C  N N 19  
ARG CD   C  N N 20  
ARG NE   N  N N 21  
ARG CZ   C  N N 22  
ARG NH1  N  N N 23  
ARG NH2  N  N N 24  
ARG OXT  O  N N 25  
ARG H    H  N N 26  
ARG H2   H  N N 27  
ARG HA   H  N N 28  
ARG HB2  H  N N 29  
ARG HB3  H  N N 30  
ARG HG2  H  N N 31  
ARG HG3  H  N N 32  
ARG HD2  H  N N 33  
ARG HD3  H  N N 34  
ARG HE   H  N N 35  
ARG HH11 H  N N 36  
ARG HH12 H  N N 37  
ARG HH21 H  N N 38  
ARG HH22 H  N N 39  
ARG HXT  H  N N 40  
ASN N    N  N N 41  
ASN CA   C  N S 42  
ASN C    C  N N 43  
ASN O    O  N N 44  
ASN CB   C  N N 45  
ASN CG   C  N N 46  
ASN OD1  O  N N 47  
ASN ND2  N  N N 48  
ASN OXT  O  N N 49  
ASN H    H  N N 50  
ASN H2   H  N N 51  
ASN HA   H  N N 52  
ASN HB2  H  N N 53  
ASN HB3  H  N N 54  
ASN HD21 H  N N 55  
ASN HD22 H  N N 56  
ASN HXT  H  N N 57  
ASP N    N  N N 58  
ASP CA   C  N S 59  
ASP C    C  N N 60  
ASP O    O  N N 61  
ASP CB   C  N N 62  
ASP CG   C  N N 63  
ASP OD1  O  N N 64  
ASP OD2  O  N N 65  
ASP OXT  O  N N 66  
ASP H    H  N N 67  
ASP H2   H  N N 68  
ASP HA   H  N N 69  
ASP HB2  H  N N 70  
ASP HB3  H  N N 71  
ASP HD2  H  N N 72  
ASP HXT  H  N N 73  
CA  CA   CA N N 74  
CYS N    N  N N 75  
CYS CA   C  N R 76  
CYS C    C  N N 77  
CYS O    O  N N 78  
CYS CB   C  N N 79  
CYS SG   S  N N 80  
CYS OXT  O  N N 81  
CYS H    H  N N 82  
CYS H2   H  N N 83  
CYS HA   H  N N 84  
CYS HB2  H  N N 85  
CYS HB3  H  N N 86  
CYS HG   H  N N 87  
CYS HXT  H  N N 88  
GLN N    N  N N 89  
GLN CA   C  N S 90  
GLN C    C  N N 91  
GLN O    O  N N 92  
GLN CB   C  N N 93  
GLN CG   C  N N 94  
GLN CD   C  N N 95  
GLN OE1  O  N N 96  
GLN NE2  N  N N 97  
GLN OXT  O  N N 98  
GLN H    H  N N 99  
GLN H2   H  N N 100 
GLN HA   H  N N 101 
GLN HB2  H  N N 102 
GLN HB3  H  N N 103 
GLN HG2  H  N N 104 
GLN HG3  H  N N 105 
GLN HE21 H  N N 106 
GLN HE22 H  N N 107 
GLN HXT  H  N N 108 
GLU N    N  N N 109 
GLU CA   C  N S 110 
GLU C    C  N N 111 
GLU O    O  N N 112 
GLU CB   C  N N 113 
GLU CG   C  N N 114 
GLU CD   C  N N 115 
GLU OE1  O  N N 116 
GLU OE2  O  N N 117 
GLU OXT  O  N N 118 
GLU H    H  N N 119 
GLU H2   H  N N 120 
GLU HA   H  N N 121 
GLU HB2  H  N N 122 
GLU HB3  H  N N 123 
GLU HG2  H  N N 124 
GLU HG3  H  N N 125 
GLU HE2  H  N N 126 
GLU HXT  H  N N 127 
GLY N    N  N N 128 
GLY CA   C  N N 129 
GLY C    C  N N 130 
GLY O    O  N N 131 
GLY OXT  O  N N 132 
GLY H    H  N N 133 
GLY H2   H  N N 134 
GLY HA2  H  N N 135 
GLY HA3  H  N N 136 
GLY HXT  H  N N 137 
HIS N    N  N N 138 
HIS CA   C  N S 139 
HIS C    C  N N 140 
HIS O    O  N N 141 
HIS CB   C  N N 142 
HIS CG   C  Y N 143 
HIS ND1  N  Y N 144 
HIS CD2  C  Y N 145 
HIS CE1  C  Y N 146 
HIS NE2  N  Y N 147 
HIS OXT  O  N N 148 
HIS H    H  N N 149 
HIS H2   H  N N 150 
HIS HA   H  N N 151 
HIS HB2  H  N N 152 
HIS HB3  H  N N 153 
HIS HD1  H  N N 154 
HIS HD2  H  N N 155 
HIS HE1  H  N N 156 
HIS HE2  H  N N 157 
HIS HXT  H  N N 158 
HOH O    O  N N 159 
HOH H1   H  N N 160 
HOH H2   H  N N 161 
ILE N    N  N N 162 
ILE CA   C  N S 163 
ILE C    C  N N 164 
ILE O    O  N N 165 
ILE CB   C  N S 166 
ILE CG1  C  N N 167 
ILE CG2  C  N N 168 
ILE CD1  C  N N 169 
ILE OXT  O  N N 170 
ILE H    H  N N 171 
ILE H2   H  N N 172 
ILE HA   H  N N 173 
ILE HB   H  N N 174 
ILE HG12 H  N N 175 
ILE HG13 H  N N 176 
ILE HG21 H  N N 177 
ILE HG22 H  N N 178 
ILE HG23 H  N N 179 
ILE HD11 H  N N 180 
ILE HD12 H  N N 181 
ILE HD13 H  N N 182 
ILE HXT  H  N N 183 
LEU N    N  N N 184 
LEU CA   C  N S 185 
LEU C    C  N N 186 
LEU O    O  N N 187 
LEU CB   C  N N 188 
LEU CG   C  N N 189 
LEU CD1  C  N N 190 
LEU CD2  C  N N 191 
LEU OXT  O  N N 192 
LEU H    H  N N 193 
LEU H2   H  N N 194 
LEU HA   H  N N 195 
LEU HB2  H  N N 196 
LEU HB3  H  N N 197 
LEU HG   H  N N 198 
LEU HD11 H  N N 199 
LEU HD12 H  N N 200 
LEU HD13 H  N N 201 
LEU HD21 H  N N 202 
LEU HD22 H  N N 203 
LEU HD23 H  N N 204 
LEU HXT  H  N N 205 
MET N    N  N N 206 
MET CA   C  N S 207 
MET C    C  N N 208 
MET O    O  N N 209 
MET CB   C  N N 210 
MET CG   C  N N 211 
MET SD   S  N N 212 
MET CE   C  N N 213 
MET OXT  O  N N 214 
MET H    H  N N 215 
MET H2   H  N N 216 
MET HA   H  N N 217 
MET HB2  H  N N 218 
MET HB3  H  N N 219 
MET HG2  H  N N 220 
MET HG3  H  N N 221 
MET HE1  H  N N 222 
MET HE2  H  N N 223 
MET HE3  H  N N 224 
MET HXT  H  N N 225 
PHE N    N  N N 226 
PHE CA   C  N S 227 
PHE C    C  N N 228 
PHE O    O  N N 229 
PHE CB   C  N N 230 
PHE CG   C  Y N 231 
PHE CD1  C  Y N 232 
PHE CD2  C  Y N 233 
PHE CE1  C  Y N 234 
PHE CE2  C  Y N 235 
PHE CZ   C  Y N 236 
PHE OXT  O  N N 237 
PHE H    H  N N 238 
PHE H2   H  N N 239 
PHE HA   H  N N 240 
PHE HB2  H  N N 241 
PHE HB3  H  N N 242 
PHE HD1  H  N N 243 
PHE HD2  H  N N 244 
PHE HE1  H  N N 245 
PHE HE2  H  N N 246 
PHE HZ   H  N N 247 
PHE HXT  H  N N 248 
PRO N    N  N N 249 
PRO CA   C  N S 250 
PRO C    C  N N 251 
PRO O    O  N N 252 
PRO CB   C  N N 253 
PRO CG   C  N N 254 
PRO CD   C  N N 255 
PRO OXT  O  N N 256 
PRO H    H  N N 257 
PRO HA   H  N N 258 
PRO HB2  H  N N 259 
PRO HB3  H  N N 260 
PRO HG2  H  N N 261 
PRO HG3  H  N N 262 
PRO HD2  H  N N 263 
PRO HD3  H  N N 264 
PRO HXT  H  N N 265 
SER N    N  N N 266 
SER CA   C  N S 267 
SER C    C  N N 268 
SER O    O  N N 269 
SER CB   C  N N 270 
SER OG   O  N N 271 
SER OXT  O  N N 272 
SER H    H  N N 273 
SER H2   H  N N 274 
SER HA   H  N N 275 
SER HB2  H  N N 276 
SER HB3  H  N N 277 
SER HG   H  N N 278 
SER HXT  H  N N 279 
THR N    N  N N 280 
THR CA   C  N S 281 
THR C    C  N N 282 
THR O    O  N N 283 
THR CB   C  N R 284 
THR OG1  O  N N 285 
THR CG2  C  N N 286 
THR OXT  O  N N 287 
THR H    H  N N 288 
THR H2   H  N N 289 
THR HA   H  N N 290 
THR HB   H  N N 291 
THR HG1  H  N N 292 
THR HG21 H  N N 293 
THR HG22 H  N N 294 
THR HG23 H  N N 295 
THR HXT  H  N N 296 
TRP N    N  N N 297 
TRP CA   C  N S 298 
TRP C    C  N N 299 
TRP O    O  N N 300 
TRP CB   C  N N 301 
TRP CG   C  Y N 302 
TRP CD1  C  Y N 303 
TRP CD2  C  Y N 304 
TRP NE1  N  Y N 305 
TRP CE2  C  Y N 306 
TRP CE3  C  Y N 307 
TRP CZ2  C  Y N 308 
TRP CZ3  C  Y N 309 
TRP CH2  C  Y N 310 
TRP OXT  O  N N 311 
TRP H    H  N N 312 
TRP H2   H  N N 313 
TRP HA   H  N N 314 
TRP HB2  H  N N 315 
TRP HB3  H  N N 316 
TRP HD1  H  N N 317 
TRP HE1  H  N N 318 
TRP HE3  H  N N 319 
TRP HZ2  H  N N 320 
TRP HZ3  H  N N 321 
TRP HH2  H  N N 322 
TRP HXT  H  N N 323 
TYR N    N  N N 324 
TYR CA   C  N S 325 
TYR C    C  N N 326 
TYR O    O  N N 327 
TYR CB   C  N N 328 
TYR CG   C  Y N 329 
TYR CD1  C  Y N 330 
TYR CD2  C  Y N 331 
TYR CE1  C  Y N 332 
TYR CE2  C  Y N 333 
TYR CZ   C  Y N 334 
TYR OH   O  N N 335 
TYR OXT  O  N N 336 
TYR H    H  N N 337 
TYR H2   H  N N 338 
TYR HA   H  N N 339 
TYR HB2  H  N N 340 
TYR HB3  H  N N 341 
TYR HD1  H  N N 342 
TYR HD2  H  N N 343 
TYR HE1  H  N N 344 
TYR HE2  H  N N 345 
TYR HH   H  N N 346 
TYR HXT  H  N N 347 
VAL N    N  N N 348 
VAL CA   C  N S 349 
VAL C    C  N N 350 
VAL O    O  N N 351 
VAL CB   C  N N 352 
VAL CG1  C  N N 353 
VAL CG2  C  N N 354 
VAL OXT  O  N N 355 
VAL H    H  N N 356 
VAL H2   H  N N 357 
VAL HA   H  N N 358 
VAL HB   H  N N 359 
VAL HG11 H  N N 360 
VAL HG12 H  N N 361 
VAL HG13 H  N N 362 
VAL HG21 H  N N 363 
VAL HG22 H  N N 364 
VAL HG23 H  N N 365 
VAL HXT  H  N N 366 
ZN  ZN   ZN N N 367 
# 
loop_
_chem_comp_bond.comp_id 
_chem_comp_bond.atom_id_1 
_chem_comp_bond.atom_id_2 
_chem_comp_bond.value_order 
_chem_comp_bond.pdbx_aromatic_flag 
_chem_comp_bond.pdbx_stereo_config 
_chem_comp_bond.pdbx_ordinal 
ALA N   CA   sing N N 1   
ALA N   H    sing N N 2   
ALA N   H2   sing N N 3   
ALA CA  C    sing N N 4   
ALA CA  CB   sing N N 5   
ALA CA  HA   sing N N 6   
ALA C   O    doub N N 7   
ALA C   OXT  sing N N 8   
ALA CB  HB1  sing N N 9   
ALA CB  HB2  sing N N 10  
ALA CB  HB3  sing N N 11  
ALA OXT HXT  sing N N 12  
ARG N   CA   sing N N 13  
ARG N   H    sing N N 14  
ARG N   H2   sing N N 15  
ARG CA  C    sing N N 16  
ARG CA  CB   sing N N 17  
ARG CA  HA   sing N N 18  
ARG C   O    doub N N 19  
ARG C   OXT  sing N N 20  
ARG CB  CG   sing N N 21  
ARG CB  HB2  sing N N 22  
ARG CB  HB3  sing N N 23  
ARG CG  CD   sing N N 24  
ARG CG  HG2  sing N N 25  
ARG CG  HG3  sing N N 26  
ARG CD  NE   sing N N 27  
ARG CD  HD2  sing N N 28  
ARG CD  HD3  sing N N 29  
ARG NE  CZ   sing N N 30  
ARG NE  HE   sing N N 31  
ARG CZ  NH1  sing N N 32  
ARG CZ  NH2  doub N N 33  
ARG NH1 HH11 sing N N 34  
ARG NH1 HH12 sing N N 35  
ARG NH2 HH21 sing N N 36  
ARG NH2 HH22 sing N N 37  
ARG OXT HXT  sing N N 38  
ASN N   CA   sing N N 39  
ASN N   H    sing N N 40  
ASN N   H2   sing N N 41  
ASN CA  C    sing N N 42  
ASN CA  CB   sing N N 43  
ASN CA  HA   sing N N 44  
ASN C   O    doub N N 45  
ASN C   OXT  sing N N 46  
ASN CB  CG   sing N N 47  
ASN CB  HB2  sing N N 48  
ASN CB  HB3  sing N N 49  
ASN CG  OD1  doub N N 50  
ASN CG  ND2  sing N N 51  
ASN ND2 HD21 sing N N 52  
ASN ND2 HD22 sing N N 53  
ASN OXT HXT  sing N N 54  
ASP N   CA   sing N N 55  
ASP N   H    sing N N 56  
ASP N   H2   sing N N 57  
ASP CA  C    sing N N 58  
ASP CA  CB   sing N N 59  
ASP CA  HA   sing N N 60  
ASP C   O    doub N N 61  
ASP C   OXT  sing N N 62  
ASP CB  CG   sing N N 63  
ASP CB  HB2  sing N N 64  
ASP CB  HB3  sing N N 65  
ASP CG  OD1  doub N N 66  
ASP CG  OD2  sing N N 67  
ASP OD2 HD2  sing N N 68  
ASP OXT HXT  sing N N 69  
CYS N   CA   sing N N 70  
CYS N   H    sing N N 71  
CYS N   H2   sing N N 72  
CYS CA  C    sing N N 73  
CYS CA  CB   sing N N 74  
CYS CA  HA   sing N N 75  
CYS C   O    doub N N 76  
CYS C   OXT  sing N N 77  
CYS CB  SG   sing N N 78  
CYS CB  HB2  sing N N 79  
CYS CB  HB3  sing N N 80  
CYS SG  HG   sing N N 81  
CYS OXT HXT  sing N N 82  
GLN N   CA   sing N N 83  
GLN N   H    sing N N 84  
GLN N   H2   sing N N 85  
GLN CA  C    sing N N 86  
GLN CA  CB   sing N N 87  
GLN CA  HA   sing N N 88  
GLN C   O    doub N N 89  
GLN C   OXT  sing N N 90  
GLN CB  CG   sing N N 91  
GLN CB  HB2  sing N N 92  
GLN CB  HB3  sing N N 93  
GLN CG  CD   sing N N 94  
GLN CG  HG2  sing N N 95  
GLN CG  HG3  sing N N 96  
GLN CD  OE1  doub N N 97  
GLN CD  NE2  sing N N 98  
GLN NE2 HE21 sing N N 99  
GLN NE2 HE22 sing N N 100 
GLN OXT HXT  sing N N 101 
GLU N   CA   sing N N 102 
GLU N   H    sing N N 103 
GLU N   H2   sing N N 104 
GLU CA  C    sing N N 105 
GLU CA  CB   sing N N 106 
GLU CA  HA   sing N N 107 
GLU C   O    doub N N 108 
GLU C   OXT  sing N N 109 
GLU CB  CG   sing N N 110 
GLU CB  HB2  sing N N 111 
GLU CB  HB3  sing N N 112 
GLU CG  CD   sing N N 113 
GLU CG  HG2  sing N N 114 
GLU CG  HG3  sing N N 115 
GLU CD  OE1  doub N N 116 
GLU CD  OE2  sing N N 117 
GLU OE2 HE2  sing N N 118 
GLU OXT HXT  sing N N 119 
GLY N   CA   sing N N 120 
GLY N   H    sing N N 121 
GLY N   H2   sing N N 122 
GLY CA  C    sing N N 123 
GLY CA  HA2  sing N N 124 
GLY CA  HA3  sing N N 125 
GLY C   O    doub N N 126 
GLY C   OXT  sing N N 127 
GLY OXT HXT  sing N N 128 
HIS N   CA   sing N N 129 
HIS N   H    sing N N 130 
HIS N   H2   sing N N 131 
HIS CA  C    sing N N 132 
HIS CA  CB   sing N N 133 
HIS CA  HA   sing N N 134 
HIS C   O    doub N N 135 
HIS C   OXT  sing N N 136 
HIS CB  CG   sing N N 137 
HIS CB  HB2  sing N N 138 
HIS CB  HB3  sing N N 139 
HIS CG  ND1  sing Y N 140 
HIS CG  CD2  doub Y N 141 
HIS ND1 CE1  doub Y N 142 
HIS ND1 HD1  sing N N 143 
HIS CD2 NE2  sing Y N 144 
HIS CD2 HD2  sing N N 145 
HIS CE1 NE2  sing Y N 146 
HIS CE1 HE1  sing N N 147 
HIS NE2 HE2  sing N N 148 
HIS OXT HXT  sing N N 149 
HOH O   H1   sing N N 150 
HOH O   H2   sing N N 151 
ILE N   CA   sing N N 152 
ILE N   H    sing N N 153 
ILE N   H2   sing N N 154 
ILE CA  C    sing N N 155 
ILE CA  CB   sing N N 156 
ILE CA  HA   sing N N 157 
ILE C   O    doub N N 158 
ILE C   OXT  sing N N 159 
ILE CB  CG1  sing N N 160 
ILE CB  CG2  sing N N 161 
ILE CB  HB   sing N N 162 
ILE CG1 CD1  sing N N 163 
ILE CG1 HG12 sing N N 164 
ILE CG1 HG13 sing N N 165 
ILE CG2 HG21 sing N N 166 
ILE CG2 HG22 sing N N 167 
ILE CG2 HG23 sing N N 168 
ILE CD1 HD11 sing N N 169 
ILE CD1 HD12 sing N N 170 
ILE CD1 HD13 sing N N 171 
ILE OXT HXT  sing N N 172 
LEU N   CA   sing N N 173 
LEU N   H    sing N N 174 
LEU N   H2   sing N N 175 
LEU CA  C    sing N N 176 
LEU CA  CB   sing N N 177 
LEU CA  HA   sing N N 178 
LEU C   O    doub N N 179 
LEU C   OXT  sing N N 180 
LEU CB  CG   sing N N 181 
LEU CB  HB2  sing N N 182 
LEU CB  HB3  sing N N 183 
LEU CG  CD1  sing N N 184 
LEU CG  CD2  sing N N 185 
LEU CG  HG   sing N N 186 
LEU CD1 HD11 sing N N 187 
LEU CD1 HD12 sing N N 188 
LEU CD1 HD13 sing N N 189 
LEU CD2 HD21 sing N N 190 
LEU CD2 HD22 sing N N 191 
LEU CD2 HD23 sing N N 192 
LEU OXT HXT  sing N N 193 
MET N   CA   sing N N 194 
MET N   H    sing N N 195 
MET N   H2   sing N N 196 
MET CA  C    sing N N 197 
MET CA  CB   sing N N 198 
MET CA  HA   sing N N 199 
MET C   O    doub N N 200 
MET C   OXT  sing N N 201 
MET CB  CG   sing N N 202 
MET CB  HB2  sing N N 203 
MET CB  HB3  sing N N 204 
MET CG  SD   sing N N 205 
MET CG  HG2  sing N N 206 
MET CG  HG3  sing N N 207 
MET SD  CE   sing N N 208 
MET CE  HE1  sing N N 209 
MET CE  HE2  sing N N 210 
MET CE  HE3  sing N N 211 
MET OXT HXT  sing N N 212 
PHE N   CA   sing N N 213 
PHE N   H    sing N N 214 
PHE N   H2   sing N N 215 
PHE CA  C    sing N N 216 
PHE CA  CB   sing N N 217 
PHE CA  HA   sing N N 218 
PHE C   O    doub N N 219 
PHE C   OXT  sing N N 220 
PHE CB  CG   sing N N 221 
PHE CB  HB2  sing N N 222 
PHE CB  HB3  sing N N 223 
PHE CG  CD1  doub Y N 224 
PHE CG  CD2  sing Y N 225 
PHE CD1 CE1  sing Y N 226 
PHE CD1 HD1  sing N N 227 
PHE CD2 CE2  doub Y N 228 
PHE CD2 HD2  sing N N 229 
PHE CE1 CZ   doub Y N 230 
PHE CE1 HE1  sing N N 231 
PHE CE2 CZ   sing Y N 232 
PHE CE2 HE2  sing N N 233 
PHE CZ  HZ   sing N N 234 
PHE OXT HXT  sing N N 235 
PRO N   CA   sing N N 236 
PRO N   CD   sing N N 237 
PRO N   H    sing N N 238 
PRO CA  C    sing N N 239 
PRO CA  CB   sing N N 240 
PRO CA  HA   sing N N 241 
PRO C   O    doub N N 242 
PRO C   OXT  sing N N 243 
PRO CB  CG   sing N N 244 
PRO CB  HB2  sing N N 245 
PRO CB  HB3  sing N N 246 
PRO CG  CD   sing N N 247 
PRO CG  HG2  sing N N 248 
PRO CG  HG3  sing N N 249 
PRO CD  HD2  sing N N 250 
PRO CD  HD3  sing N N 251 
PRO OXT HXT  sing N N 252 
SER N   CA   sing N N 253 
SER N   H    sing N N 254 
SER N   H2   sing N N 255 
SER CA  C    sing N N 256 
SER CA  CB   sing N N 257 
SER CA  HA   sing N N 258 
SER C   O    doub N N 259 
SER C   OXT  sing N N 260 
SER CB  OG   sing N N 261 
SER CB  HB2  sing N N 262 
SER CB  HB3  sing N N 263 
SER OG  HG   sing N N 264 
SER OXT HXT  sing N N 265 
THR N   CA   sing N N 266 
THR N   H    sing N N 267 
THR N   H2   sing N N 268 
THR CA  C    sing N N 269 
THR CA  CB   sing N N 270 
THR CA  HA   sing N N 271 
THR C   O    doub N N 272 
THR C   OXT  sing N N 273 
THR CB  OG1  sing N N 274 
THR CB  CG2  sing N N 275 
THR CB  HB   sing N N 276 
THR OG1 HG1  sing N N 277 
THR CG2 HG21 sing N N 278 
THR CG2 HG22 sing N N 279 
THR CG2 HG23 sing N N 280 
THR OXT HXT  sing N N 281 
TRP N   CA   sing N N 282 
TRP N   H    sing N N 283 
TRP N   H2   sing N N 284 
TRP CA  C    sing N N 285 
TRP CA  CB   sing N N 286 
TRP CA  HA   sing N N 287 
TRP C   O    doub N N 288 
TRP C   OXT  sing N N 289 
TRP CB  CG   sing N N 290 
TRP CB  HB2  sing N N 291 
TRP CB  HB3  sing N N 292 
TRP CG  CD1  doub Y N 293 
TRP CG  CD2  sing Y N 294 
TRP CD1 NE1  sing Y N 295 
TRP CD1 HD1  sing N N 296 
TRP CD2 CE2  doub Y N 297 
TRP CD2 CE3  sing Y N 298 
TRP NE1 CE2  sing Y N 299 
TRP NE1 HE1  sing N N 300 
TRP CE2 CZ2  sing Y N 301 
TRP CE3 CZ3  doub Y N 302 
TRP CE3 HE3  sing N N 303 
TRP CZ2 CH2  doub Y N 304 
TRP CZ2 HZ2  sing N N 305 
TRP CZ3 CH2  sing Y N 306 
TRP CZ3 HZ3  sing N N 307 
TRP CH2 HH2  sing N N 308 
TRP OXT HXT  sing N N 309 
TYR N   CA   sing N N 310 
TYR N   H    sing N N 311 
TYR N   H2   sing N N 312 
TYR CA  C    sing N N 313 
TYR CA  CB   sing N N 314 
TYR CA  HA   sing N N 315 
TYR C   O    doub N N 316 
TYR C   OXT  sing N N 317 
TYR CB  CG   sing N N 318 
TYR CB  HB2  sing N N 319 
TYR CB  HB3  sing N N 320 
TYR CG  CD1  doub Y N 321 
TYR CG  CD2  sing Y N 322 
TYR CD1 CE1  sing Y N 323 
TYR CD1 HD1  sing N N 324 
TYR CD2 CE2  doub Y N 325 
TYR CD2 HD2  sing N N 326 
TYR CE1 CZ   doub Y N 327 
TYR CE1 HE1  sing N N 328 
TYR CE2 CZ   sing Y N 329 
TYR CE2 HE2  sing N N 330 
TYR CZ  OH   sing N N 331 
TYR OH  HH   sing N N 332 
TYR OXT HXT  sing N N 333 
VAL N   CA   sing N N 334 
VAL N   H    sing N N 335 
VAL N   H2   sing N N 336 
VAL CA  C    sing N N 337 
VAL CA  CB   sing N N 338 
VAL CA  HA   sing N N 339 
VAL C   O    doub N N 340 
VAL C   OXT  sing N N 341 
VAL CB  CG1  sing N N 342 
VAL CB  CG2  sing N N 343 
VAL CB  HB   sing N N 344 
VAL CG1 HG11 sing N N 345 
VAL CG1 HG12 sing N N 346 
VAL CG1 HG13 sing N N 347 
VAL CG2 HG21 sing N N 348 
VAL CG2 HG22 sing N N 349 
VAL CG2 HG23 sing N N 350 
VAL OXT HXT  sing N N 351 
# 
_atom_sites.entry_id                    1KUH 
_atom_sites.fract_transf_matrix[1][1]   0.00900438 
_atom_sites.fract_transf_matrix[1][2]   -0.00893483 
_atom_sites.fract_transf_matrix[1][3]   -0.01292945 
_atom_sites.fract_transf_matrix[2][1]   -0.01397113 
_atom_sites.fract_transf_matrix[2][2]   0.00223794 
_atom_sites.fract_transf_matrix[2][3]   -0.01127634 
_atom_sites.fract_transf_matrix[3][1]   0.01052479 
_atom_sites.fract_transf_matrix[3][2]   0.02289996 
_atom_sites.fract_transf_matrix[3][3]   -0.00849518 
_atom_sites.fract_transf_vector[1]      0.670064 
_atom_sites.fract_transf_vector[2]      0.299469 
_atom_sites.fract_transf_vector[3]      0.282130 
# 
loop_
_atom_type.symbol 
C  
CA 
N  
O  
S  
ZN 
# 
loop_
_atom_site.group_PDB 
_atom_site.id 
_atom_site.type_symbol 
_atom_site.label_atom_id 
_atom_site.label_alt_id 
_atom_site.label_comp_id 
_atom_site.label_asym_id 
_atom_site.label_entity_id 
_atom_site.label_seq_id 
_atom_site.pdbx_PDB_ins_code 
_atom_site.Cartn_x 
_atom_site.Cartn_y 
_atom_site.Cartn_z 
_atom_site.occupancy 
_atom_site.B_iso_or_equiv 
_atom_site.pdbx_formal_charge 
_atom_site.auth_seq_id 
_atom_site.auth_comp_id 
_atom_site.auth_asym_id 
_atom_site.auth_atom_id 
_atom_site.pdbx_PDB_model_num 
ATOM   1    N  N   . THR A 1 1   ? 12.623  -10.965 10.218  1.00 22.33 ? 1   THR A N   1 
ATOM   2    C  CA  . THR A 1 1   ? 12.187  -9.847  9.343   1.00 21.03 ? 1   THR A CA  1 
ATOM   3    C  C   . THR A 1 1   ? 12.799  -9.956  7.952   1.00 20.43 ? 1   THR A C   1 
ATOM   4    O  O   . THR A 1 1   ? 13.995  -10.047 7.686   1.00 21.00 ? 1   THR A O   1 
ATOM   5    C  CB  . THR A 1 1   ? 12.503  -8.461  9.920   1.00 23.01 ? 1   THR A CB  1 
ATOM   6    O  OG1 . THR A 1 1   ? 12.007  -8.386  11.285  1.00 26.07 ? 1   THR A OG1 1 
ATOM   7    C  CG2 . THR A 1 1   ? 11.767  -7.392  9.133   1.00 24.08 ? 1   THR A CG2 1 
ATOM   8    N  N   . VAL A 1 2   ? 11.882  -9.936  6.991   1.00 18.23 ? 2   VAL A N   1 
ATOM   9    C  CA  . VAL A 1 2   ? 12.168  -10.046 5.565   1.00 15.28 ? 2   VAL A CA  1 
ATOM   10   C  C   . VAL A 1 2   ? 12.169  -8.612  5.049   1.00 13.66 ? 2   VAL A C   1 
ATOM   11   O  O   . VAL A 1 2   ? 11.332  -7.853  5.506   1.00 12.39 ? 2   VAL A O   1 
ATOM   12   C  CB  . VAL A 1 2   ? 11.031  -10.840 4.898   1.00 15.65 ? 2   VAL A CB  1 
ATOM   13   C  CG1 . VAL A 1 2   ? 11.159  -10.970 3.394   1.00 17.42 ? 2   VAL A CG1 1 
ATOM   14   C  CG2 . VAL A 1 2   ? 10.992  -12.276 5.440   1.00 16.74 ? 2   VAL A CG2 1 
ATOM   15   N  N   . THR A 1 3   ? 13.056  -8.237  4.167   1.00 12.65 ? 3   THR A N   1 
ATOM   16   C  CA  . THR A 1 3   ? 13.087  -6.889  3.615   1.00 12.88 ? 3   THR A CA  1 
ATOM   17   C  C   . THR A 1 3   ? 12.632  -6.945  2.159   1.00 12.26 ? 3   THR A C   1 
ATOM   18   O  O   . THR A 1 3   ? 13.196  -7.698  1.363   1.00 13.24 ? 3   THR A O   1 
ATOM   19   C  CB  . THR A 1 3   ? 14.482  -6.238  3.657   1.00 14.53 ? 3   THR A CB  1 
ATOM   20   O  OG1 . THR A 1 3   ? 14.844  -6.044  5.042   1.00 15.77 ? 3   THR A OG1 1 
ATOM   21   C  CG2 . THR A 1 3   ? 14.529  -4.833  3.081   1.00 15.15 ? 3   THR A CG2 1 
ATOM   22   N  N   . VAL A 1 4   ? 11.607  -6.157  1.831   1.00 9.79  ? 4   VAL A N   1 
ATOM   23   C  CA  . VAL A 1 4   ? 11.118  -6.085  0.461   1.00 8.40  ? 4   VAL A CA  1 
ATOM   24   C  C   . VAL A 1 4   ? 11.603  -4.722  -0.020  1.00 7.54  ? 4   VAL A C   1 
ATOM   25   O  O   . VAL A 1 4   ? 11.389  -3.756  0.736   1.00 9.37  ? 4   VAL A O   1 
ATOM   26   C  CB  . VAL A 1 4   ? 9.596   -6.137  0.394   1.00 8.99  ? 4   VAL A CB  1 
ATOM   27   C  CG1 . VAL A 1 4   ? 9.045   -5.932  -1.013  1.00 7.83  ? 4   VAL A CG1 1 
ATOM   28   C  CG2 . VAL A 1 4   ? 9.183   -7.533  0.857   1.00 7.73  ? 4   VAL A CG2 1 
ATOM   29   N  N   . THR A 1 5   ? 12.214  -4.689  -1.174  1.00 6.35  ? 5   THR A N   1 
ATOM   30   C  CA  . THR A 1 5   ? 12.756  -3.440  -1.673  1.00 6.68  ? 5   THR A CA  1 
ATOM   31   C  C   . THR A 1 5   ? 11.848  -2.851  -2.729  1.00 6.87  ? 5   THR A C   1 
ATOM   32   O  O   . THR A 1 5   ? 11.408  -3.585  -3.636  1.00 8.21  ? 5   THR A O   1 
ATOM   33   C  CB  . THR A 1 5   ? 14.124  -3.711  -2.328  1.00 6.25  ? 5   THR A CB  1 
ATOM   34   O  OG1 . THR A 1 5   ? 15.013  -4.233  -1.313  1.00 9.68  ? 5   THR A OG1 1 
ATOM   35   C  CG2 . THR A 1 5   ? 14.706  -2.396  -2.807  1.00 9.29  ? 5   THR A CG2 1 
ATOM   36   N  N   . TYR A 1 6   ? 11.619  -1.522  -2.610  1.00 6.84  ? 6   TYR A N   1 
ATOM   37   C  CA  . TYR A 1 6   ? 10.787  -0.921  -3.631  1.00 6.24  ? 6   TYR A CA  1 
ATOM   38   C  C   . TYR A 1 6   ? 11.560  0.187   -4.351  1.00 7.42  ? 6   TYR A C   1 
ATOM   39   O  O   . TYR A 1 6   ? 12.516  0.744   -3.807  1.00 7.21  ? 6   TYR A O   1 
ATOM   40   C  CB  . TYR A 1 6   ? 9.510   -0.273  -3.078  1.00 7.32  ? 6   TYR A CB  1 
ATOM   41   C  CG  . TYR A 1 6   ? 9.653   0.813   -2.047  1.00 6.32  ? 6   TYR A CG  1 
ATOM   42   C  CD1 . TYR A 1 6   ? 9.699   0.465   -0.684  1.00 7.54  ? 6   TYR A CD1 1 
ATOM   43   C  CD2 . TYR A 1 6   ? 9.745   2.145   -2.421  1.00 7.29  ? 6   TYR A CD2 1 
ATOM   44   C  CE1 . TYR A 1 6   ? 9.847   1.468   0.261   1.00 8.96  ? 6   TYR A CE1 1 
ATOM   45   C  CE2 . TYR A 1 6   ? 9.896   3.156   -1.483  1.00 8.43  ? 6   TYR A CE2 1 
ATOM   46   C  CZ  . TYR A 1 6   ? 9.938   2.790   -0.137  1.00 8.97  ? 6   TYR A CZ  1 
ATOM   47   O  OH  . TYR A 1 6   ? 10.085  3.781   0.822   1.00 11.21 ? 6   TYR A OH  1 
ATOM   48   N  N   . ASP A 1 7   ? 11.023  0.527   -5.523  1.00 6.47  ? 7   ASP A N   1 
ATOM   49   C  CA  . ASP A 1 7   ? 11.568  1.617   -6.336  1.00 7.92  ? 7   ASP A CA  1 
ATOM   50   C  C   . ASP A 1 7   ? 10.485  2.692   -6.509  1.00 7.05  ? 7   ASP A C   1 
ATOM   51   O  O   . ASP A 1 7   ? 9.542   2.490   -7.266  1.00 8.25  ? 7   ASP A O   1 
ATOM   52   C  CB  . ASP A 1 7   ? 12.009  1.111   -7.720  1.00 8.80  ? 7   ASP A CB  1 
ATOM   53   C  CG  . ASP A 1 7   ? 12.539  2.191   -8.646  1.00 9.71  ? 7   ASP A CG  1 
ATOM   54   O  OD1 . ASP A 1 7   ? 12.706  3.383   -8.302  1.00 9.59  ? 7   ASP A OD1 1 
ATOM   55   O  OD2 . ASP A 1 7   ? 12.788  1.863   -9.823  1.00 10.08 ? 7   ASP A OD2 1 
ATOM   56   N  N   . PRO A 1 8   ? 10.617  3.855   -5.864  1.00 7.56  ? 8   PRO A N   1 
ATOM   57   C  CA  . PRO A 1 8   ? 9.625   4.889   -6.031  1.00 7.50  ? 8   PRO A CA  1 
ATOM   58   C  C   . PRO A 1 8   ? 9.921   5.913   -7.099  1.00 7.48  ? 8   PRO A C   1 
ATOM   59   O  O   . PRO A 1 8   ? 9.205   6.911   -7.277  1.00 7.99  ? 8   PRO A O   1 
ATOM   60   C  CB  . PRO A 1 8   ? 9.789   5.661   -4.691  1.00 8.36  ? 8   PRO A CB  1 
ATOM   61   C  CG  . PRO A 1 8   ? 11.239  5.478   -4.317  1.00 7.00  ? 8   PRO A CG  1 
ATOM   62   C  CD  . PRO A 1 8   ? 11.693  4.189   -4.915  1.00 6.45  ? 8   PRO A CD  1 
ATOM   63   N  N   . SER A 1 9   ? 11.026  5.726   -7.804  1.00 8.87  ? 9   SER A N   1 
ATOM   64   C  CA  . SER A 1 9   ? 11.523  6.713   -8.769  1.00 9.70  ? 9   SER A CA  1 
ATOM   65   C  C   . SER A 1 9   ? 10.607  7.014   -9.933  1.00 9.08  ? 9   SER A C   1 
ATOM   66   O  O   . SER A 1 9   ? 10.706  8.161   -10.410 1.00 10.86 ? 9   SER A O   1 
ATOM   67   C  CB  . SER A 1 9   ? 12.925  6.274   -9.257  1.00 11.57 ? 9   SER A CB  1 
ATOM   68   O  OG  . SER A 1 9   ? 12.792  5.197   -10.173 1.00 14.61 ? 9   SER A OG  1 
ATOM   69   N  N   . ASN A 1 10  ? 9.714   6.171   -10.380 1.00 7.42  ? 10  ASN A N   1 
ATOM   70   C  CA  . ASN A 1 10  ? 8.827   6.507   -11.494 1.00 7.48  ? 10  ASN A CA  1 
ATOM   71   C  C   . ASN A 1 10  ? 7.519   7.112   -11.045 1.00 7.04  ? 10  ASN A C   1 
ATOM   72   O  O   . ASN A 1 10  ? 6.625   7.268   -11.876 1.00 5.53  ? 10  ASN A O   1 
ATOM   73   C  CB  . ASN A 1 10  ? 8.569   5.287   -12.419 1.00 9.96  ? 10  ASN A CB  1 
ATOM   74   C  CG  . ASN A 1 10  ? 9.899   4.790   -12.975 1.00 13.67 ? 10  ASN A CG  1 
ATOM   75   O  OD1 . ASN A 1 10  ? 10.513  3.799   -12.551 1.00 17.53 ? 10  ASN A OD1 1 
ATOM   76   N  ND2 . ASN A 1 10  ? 10.480  5.486   -13.935 1.00 15.95 ? 10  ASN A ND2 1 
ATOM   77   N  N   . ALA A 1 11  ? 7.415   7.574   -9.786  1.00 6.83  ? 11  ALA A N   1 
ATOM   78   C  CA  . ALA A 1 11  ? 6.208   8.261   -9.283  1.00 7.05  ? 11  ALA A CA  1 
ATOM   79   C  C   . ALA A 1 11  ? 6.695   9.522   -8.559  1.00 8.17  ? 11  ALA A C   1 
ATOM   80   O  O   . ALA A 1 11  ? 6.550   9.707   -7.350  1.00 8.13  ? 11  ALA A O   1 
ATOM   81   C  CB  . ALA A 1 11  ? 5.391   7.355   -8.362  1.00 6.23  ? 11  ALA A CB  1 
ATOM   82   N  N   . PRO A 1 12  ? 7.239   10.486  -9.350  1.00 8.73  ? 12  PRO A N   1 
ATOM   83   C  CA  . PRO A 1 12  ? 7.792   11.708  -8.820  1.00 8.55  ? 12  PRO A CA  1 
ATOM   84   C  C   . PRO A 1 12  ? 6.805   12.554  -8.046  1.00 9.46  ? 12  PRO A C   1 
ATOM   85   O  O   . PRO A 1 12  ? 7.229   13.216  -7.072  1.00 10.98 ? 12  PRO A O   1 
ATOM   86   C  CB  . PRO A 1 12  ? 8.332   12.495  -10.049 1.00 9.12  ? 12  PRO A CB  1 
ATOM   87   C  CG  . PRO A 1 12  ? 7.654   11.866  -11.218 1.00 8.78  ? 12  PRO A CG  1 
ATOM   88   C  CD  . PRO A 1 12  ? 7.378   10.453  -10.817 1.00 8.32  ? 12  PRO A CD  1 
ATOM   89   N  N   . SER A 1 13  ? 5.553   12.546  -8.458  1.00 7.67  ? 13  SER A N   1 
ATOM   90   C  CA  . SER A 1 13  ? 4.573   13.352  -7.741  1.00 7.60  ? 13  SER A CA  1 
ATOM   91   C  C   . SER A 1 13  ? 4.175   12.776  -6.375  1.00 7.98  ? 13  SER A C   1 
ATOM   92   O  O   . SER A 1 13  ? 3.551   13.532  -5.607  1.00 9.42  ? 13  SER A O   1 
ATOM   93   C  CB  . SER A 1 13  ? 3.285   13.382  -8.573  1.00 8.48  ? 13  SER A CB  1 
ATOM   94   O  OG  . SER A 1 13  ? 3.590   13.932  -9.853  1.00 8.76  ? 13  SER A OG  1 
ATOM   95   N  N   . PHE A 1 14  ? 4.489   11.542  -6.058  1.00 7.61  ? 14  PHE A N   1 
ATOM   96   C  CA  . PHE A 1 14  ? 4.055   10.904  -4.802  1.00 7.05  ? 14  PHE A CA  1 
ATOM   97   C  C   . PHE A 1 14  ? 5.165   10.449  -3.882  1.00 7.71  ? 14  PHE A C   1 
ATOM   98   O  O   . PHE A 1 14  ? 4.938   9.582   -3.020  1.00 5.85  ? 14  PHE A O   1 
ATOM   99   C  CB  . PHE A 1 14  ? 3.295   9.645   -5.276  1.00 6.36  ? 14  PHE A CB  1 
ATOM   100  C  CG  . PHE A 1 14  ? 1.993   9.994   -5.932  1.00 7.69  ? 14  PHE A CG  1 
ATOM   101  C  CD1 . PHE A 1 14  ? 0.968   10.495  -5.137  1.00 9.00  ? 14  PHE A CD1 1 
ATOM   102  C  CD2 . PHE A 1 14  ? 1.808   9.823   -7.299  1.00 7.61  ? 14  PHE A CD2 1 
ATOM   103  C  CE1 . PHE A 1 14  ? -0.249  10.818  -5.750  1.00 9.53  ? 14  PHE A CE1 1 
ATOM   104  C  CE2 . PHE A 1 14  ? 0.603   10.147  -7.895  1.00 9.46  ? 14  PHE A CE2 1 
ATOM   105  C  CZ  . PHE A 1 14  ? -0.420  10.619  -7.112  1.00 9.39  ? 14  PHE A CZ  1 
ATOM   106  N  N   . GLN A 1 15  ? 6.355   11.019  -4.073  1.00 7.27  ? 15  GLN A N   1 
ATOM   107  C  CA  . GLN A 1 15  ? 7.450   10.579  -3.215  1.00 8.72  ? 15  GLN A CA  1 
ATOM   108  C  C   . GLN A 1 15  ? 7.198   10.694  -1.723  1.00 9.85  ? 15  GLN A C   1 
ATOM   109  O  O   . GLN A 1 15  ? 7.655   9.787   -0.985  1.00 9.73  ? 15  GLN A O   1 
ATOM   110  C  CB  . GLN A 1 15  ? 8.704   11.425  -3.487  1.00 11.51 ? 15  GLN A CB  1 
ATOM   111  C  CG  . GLN A 1 15  ? 9.217   11.246  -4.913  1.00 16.00 ? 15  GLN A CG  1 
ATOM   112  C  CD  . GLN A 1 15  ? 9.781   9.881   -5.284  1.00 18.86 ? 15  GLN A CD  1 
ATOM   113  O  OE1 . GLN A 1 15  ? 10.843  9.419   -4.815  1.00 21.07 ? 15  GLN A OE1 1 
ATOM   114  N  NE2 . GLN A 1 15  ? 9.017   9.206   -6.155  1.00 20.25 ? 15  GLN A NE2 1 
ATOM   115  N  N   . GLN A 1 16  ? 6.590   11.791  -1.262  1.00 9.99  ? 16  GLN A N   1 
ATOM   116  C  CA  . GLN A 1 16  ? 6.420   11.827  0.216   1.00 10.39 ? 16  GLN A CA  1 
ATOM   117  C  C   . GLN A 1 16  ? 5.320   10.850  0.606   1.00 8.69  ? 16  GLN A C   1 
ATOM   118  O  O   . GLN A 1 16  ? 5.435   10.249  1.678   1.00 7.64  ? 16  GLN A O   1 
ATOM   119  C  CB  . GLN A 1 16  ? 6.213   13.228  0.771   1.00 16.58 ? 16  GLN A CB  1 
ATOM   120  C  CG  . GLN A 1 16  ? 4.823   13.677  1.078   1.00 25.33 ? 16  GLN A CG  1 
ATOM   121  C  CD  . GLN A 1 16  ? 4.552   15.044  1.654   1.00 30.49 ? 16  GLN A CD  1 
ATOM   122  O  OE1 . GLN A 1 16  ? 4.367   16.052  0.926   1.00 33.79 ? 16  GLN A OE1 1 
ATOM   123  N  NE2 . GLN A 1 16  ? 4.465   15.067  3.000   1.00 33.58 ? 16  GLN A NE2 1 
ATOM   124  N  N   . GLU A 1 17  ? 4.258   10.639  -0.193  1.00 6.86  ? 17  GLU A N   1 
ATOM   125  C  CA  . GLU A 1 17  ? 3.231   9.703   0.276   1.00 6.90  ? 17  GLU A CA  1 
ATOM   126  C  C   . GLU A 1 17  ? 3.701   8.269   0.306   1.00 6.32  ? 17  GLU A C   1 
ATOM   127  O  O   . GLU A 1 17  ? 3.297   7.468   1.153   1.00 6.12  ? 17  GLU A O   1 
ATOM   128  C  CB  . GLU A 1 17  ? 1.981   9.808   -0.596  1.00 7.25  ? 17  GLU A CB  1 
ATOM   129  C  CG  . GLU A 1 17  ? 1.280   11.142  -0.356  1.00 10.18 ? 17  GLU A CG  1 
ATOM   130  C  CD  . GLU A 1 17  ? 0.736   11.431  1.019   1.00 11.75 ? 17  GLU A CD  1 
ATOM   131  O  OE1 . GLU A 1 17  ? 0.888   10.599  1.945   1.00 13.34 ? 17  GLU A OE1 1 
ATOM   132  O  OE2 . GLU A 1 17  ? 0.125   12.510  1.289   1.00 13.52 ? 17  GLU A OE2 1 
ATOM   133  N  N   . ILE A 1 18  ? 4.582   7.970   -0.647  1.00 6.90  ? 18  ILE A N   1 
ATOM   134  C  CA  . ILE A 1 18  ? 5.145   6.605   -0.678  1.00 6.56  ? 18  ILE A CA  1 
ATOM   135  C  C   . ILE A 1 18  ? 6.005   6.407   0.578   1.00 6.34  ? 18  ILE A C   1 
ATOM   136  O  O   . ILE A 1 18  ? 5.903   5.362   1.216   1.00 6.56  ? 18  ILE A O   1 
ATOM   137  C  CB  . ILE A 1 18  ? 5.959   6.416   -1.960  1.00 5.71  ? 18  ILE A CB  1 
ATOM   138  C  CG1 . ILE A 1 18  ? 4.963   6.342   -3.156  1.00 6.67  ? 18  ILE A CG1 1 
ATOM   139  C  CG2 . ILE A 1 18  ? 6.796   5.136   -1.954  1.00 7.44  ? 18  ILE A CG2 1 
ATOM   140  C  CD1 . ILE A 1 18  ? 5.653   6.590   -4.507  1.00 8.41  ? 18  ILE A CD1 1 
ATOM   141  N  N   . ALA A 1 19  ? 6.849   7.378   0.884   1.00 7.38  ? 19  ALA A N   1 
ATOM   142  C  CA  . ALA A 1 19  ? 7.704   7.340   2.071   1.00 6.86  ? 19  ALA A CA  1 
ATOM   143  C  C   . ALA A 1 19  ? 6.785   7.256   3.297   1.00 7.74  ? 19  ALA A C   1 
ATOM   144  O  O   . ALA A 1 19  ? 7.028   6.426   4.167   1.00 7.33  ? 19  ALA A O   1 
ATOM   145  C  CB  . ALA A 1 19  ? 8.546   8.598   2.143   1.00 7.51  ? 19  ALA A CB  1 
ATOM   146  N  N   . ASN A 1 20  ? 5.707   8.017   3.355   1.00 7.37  ? 20  ASN A N   1 
ATOM   147  C  CA  . ASN A 1 20  ? 4.773   7.932   4.460   1.00 8.36  ? 20  ASN A CA  1 
ATOM   148  C  C   . ASN A 1 20  ? 4.144   6.542   4.537   1.00 8.45  ? 20  ASN A C   1 
ATOM   149  O  O   . ASN A 1 20  ? 4.026   5.956   5.604   1.00 8.54  ? 20  ASN A O   1 
ATOM   150  C  CB  . ASN A 1 20  ? 3.572   8.840   4.268   1.00 10.68 ? 20  ASN A CB  1 
ATOM   151  C  CG  . ASN A 1 20  ? 3.822   10.310  4.481   1.00 14.40 ? 20  ASN A CG  1 
ATOM   152  O  OD1 . ASN A 1 20  ? 2.966   11.175  4.155   1.00 16.09 ? 20  ASN A OD1 1 
ATOM   153  N  ND2 . ASN A 1 20  ? 4.999   10.682  4.988   1.00 14.96 ? 20  ASN A ND2 1 
ATOM   154  N  N   . ALA A 1 21  ? 3.685   5.987   3.428   1.00 8.71  ? 21  ALA A N   1 
ATOM   155  C  CA  . ALA A 1 21  ? 3.047   4.665   3.428   1.00 9.15  ? 21  ALA A CA  1 
ATOM   156  C  C   . ALA A 1 21  ? 3.973   3.550   3.897   1.00 9.44  ? 21  ALA A C   1 
ATOM   157  O  O   . ALA A 1 21  ? 3.573   2.631   4.613   1.00 9.10  ? 21  ALA A O   1 
ATOM   158  C  CB  . ALA A 1 21  ? 2.545   4.338   2.010   1.00 8.39  ? 21  ALA A CB  1 
ATOM   159  N  N   . ALA A 1 22  ? 5.232   3.588   3.433   1.00 9.70  ? 22  ALA A N   1 
ATOM   160  C  CA  . ALA A 1 22  ? 6.229   2.591   3.805   1.00 9.79  ? 22  ALA A CA  1 
ATOM   161  C  C   . ALA A 1 22  ? 6.474   2.668   5.304   1.00 10.10 ? 22  ALA A C   1 
ATOM   162  O  O   . ALA A 1 22  ? 6.586   1.624   5.952   1.00 10.45 ? 22  ALA A O   1 
ATOM   163  C  CB  . ALA A 1 22  ? 7.514   2.936   3.062   1.00 8.60  ? 22  ALA A CB  1 
ATOM   164  N  N   . GLN A 1 23  ? 6.564   3.881   5.881   1.00 10.05 ? 23  GLN A N   1 
ATOM   165  C  CA  . GLN A 1 23  ? 6.782   4.056   7.323   1.00 10.63 ? 23  GLN A CA  1 
ATOM   166  C  C   . GLN A 1 23  ? 5.621   3.539   8.166   1.00 9.43  ? 23  GLN A C   1 
ATOM   167  O  O   . GLN A 1 23  ? 5.796   2.877   9.203   1.00 9.09  ? 23  GLN A O   1 
ATOM   168  C  CB  . GLN A 1 23  ? 7.034   5.510   7.700   1.00 15.84 ? 23  GLN A CB  1 
ATOM   169  C  CG  . GLN A 1 23  ? 7.180   5.895   9.159   1.00 22.76 ? 23  GLN A CG  1 
ATOM   170  C  CD  . GLN A 1 23  ? 8.281   5.293   10.018  1.00 26.89 ? 23  GLN A CD  1 
ATOM   171  O  OE1 . GLN A 1 23  ? 8.086   4.825   11.174  1.00 29.87 ? 23  GLN A OE1 1 
ATOM   172  N  NE2 . GLN A 1 23  ? 9.526   5.325   9.507   1.00 30.16 ? 23  GLN A NE2 1 
ATOM   173  N  N   . ILE A 1 24  ? 4.386   3.789   7.722   1.00 8.05  ? 24  ILE A N   1 
ATOM   174  C  CA  . ILE A 1 24  ? 3.203   3.307   8.413   1.00 7.92  ? 24  ILE A CA  1 
ATOM   175  C  C   . ILE A 1 24  ? 3.260   1.788   8.482   1.00 7.50  ? 24  ILE A C   1 
ATOM   176  O  O   . ILE A 1 24  ? 3.020   1.142   9.489   1.00 6.24  ? 24  ILE A O   1 
ATOM   177  C  CB  . ILE A 1 24  ? 1.958   3.776   7.629   1.00 8.00  ? 24  ILE A CB  1 
ATOM   178  C  CG1 . ILE A 1 24  ? 1.744   5.232   8.102   1.00 9.15  ? 24  ILE A CG1 1 
ATOM   179  C  CG2 . ILE A 1 24  ? 0.722   2.908   7.875   1.00 8.76  ? 24  ILE A CG2 1 
ATOM   180  C  CD1 . ILE A 1 24  ? 0.815   6.053   7.236   1.00 9.73  ? 24  ILE A CD1 1 
ATOM   181  N  N   . TRP A 1 25  ? 3.556   1.213   7.305   1.00 7.26  ? 25  TRP A N   1 
ATOM   182  C  CA  . TRP A 1 25  ? 3.619   -0.254  7.302   1.00 6.99  ? 25  TRP A CA  1 
ATOM   183  C  C   . TRP A 1 25  ? 4.792   -0.709  8.171   1.00 7.27  ? 25  TRP A C   1 
ATOM   184  O  O   . TRP A 1 25  ? 4.556   -1.585  9.003   1.00 6.21  ? 25  TRP A O   1 
ATOM   185  C  CB  . TRP A 1 25  ? 3.762   -0.855  5.899   1.00 5.52  ? 25  TRP A CB  1 
ATOM   186  C  CG  . TRP A 1 25  ? 2.431   -1.040  5.253   1.00 2.28  ? 25  TRP A CG  1 
ATOM   187  C  CD1 . TRP A 1 25  ? 1.953   -0.288  4.214   1.00 4.00  ? 25  TRP A CD1 1 
ATOM   188  C  CD2 . TRP A 1 25  ? 1.408   -1.964  5.559   1.00 4.09  ? 25  TRP A CD2 1 
ATOM   189  N  NE1 . TRP A 1 25  ? 0.698   -0.725  3.845   1.00 1.63  ? 25  TRP A NE1 1 
ATOM   190  C  CE2 . TRP A 1 25  ? 0.343   -1.775  4.654   1.00 2.55  ? 25  TRP A CE2 1 
ATOM   191  C  CE3 . TRP A 1 25  ? 1.263   -2.987  6.520   1.00 5.42  ? 25  TRP A CE3 1 
ATOM   192  C  CZ2 . TRP A 1 25  ? -0.850  -2.506  4.702   1.00 5.47  ? 25  TRP A CZ2 1 
ATOM   193  C  CZ3 . TRP A 1 25  ? 0.092   -3.725  6.555   1.00 4.88  ? 25  TRP A CZ3 1 
ATOM   194  C  CH2 . TRP A 1 25  ? -0.955  -3.469  5.658   1.00 4.61  ? 25  TRP A CH2 1 
ATOM   195  N  N   . ASN A 1 26  ? 5.980   -0.073  8.043   1.00 6.87  ? 26  ASN A N   1 
ATOM   196  C  CA  . ASN A 1 26  ? 7.118   -0.499  8.866   1.00 6.51  ? 26  ASN A CA  1 
ATOM   197  C  C   . ASN A 1 26  ? 6.851   -0.322  10.368  1.00 7.09  ? 26  ASN A C   1 
ATOM   198  O  O   . ASN A 1 26  ? 7.348   -1.164  11.129  1.00 5.77  ? 26  ASN A O   1 
ATOM   199  C  CB  . ASN A 1 26  ? 8.404   0.219   8.495   1.00 6.96  ? 26  ASN A CB  1 
ATOM   200  C  CG  . ASN A 1 26  ? 8.892   -0.223  7.128   1.00 6.83  ? 26  ASN A CG  1 
ATOM   201  O  OD1 . ASN A 1 26  ? 8.548   -1.214  6.530   1.00 7.43  ? 26  ASN A OD1 1 
ATOM   202  N  ND2 . ASN A 1 26  ? 9.759   0.591   6.527   1.00 9.83  ? 26  ASN A ND2 1 
ATOM   203  N  N   . SER A 1 27  ? 6.092   0.696   10.736  1.00 5.63  ? 27  SER A N   1 
ATOM   204  C  CA  . SER A 1 27  ? 5.767   0.905   12.146  1.00 7.12  ? 27  SER A CA  1 
ATOM   205  C  C   . SER A 1 27  ? 4.619   0.039   12.644  1.00 6.50  ? 27  SER A C   1 
ATOM   206  O  O   . SER A 1 27  ? 4.389   -0.036  13.869  1.00 7.09  ? 27  SER A O   1 
ATOM   207  C  CB  . SER A 1 27  ? 5.417   2.393   12.387  1.00 9.38  ? 27  SER A CB  1 
ATOM   208  O  OG  . SER A 1 27  ? 4.054   2.618   12.045  1.00 16.10 ? 27  SER A OG  1 
ATOM   209  N  N   . SER A 1 28  ? 3.938   -0.708  11.780  1.00 6.47  ? 28  SER A N   1 
ATOM   210  C  CA  . SER A 1 28  ? 2.818   -1.547  12.167  1.00 6.69  ? 28  SER A CA  1 
ATOM   211  C  C   . SER A 1 28  ? 3.103   -3.026  12.216  1.00 7.55  ? 28  SER A C   1 
ATOM   212  O  O   . SER A 1 28  ? 2.369   -3.712  12.942  1.00 7.74  ? 28  SER A O   1 
ATOM   213  C  CB  . SER A 1 28  ? 1.681   -1.407  11.114  1.00 7.14  ? 28  SER A CB  1 
ATOM   214  O  OG  . SER A 1 28  ? 1.318   -0.040  10.989  1.00 8.91  ? 28  SER A OG  1 
ATOM   215  N  N   . VAL A 1 29  ? 4.071   -3.495  11.424  1.00 7.30  ? 29  VAL A N   1 
ATOM   216  C  CA  . VAL A 1 29  ? 4.292   -4.958  11.382  1.00 8.44  ? 29  VAL A CA  1 
ATOM   217  C  C   . VAL A 1 29  ? 5.746   -5.284  11.739  1.00 9.25  ? 29  VAL A C   1 
ATOM   218  O  O   . VAL A 1 29  ? 6.645   -4.435  11.683  1.00 10.87 ? 29  VAL A O   1 
ATOM   219  C  CB  . VAL A 1 29  ? 3.919   -5.640  10.047  1.00 7.08  ? 29  VAL A CB  1 
ATOM   220  C  CG1 . VAL A 1 29  ? 2.432   -5.491  9.713   1.00 7.50  ? 29  VAL A CG1 1 
ATOM   221  C  CG2 . VAL A 1 29  ? 4.765   -5.075  8.908   1.00 7.30  ? 29  VAL A CG2 1 
ATOM   222  N  N   . ARG A 1 30  ? 5.901   -6.535  12.131  1.00 10.13 ? 30  ARG A N   1 
ATOM   223  C  CA  . ARG A 1 30  ? 7.148   -7.078  12.606  1.00 10.43 ? 30  ARG A CA  1 
ATOM   224  C  C   . ARG A 1 30  ? 7.908   -7.977  11.669  1.00 10.42 ? 30  ARG A C   1 
ATOM   225  O  O   . ARG A 1 30  ? 9.147   -7.975  11.772  1.00 10.48 ? 30  ARG A O   1 
ATOM   226  C  CB  . ARG A 1 30  ? 6.641   -8.068  13.685  1.00 15.23 ? 30  ARG A CB  1 
ATOM   227  C  CG  . ARG A 1 30  ? 7.365   -8.121  14.990  1.00 21.54 ? 30  ARG A CG  1 
ATOM   228  C  CD  . ARG A 1 30  ? 7.186   -9.477  15.678  1.00 25.69 ? 30  ARG A CD  1 
ATOM   229  N  NE  . ARG A 1 30  ? 5.779   -9.903  15.805  1.00 29.77 ? 30  ARG A NE  1 
ATOM   230  C  CZ  . ARG A 1 30  ? 5.393   -11.178 15.581  1.00 31.97 ? 30  ARG A CZ  1 
ATOM   231  N  NH1 . ARG A 1 30  ? 6.332   -12.137 15.452  1.00 32.75 ? 30  ARG A NH1 1 
ATOM   232  N  NH2 . ARG A 1 30  ? 4.097   -11.521 15.450  1.00 32.52 ? 30  ARG A NH2 1 
ATOM   233  N  N   . ASN A 1 31  ? 7.139   -8.752  10.874  1.00 9.23  ? 31  ASN A N   1 
ATOM   234  C  CA  . ASN A 1 31  ? 7.843   -9.728  10.041  1.00 9.51  ? 31  ASN A CA  1 
ATOM   235  C  C   . ASN A 1 31  ? 8.282   -9.334  8.659   1.00 8.67  ? 31  ASN A C   1 
ATOM   236  O  O   . ASN A 1 31  ? 8.956   -10.166 8.036   1.00 10.24 ? 31  ASN A O   1 
ATOM   237  C  CB  . ASN A 1 31  ? 6.974   -10.992 9.916   1.00 9.77  ? 31  ASN A CB  1 
ATOM   238  C  CG  . ASN A 1 31  ? 6.928   -11.713 11.251  1.00 10.53 ? 31  ASN A CG  1 
ATOM   239  O  OD1 . ASN A 1 31  ? 5.952   -12.468 11.407  1.00 13.87 ? 31  ASN A OD1 1 
ATOM   240  N  ND2 . ASN A 1 31  ? 7.867   -11.550 12.165  1.00 10.61 ? 31  ASN A ND2 1 
ATOM   241  N  N   . VAL A 1 32  ? 7.950   -8.123  8.259   1.00 8.12  ? 32  VAL A N   1 
ATOM   242  C  CA  . VAL A 1 32  ? 8.433   -7.710  6.909   1.00 8.80  ? 32  VAL A CA  1 
ATOM   243  C  C   . VAL A 1 32  ? 8.725   -6.218  7.044   1.00 9.67  ? 32  VAL A C   1 
ATOM   244  O  O   . VAL A 1 32  ? 8.059   -5.605  7.873   1.00 8.93  ? 32  VAL A O   1 
ATOM   245  C  CB  . VAL A 1 32  ? 7.410   -8.090  5.836   1.00 9.33  ? 32  VAL A CB  1 
ATOM   246  C  CG1 . VAL A 1 32  ? 6.018   -7.513  6.166   1.00 8.66  ? 32  VAL A CG1 1 
ATOM   247  C  CG2 . VAL A 1 32  ? 7.828   -7.676  4.418   1.00 8.69  ? 32  VAL A CG2 1 
ATOM   248  N  N   . GLN A 1 33  ? 9.695   -5.686  6.317   1.00 8.98  ? 33  GLN A N   1 
ATOM   249  C  CA  . GLN A 1 33  ? 10.055  -4.287  6.305   1.00 9.87  ? 33  GLN A CA  1 
ATOM   250  C  C   . GLN A 1 33  ? 10.177  -3.810  4.845   1.00 9.35  ? 33  GLN A C   1 
ATOM   251  O  O   . GLN A 1 33  ? 10.648  -4.574  4.001   1.00 10.42 ? 33  GLN A O   1 
ATOM   252  C  CB  . GLN A 1 33  ? 11.397  -3.973  6.997   1.00 10.20 ? 33  GLN A CB  1 
ATOM   253  C  CG  . GLN A 1 33  ? 11.239  -4.105  8.506   1.00 14.19 ? 33  GLN A CG  1 
ATOM   254  C  CD  . GLN A 1 33  ? 10.224  -3.297  9.276   1.00 16.28 ? 33  GLN A CD  1 
ATOM   255  O  OE1 . GLN A 1 33  ? 9.068   -3.650  9.624   1.00 17.65 ? 33  GLN A OE1 1 
ATOM   256  N  NE2 . GLN A 1 33  ? 10.689  -2.090  9.608   1.00 15.95 ? 33  GLN A NE2 1 
ATOM   257  N  N   . LEU A 1 34  ? 9.761   -2.581  4.578   1.00 9.09  ? 34  LEU A N   1 
ATOM   258  C  CA  . LEU A 1 34  ? 9.821   -2.036  3.229   1.00 9.25  ? 34  LEU A CA  1 
ATOM   259  C  C   . LEU A 1 34  ? 10.978  -1.058  3.195   1.00 10.70 ? 34  LEU A C   1 
ATOM   260  O  O   . LEU A 1 34  ? 11.129  -0.297  4.145   1.00 11.42 ? 34  LEU A O   1 
ATOM   261  C  CB  . LEU A 1 34  ? 8.528   -1.294  2.902   1.00 9.40  ? 34  LEU A CB  1 
ATOM   262  C  CG  . LEU A 1 34  ? 7.304   -2.207  2.826   1.00 10.65 ? 34  LEU A CG  1 
ATOM   263  C  CD1 . LEU A 1 34  ? 6.030   -1.376  2.719   1.00 12.77 ? 34  LEU A CD1 1 
ATOM   264  C  CD2 . LEU A 1 34  ? 7.366   -3.079  1.562   1.00 9.91  ? 34  LEU A CD2 1 
ATOM   265  N  N   . ARG A 1 35  ? 11.764  -1.139  2.124   1.00 10.51 ? 35  ARG A N   1 
ATOM   266  C  CA  . ARG A 1 35  ? 12.914  -0.206  2.072   1.00 12.04 ? 35  ARG A CA  1 
ATOM   267  C  C   . ARG A 1 35  ? 13.099  0.202   0.625   1.00 10.86 ? 35  ARG A C   1 
ATOM   268  O  O   . ARG A 1 35  ? 12.767  -0.586  -0.257  1.00 9.64  ? 35  ARG A O   1 
ATOM   269  C  CB  . ARG A 1 35  ? 14.018  -0.972  2.784   1.00 17.49 ? 35  ARG A CB  1 
ATOM   270  C  CG  . ARG A 1 35  ? 15.389  -1.014  2.192   1.00 24.24 ? 35  ARG A CG  1 
ATOM   271  C  CD  . ARG A 1 35  ? 16.384  -1.822  3.012   1.00 28.46 ? 35  ARG A CD  1 
ATOM   272  N  NE  . ARG A 1 35  ? 16.917  -2.980  2.253   1.00 33.78 ? 35  ARG A NE  1 
ATOM   273  C  CZ  . ARG A 1 35  ? 18.025  -3.681  2.572   1.00 35.65 ? 35  ARG A CZ  1 
ATOM   274  N  NH1 . ARG A 1 35  ? 19.025  -3.130  3.283   1.00 35.90 ? 35  ARG A NH1 1 
ATOM   275  N  NH2 . ARG A 1 35  ? 18.128  -4.976  2.206   1.00 36.59 ? 35  ARG A NH2 1 
ATOM   276  N  N   . ALA A 1 36  ? 13.498  1.455   0.388   1.00 10.19 ? 36  ALA A N   1 
ATOM   277  C  CA  . ALA A 1 36  ? 13.708  1.908   -1.002  1.00 10.15 ? 36  ALA A CA  1 
ATOM   278  C  C   . ALA A 1 36  ? 15.132  1.483   -1.349  1.00 9.74  ? 36  ALA A C   1 
ATOM   279  O  O   . ALA A 1 36  ? 16.066  1.577   -0.539  1.00 10.97 ? 36  ALA A O   1 
ATOM   280  C  CB  . ALA A 1 36  ? 13.539  3.400   -1.214  1.00 7.33  ? 36  ALA A CB  1 
ATOM   281  N  N   . GLY A 1 37  ? 15.334  0.969   -2.567  1.00 11.07 ? 37  GLY A N   1 
ATOM   282  C  CA  . GLY A 1 37  ? 16.653  0.530   -2.974  1.00 10.51 ? 37  GLY A CA  1 
ATOM   283  C  C   . GLY A 1 37  ? 16.758  0.016   -4.405  1.00 10.53 ? 37  GLY A C   1 
ATOM   284  O  O   . GLY A 1 37  ? 15.791  0.015   -5.180  1.00 11.29 ? 37  GLY A O   1 
ATOM   285  N  N   . GLY A 1 38  ? 17.987  -0.416  -4.728  1.00 10.50 ? 38  GLY A N   1 
ATOM   286  C  CA  . GLY A 1 38  ? 18.256  -0.971  -6.064  1.00 10.25 ? 38  GLY A CA  1 
ATOM   287  C  C   . GLY A 1 38  ? 17.812  -2.399  -6.211  1.00 9.98  ? 38  GLY A C   1 
ATOM   288  O  O   . GLY A 1 38  ? 17.518  -3.123  -5.219  1.00 11.01 ? 38  GLY A O   1 
ATOM   289  N  N   . ASN A 1 39  ? 17.706  -2.934  -7.440  1.00 9.22  ? 39  ASN A N   1 
ATOM   290  C  CA  . ASN A 1 39  ? 17.250  -4.308  -7.677  1.00 9.05  ? 39  ASN A CA  1 
ATOM   291  C  C   . ASN A 1 39  ? 15.927  -4.535  -6.933  1.00 9.16  ? 39  ASN A C   1 
ATOM   292  O  O   . ASN A 1 39  ? 15.708  -5.545  -6.265  1.00 9.44  ? 39  ASN A O   1 
ATOM   293  C  CB  . ASN A 1 39  ? 18.353  -5.268  -7.218  1.00 8.53  ? 39  ASN A CB  1 
ATOM   294  C  CG  . ASN A 1 39  ? 19.625  -5.143  -8.028  1.00 7.94  ? 39  ASN A CG  1 
ATOM   295  O  OD1 . ASN A 1 39  ? 19.572  -4.771  -9.190  1.00 6.40  ? 39  ASN A OD1 1 
ATOM   296  N  ND2 . ASN A 1 39  ? 20.807  -5.402  -7.447  1.00 8.80  ? 39  ASN A ND2 1 
ATOM   297  N  N   . ALA A 1 40  ? 15.021  -3.555  -7.042  1.00 9.33  ? 40  ALA A N   1 
ATOM   298  C  CA  . ALA A 1 40  ? 13.756  -3.541  -6.295  1.00 8.36  ? 40  ALA A CA  1 
ATOM   299  C  C   . ALA A 1 40  ? 12.828  -4.693  -6.672  1.00 8.69  ? 40  ALA A C   1 
ATOM   300  O  O   . ALA A 1 40  ? 12.785  -5.173  -7.810  1.00 9.80  ? 40  ALA A O   1 
ATOM   301  C  CB  . ALA A 1 40  ? 13.044  -2.205  -6.519  1.00 5.58  ? 40  ALA A CB  1 
ATOM   302  N  N   . ASP A 1 41  ? 12.064  -5.113  -5.664  1.00 7.80  ? 41  ASP A N   1 
ATOM   303  C  CA  . ASP A 1 41  ? 11.064  -6.161  -5.811  1.00 6.75  ? 41  ASP A CA  1 
ATOM   304  C  C   . ASP A 1 41  ? 9.812   -5.592  -6.467  1.00 5.89  ? 41  ASP A C   1 
ATOM   305  O  O   . ASP A 1 41  ? 9.198   -6.267  -7.311  1.00 7.54  ? 41  ASP A O   1 
ATOM   306  C  CB  . ASP A 1 41  ? 10.676  -6.761  -4.441  1.00 6.26  ? 41  ASP A CB  1 
ATOM   307  C  CG  . ASP A 1 41  ? 11.911  -7.358  -3.798  1.00 8.54  ? 41  ASP A CG  1 
ATOM   308  O  OD1 . ASP A 1 41  ? 12.448  -8.294  -4.473  1.00 9.23  ? 41  ASP A OD1 1 
ATOM   309  O  OD2 . ASP A 1 41  ? 12.409  -6.938  -2.745  1.00 8.51  ? 41  ASP A OD2 1 
ATOM   310  N  N   . PHE A 1 42  ? 9.420   -4.377  -6.088  1.00 5.42  ? 42  PHE A N   1 
ATOM   311  C  CA  . PHE A 1 42  ? 8.232   -3.775  -6.713  1.00 6.33  ? 42  PHE A CA  1 
ATOM   312  C  C   . PHE A 1 42  ? 8.480   -2.264  -6.878  1.00 5.86  ? 42  PHE A C   1 
ATOM   313  O  O   . PHE A 1 42  ? 9.366   -1.659  -6.254  1.00 6.77  ? 42  PHE A O   1 
ATOM   314  C  CB  . PHE A 1 42  ? 6.948   -4.073  -5.951  1.00 5.64  ? 42  PHE A CB  1 
ATOM   315  C  CG  . PHE A 1 42  ? 6.797   -3.389  -4.629  1.00 6.62  ? 42  PHE A CG  1 
ATOM   316  C  CD1 . PHE A 1 42  ? 7.381   -3.889  -3.474  1.00 7.72  ? 42  PHE A CD1 1 
ATOM   317  C  CD2 . PHE A 1 42  ? 5.954   -2.263  -4.555  1.00 7.59  ? 42  PHE A CD2 1 
ATOM   318  C  CE1 . PHE A 1 42  ? 7.216   -3.248  -2.255  1.00 7.27  ? 42  PHE A CE1 1 
ATOM   319  C  CE2 . PHE A 1 42  ? 5.740   -1.640  -3.343  1.00 8.49  ? 42  PHE A CE2 1 
ATOM   320  C  CZ  . PHE A 1 42  ? 6.394   -2.122  -2.210  1.00 8.68  ? 42  PHE A CZ  1 
ATOM   321  N  N   . SER A 1 43  ? 7.695   -1.722  -7.813  1.00 6.94  ? 43  SER A N   1 
ATOM   322  C  CA  . SER A 1 43  ? 7.799   -0.328  -8.200  1.00 7.06  ? 43  SER A CA  1 
ATOM   323  C  C   . SER A 1 43  ? 6.529   0.497   -8.253  1.00 6.29  ? 43  SER A C   1 
ATOM   324  O  O   . SER A 1 43  ? 5.448   -0.063  -8.395  1.00 6.89  ? 43  SER A O   1 
ATOM   325  C  CB  . SER A 1 43  ? 8.219   -0.367  -9.716  1.00 8.92  ? 43  SER A CB  1 
ATOM   326  O  OG  . SER A 1 43  ? 9.559   -0.804  -9.721  1.00 14.28 ? 43  SER A OG  1 
ATOM   327  N  N   . TYR A 1 44  ? 6.642   1.809   -8.125  1.00 5.63  ? 44  TYR A N   1 
ATOM   328  C  CA  . TYR A 1 44  ? 5.486   2.707   -8.185  1.00 4.07  ? 44  TYR A CA  1 
ATOM   329  C  C   . TYR A 1 44  ? 5.493   3.604   -9.429  1.00 5.10  ? 44  TYR A C   1 
ATOM   330  O  O   . TYR A 1 44  ? 6.576   4.087   -9.786  1.00 4.85  ? 44  TYR A O   1 
ATOM   331  C  CB  . TYR A 1 44  ? 5.556   3.613   -6.976  1.00 3.83  ? 44  TYR A CB  1 
ATOM   332  C  CG  . TYR A 1 44  ? 5.269   3.016   -5.629  1.00 1.63  ? 44  TYR A CG  1 
ATOM   333  C  CD1 . TYR A 1 44  ? 3.986   2.983   -5.119  1.00 1.63  ? 44  TYR A CD1 1 
ATOM   334  C  CD2 . TYR A 1 44  ? 6.328   2.522   -4.844  1.00 3.07  ? 44  TYR A CD2 1 
ATOM   335  C  CE1 . TYR A 1 44  ? 3.719   2.461   -3.871  1.00 1.63  ? 44  TYR A CE1 1 
ATOM   336  C  CE2 . TYR A 1 44  ? 6.066   2.011   -3.579  1.00 1.63  ? 44  TYR A CE2 1 
ATOM   337  C  CZ  . TYR A 1 44  ? 4.742   1.971   -3.091  1.00 2.68  ? 44  TYR A CZ  1 
ATOM   338  O  OH  . TYR A 1 44  ? 4.563   1.504   -1.811  1.00 4.43  ? 44  TYR A OH  1 
ATOM   339  N  N   . TYR A 1 45  ? 4.343   3.725   -10.080 1.00 1.63  ? 45  TYR A N   1 
ATOM   340  C  CA  . TYR A 1 45  ? 4.176   4.524   -11.309 1.00 2.49  ? 45  TYR A CA  1 
ATOM   341  C  C   . TYR A 1 45  ? 3.014   5.459   -11.046 1.00 1.63  ? 45  TYR A C   1 
ATOM   342  O  O   . TYR A 1 45  ? 2.279   5.232   -10.078 1.00 1.63  ? 45  TYR A O   1 
ATOM   343  C  CB  . TYR A 1 45  ? 3.818   3.654   -12.529 1.00 2.01  ? 45  TYR A CB  1 
ATOM   344  C  CG  . TYR A 1 45  ? 4.989   2.739   -12.816 1.00 4.62  ? 45  TYR A CG  1 
ATOM   345  C  CD1 . TYR A 1 45  ? 5.174   1.506   -12.222 1.00 7.75  ? 45  TYR A CD1 1 
ATOM   346  C  CD2 . TYR A 1 45  ? 5.980   3.224   -13.656 1.00 9.77  ? 45  TYR A CD2 1 
ATOM   347  C  CE1 . TYR A 1 45  ? 6.283   0.718   -12.461 1.00 9.37  ? 45  TYR A CE1 1 
ATOM   348  C  CE2 . TYR A 1 45  ? 7.121   2.450   -13.921 1.00 10.74 ? 45  TYR A CE2 1 
ATOM   349  C  CZ  . TYR A 1 45  ? 7.251   1.212   -13.323 1.00 13.08 ? 45  TYR A CZ  1 
ATOM   350  O  OH  . TYR A 1 45  ? 8.395   0.449   -13.602 1.00 16.33 ? 45  TYR A OH  1 
ATOM   351  N  N   . GLU A 1 46  ? 2.889   6.472   -11.873 1.00 1.63  ? 46  GLU A N   1 
ATOM   352  C  CA  . GLU A 1 46  ? 1.759   7.402   -11.652 1.00 1.63  ? 46  GLU A CA  1 
ATOM   353  C  C   . GLU A 1 46  ? 1.129   7.770   -12.990 1.00 1.89  ? 46  GLU A C   1 
ATOM   354  O  O   . GLU A 1 46  ? 1.868   7.711   -13.990 1.00 5.44  ? 46  GLU A O   1 
ATOM   355  C  CB  . GLU A 1 46  ? 2.248   8.635   -10.952 1.00 1.63  ? 46  GLU A CB  1 
ATOM   356  C  CG  . GLU A 1 46  ? 3.237   9.489   -11.756 1.00 1.63  ? 46  GLU A CG  1 
ATOM   357  C  CD  . GLU A 1 46  ? 3.634   10.754  -10.988 1.00 4.61  ? 46  GLU A CD  1 
ATOM   358  O  OE1 . GLU A 1 46  ? 4.188   10.542  -9.917  1.00 3.17  ? 46  GLU A OE1 1 
ATOM   359  O  OE2 . GLU A 1 46  ? 3.447   11.889  -11.457 1.00 1.63  ? 46  GLU A OE2 1 
ATOM   360  N  N   . GLY A 1 47  ? -0.092  8.274   -13.060 1.00 1.63  ? 47  GLY A N   1 
ATOM   361  C  CA  . GLY A 1 47  ? -0.738  8.720   -14.283 1.00 1.81  ? 47  GLY A CA  1 
ATOM   362  C  C   . GLY A 1 47  ? -2.223  8.853   -14.052 1.00 1.63  ? 47  GLY A C   1 
ATOM   363  O  O   . GLY A 1 47  ? -2.726  9.037   -12.925 1.00 3.54  ? 47  GLY A O   1 
ATOM   364  N  N   . ASN A 1 48  ? -2.988  8.769   -15.134 1.00 2.44  ? 48  ASN A N   1 
ATOM   365  C  CA  . ASN A 1 48  ? -4.450  8.863   -15.118 1.00 3.00  ? 48  ASN A CA  1 
ATOM   366  C  C   . ASN A 1 48  ? -5.097  7.545   -15.524 1.00 5.17  ? 48  ASN A C   1 
ATOM   367  O  O   . ASN A 1 48  ? -4.739  6.941   -16.589 1.00 5.82  ? 48  ASN A O   1 
ATOM   368  C  CB  . ASN A 1 48  ? -4.919  9.894   -16.164 1.00 1.63  ? 48  ASN A CB  1 
ATOM   369  C  CG  . ASN A 1 48  ? -4.822  11.316  -15.702 1.00 2.63  ? 48  ASN A CG  1 
ATOM   370  O  OD1 . ASN A 1 48  ? -4.230  12.257  -16.240 1.00 6.10  ? 48  ASN A OD1 1 
ATOM   371  N  ND2 . ASN A 1 48  ? -5.494  11.570  -14.598 1.00 1.63  ? 48  ASN A ND2 1 
ATOM   372  N  N   . ASP A 1 49  ? -6.026  7.087   -14.717 1.00 4.88  ? 49  ASP A N   1 
ATOM   373  C  CA  . ASP A 1 49  ? -6.784  5.859   -15.020 1.00 6.22  ? 49  ASP A CA  1 
ATOM   374  C  C   . ASP A 1 49  ? -8.066  6.127   -14.242 1.00 7.04  ? 49  ASP A C   1 
ATOM   375  O  O   . ASP A 1 49  ? -8.002  6.224   -13.009 1.00 7.98  ? 49  ASP A O   1 
ATOM   376  C  CB  . ASP A 1 49  ? -6.079  4.568   -14.628 1.00 6.02  ? 49  ASP A CB  1 
ATOM   377  C  CG  . ASP A 1 49  ? -6.882  3.378   -15.154 1.00 6.40  ? 49  ASP A CG  1 
ATOM   378  O  OD1 . ASP A 1 49  ? -8.153  3.343   -15.116 1.00 6.10  ? 49  ASP A OD1 1 
ATOM   379  O  OD2 . ASP A 1 49  ? -6.225  2.438   -15.626 1.00 1.63  ? 49  ASP A OD2 1 
ATOM   380  N  N   . SER A 1 50  ? -9.206  6.266   -14.963 1.00 8.28  ? 50  SER A N   1 
ATOM   381  C  CA  . SER A 1 50  ? -10.483 6.553   -14.305 1.00 8.97  ? 50  SER A CA  1 
ATOM   382  C  C   . SER A 1 50  ? -10.920 5.417   -13.403 1.00 9.04  ? 50  SER A C   1 
ATOM   383  O  O   . SER A 1 50  ? -11.809 5.669   -12.564 1.00 11.65 ? 50  SER A O   1 
ATOM   384  C  CB  . SER A 1 50  ? -11.566 6.877   -15.348 1.00 10.41 ? 50  SER A CB  1 
ATOM   385  O  OG  . SER A 1 50  ? -11.849 5.632   -15.984 1.00 13.06 ? 50  SER A OG  1 
ATOM   386  N  N   . ARG A 1 51  ? -10.357 4.229   -13.394 1.00 8.23  ? 51  ARG A N   1 
ATOM   387  C  CA  . ARG A 1 51  ? -10.687 3.213   -12.411 1.00 6.71  ? 51  ARG A CA  1 
ATOM   388  C  C   . ARG A 1 51  ? -9.950  3.516   -11.107 1.00 6.73  ? 51  ARG A C   1 
ATOM   389  O  O   . ARG A 1 51  ? -10.206 2.851   -10.091 1.00 9.13  ? 51  ARG A O   1 
ATOM   390  C  CB  . ARG A 1 51  ? -10.167 1.839   -12.873 1.00 8.87  ? 51  ARG A CB  1 
ATOM   391  C  CG  . ARG A 1 51  ? -10.963 1.441   -14.147 1.00 11.45 ? 51  ARG A CG  1 
ATOM   392  C  CD  . ARG A 1 51  ? -10.322 0.187   -14.740 1.00 13.87 ? 51  ARG A CD  1 
ATOM   393  N  NE  . ARG A 1 51  ? -8.946  0.524   -15.191 1.00 14.47 ? 51  ARG A NE  1 
ATOM   394  C  CZ  . ARG A 1 51  ? -8.273  -0.295  -15.999 1.00 17.20 ? 51  ARG A CZ  1 
ATOM   395  N  NH1 . ARG A 1 51  ? -8.675  -1.542  -16.276 1.00 17.82 ? 51  ARG A NH1 1 
ATOM   396  N  NH2 . ARG A 1 51  ? -7.177  0.156   -16.614 1.00 17.94 ? 51  ARG A NH2 1 
ATOM   397  N  N   . GLY A 1 52  ? -9.019  4.468   -11.049 1.00 2.99  ? 52  GLY A N   1 
ATOM   398  C  CA  . GLY A 1 52  ? -8.284  4.733   -9.828  1.00 1.63  ? 52  GLY A CA  1 
ATOM   399  C  C   . GLY A 1 52  ? -6.954  3.990   -9.835  1.00 1.63  ? 52  GLY A C   1 
ATOM   400  O  O   . GLY A 1 52  ? -6.482  3.461   -10.845 1.00 1.63  ? 52  GLY A O   1 
ATOM   401  N  N   . SER A 1 53  ? -6.295  3.991   -8.672  1.00 1.63  ? 53  SER A N   1 
ATOM   402  C  CA  . SER A 1 53  ? -4.994  3.321   -8.494  1.00 1.63  ? 53  SER A CA  1 
ATOM   403  C  C   . SER A 1 53  ? -5.175  1.820   -8.355  1.00 1.63  ? 53  SER A C   1 
ATOM   404  O  O   . SER A 1 53  ? -6.275  1.352   -8.016  1.00 1.63  ? 53  SER A O   1 
ATOM   405  C  CB  . SER A 1 53  ? -4.405  3.828   -7.165  1.00 4.04  ? 53  SER A CB  1 
ATOM   406  O  OG  . SER A 1 53  ? -4.298  5.270   -7.149  1.00 5.12  ? 53  SER A OG  1 
ATOM   407  N  N   . TYR A 1 54  ? -4.151  1.055   -8.670  1.00 1.63  ? 54  TYR A N   1 
ATOM   408  C  CA  . TYR A 1 54  ? -4.273  -0.387  -8.593  1.00 1.63  ? 54  TYR A CA  1 
ATOM   409  C  C   . TYR A 1 54  ? -2.880  -1.016  -8.405  1.00 2.59  ? 54  TYR A C   1 
ATOM   410  O  O   . TYR A 1 54  ? -1.834  -0.337  -8.604  1.00 1.63  ? 54  TYR A O   1 
ATOM   411  C  CB  . TYR A 1 54  ? -4.881  -0.926  -9.892  1.00 2.14  ? 54  TYR A CB  1 
ATOM   412  C  CG  . TYR A 1 54  ? -4.151  -0.603  -11.177 1.00 2.00  ? 54  TYR A CG  1 
ATOM   413  C  CD1 . TYR A 1 54  ? -3.123  -1.398  -11.684 1.00 3.29  ? 54  TYR A CD1 1 
ATOM   414  C  CD2 . TYR A 1 54  ? -4.524  0.535   -11.895 1.00 4.14  ? 54  TYR A CD2 1 
ATOM   415  C  CE1 . TYR A 1 54  ? -2.534  -1.063  -12.894 1.00 7.18  ? 54  TYR A CE1 1 
ATOM   416  C  CE2 . TYR A 1 54  ? -3.982  0.875   -13.100 1.00 6.82  ? 54  TYR A CE2 1 
ATOM   417  C  CZ  . TYR A 1 54  ? -2.943  0.058   -13.577 1.00 6.90  ? 54  TYR A CZ  1 
ATOM   418  O  OH  . TYR A 1 54  ? -2.348  0.401   -14.779 1.00 10.74 ? 54  TYR A OH  1 
ATOM   419  N  N   . ALA A 1 55  ? -2.868  -2.288  -8.102  1.00 1.63  ? 55  ALA A N   1 
ATOM   420  C  CA  . ALA A 1 55  ? -1.635  -3.016  -7.902  1.00 2.04  ? 55  ALA A CA  1 
ATOM   421  C  C   . ALA A 1 55  ? -1.640  -4.203  -8.844  1.00 2.84  ? 55  ALA A C   1 
ATOM   422  O  O   . ALA A 1 55  ? -2.683  -4.837  -8.997  1.00 5.46  ? 55  ALA A O   1 
ATOM   423  C  CB  . ALA A 1 55  ? -1.477  -3.552  -6.470  1.00 1.63  ? 55  ALA A CB  1 
ATOM   424  N  N   . GLN A 1 56  ? -0.508  -4.405  -9.530  1.00 2.96  ? 56  GLN A N   1 
ATOM   425  C  CA  . GLN A 1 56  ? -0.283  -5.573  -10.396 1.00 4.23  ? 56  GLN A CA  1 
ATOM   426  C  C   . GLN A 1 56  ? 0.728   -6.442  -9.592  1.00 1.65  ? 56  GLN A C   1 
ATOM   427  O  O   . GLN A 1 56  ? 1.898   -6.173  -9.605  1.00 1.63  ? 56  GLN A O   1 
ATOM   428  C  CB  . GLN A 1 56  ? 0.239   -5.238  -11.756 1.00 8.20  ? 56  GLN A CB  1 
ATOM   429  C  CG  . GLN A 1 56  ? 0.759   -6.402  -12.591 1.00 15.15 ? 56  GLN A CG  1 
ATOM   430  C  CD  . GLN A 1 56  ? -0.364  -7.245  -13.191 1.00 18.80 ? 56  GLN A CD  1 
ATOM   431  O  OE1 . GLN A 1 56  ? -1.572  -7.072  -12.922 1.00 20.13 ? 56  GLN A OE1 1 
ATOM   432  N  NE2 . GLN A 1 56  ? 0.095   -8.200  -14.026 1.00 22.04 ? 56  GLN A NE2 1 
ATOM   433  N  N   . THR A 1 57  ? 0.231   -7.430  -8.857  1.00 1.63  ? 57  THR A N   1 
ATOM   434  C  CA  . THR A 1 57  ? 1.167   -8.108  -7.975  1.00 1.75  ? 57  THR A CA  1 
ATOM   435  C  C   . THR A 1 57  ? 0.830   -9.553  -7.711  1.00 2.48  ? 57  THR A C   1 
ATOM   436  O  O   . THR A 1 57  ? -0.304  -9.966  -7.777  1.00 1.63  ? 57  THR A O   1 
ATOM   437  C  CB  . THR A 1 57  ? 1.127   -7.285  -6.644  1.00 1.63  ? 57  THR A CB  1 
ATOM   438  O  OG1 . THR A 1 57  ? 1.975   -7.867  -5.650  1.00 1.63  ? 57  THR A OG1 1 
ATOM   439  C  CG2 . THR A 1 57  ? -0.280  -7.140  -6.009  1.00 1.63  ? 57  THR A CG2 1 
ATOM   440  N  N   . ASP A 1 58  ? 1.910   -10.276 -7.291  1.00 4.66  ? 58  ASP A N   1 
ATOM   441  C  CA  . ASP A 1 58  ? 1.698   -11.701 -6.959  1.00 6.56  ? 58  ASP A CA  1 
ATOM   442  C  C   . ASP A 1 58  ? 1.249   -11.853 -5.506  1.00 7.16  ? 58  ASP A C   1 
ATOM   443  O  O   . ASP A 1 58  ? 1.072   -12.959 -4.997  1.00 8.46  ? 58  ASP A O   1 
ATOM   444  C  CB  . ASP A 1 58  ? 2.953   -12.554 -7.169  1.00 8.42  ? 58  ASP A CB  1 
ATOM   445  C  CG  . ASP A 1 58  ? 4.141   -12.197 -6.315  1.00 9.85  ? 58  ASP A CG  1 
ATOM   446  O  OD1 . ASP A 1 58  ? 4.159   -11.242 -5.502  1.00 10.29 ? 58  ASP A OD1 1 
ATOM   447  O  OD2 . ASP A 1 58  ? 5.209   -12.863 -6.412  1.00 12.31 ? 58  ASP A OD2 1 
ATOM   448  N  N   . GLY A 1 59  ? 1.107   -10.745 -4.779  1.00 7.10  ? 59  GLY A N   1 
ATOM   449  C  CA  . GLY A 1 59  ? 0.706   -10.789 -3.388  1.00 5.79  ? 59  GLY A CA  1 
ATOM   450  C  C   . GLY A 1 59  ? 1.801   -11.160 -2.399  1.00 5.46  ? 59  GLY A C   1 
ATOM   451  O  O   . GLY A 1 59  ? 1.494   -11.391 -1.213  1.00 6.03  ? 59  GLY A O   1 
ATOM   452  N  N   . HIS A 1 60  ? 3.038   -11.225 -2.814  1.00 5.39  ? 60  HIS A N   1 
ATOM   453  C  CA  . HIS A 1 60  ? 4.155   -11.564 -1.951  1.00 5.74  ? 60  HIS A CA  1 
ATOM   454  C  C   . HIS A 1 60  ? 5.400   -10.789 -2.329  1.00 6.00  ? 60  HIS A C   1 
ATOM   455  O  O   . HIS A 1 60  ? 6.494   -11.282 -2.573  1.00 8.13  ? 60  HIS A O   1 
ATOM   456  C  CB  . HIS A 1 60  ? 4.399   -13.084 -1.889  1.00 6.37  ? 60  HIS A CB  1 
ATOM   457  C  CG  . HIS A 1 60  ? 5.181   -13.488 -0.659  1.00 8.53  ? 60  HIS A CG  1 
ATOM   458  N  ND1 . HIS A 1 60  ? 4.681   -13.464 0.618   1.00 9.62  ? 60  HIS A ND1 1 
ATOM   459  C  CD2 . HIS A 1 60  ? 6.473   -13.902 -0.530  1.00 9.15  ? 60  HIS A CD2 1 
ATOM   460  C  CE1 . HIS A 1 60  ? 5.576   -13.887 1.498   1.00 10.63 ? 60  HIS A CE1 1 
ATOM   461  N  NE2 . HIS A 1 60  ? 6.661   -14.145 0.815   1.00 9.86  ? 60  HIS A NE2 1 
ATOM   462  N  N   . GLY A 1 61  ? 5.217   -9.463  -2.318  1.00 6.49  ? 61  GLY A N   1 
ATOM   463  C  CA  . GLY A 1 61  ? 6.296   -8.532  -2.587  1.00 7.52  ? 61  GLY A CA  1 
ATOM   464  C  C   . GLY A 1 61  ? 6.695   -8.073  -3.969  1.00 6.24  ? 61  GLY A C   1 
ATOM   465  O  O   . GLY A 1 61  ? 7.522   -7.165  -4.088  1.00 7.59  ? 61  GLY A O   1 
ATOM   466  N  N   . ARG A 1 62  ? 6.123   -8.653  -5.023  1.00 6.61  ? 62  ARG A N   1 
ATOM   467  C  CA  . ARG A 1 62  ? 6.516   -8.246  -6.350  1.00 7.05  ? 62  ARG A CA  1 
ATOM   468  C  C   . ARG A 1 62  ? 5.428   -7.682  -7.246  1.00 6.84  ? 62  ARG A C   1 
ATOM   469  O  O   . ARG A 1 62  ? 4.246   -8.030  -7.131  1.00 6.71  ? 62  ARG A O   1 
ATOM   470  C  CB  . ARG A 1 62  ? 6.985   -9.547  -7.049  1.00 10.37 ? 62  ARG A CB  1 
ATOM   471  C  CG  . ARG A 1 62  ? 8.176   -10.188 -6.355  1.00 14.74 ? 62  ARG A CG  1 
ATOM   472  C  CD  . ARG A 1 62  ? 8.387   -11.532 -7.040  1.00 20.83 ? 62  ARG A CD  1 
ATOM   473  N  NE  . ARG A 1 62  ? 9.115   -12.413 -6.132  1.00 27.77 ? 62  ARG A NE  1 
ATOM   474  C  CZ  . ARG A 1 62  ? 10.447  -12.413 -6.045  1.00 29.99 ? 62  ARG A CZ  1 
ATOM   475  N  NH1 . ARG A 1 62  ? 11.211  -11.673 -6.855  1.00 31.67 ? 62  ARG A NH1 1 
ATOM   476  N  NH2 . ARG A 1 62  ? 10.960  -13.190 -5.097  1.00 32.05 ? 62  ARG A NH2 1 
ATOM   477  N  N   . GLY A 1 63  ? 5.956   -6.871  -8.190  1.00 5.41  ? 63  GLY A N   1 
ATOM   478  C  CA  . GLY A 1 63  ? 5.098   -6.271  -9.230  1.00 3.28  ? 63  GLY A CA  1 
ATOM   479  C  C   . GLY A 1 63  ? 5.217   -4.742  -9.212  1.00 2.53  ? 63  GLY A C   1 
ATOM   480  O  O   . GLY A 1 63  ? 6.248   -4.160  -9.090  1.00 1.63  ? 63  GLY A O   1 
ATOM   481  N  N   . TYR A 1 64  ? 4.054   -4.088  -9.423  1.00 2.78  ? 64  TYR A N   1 
ATOM   482  C  CA  . TYR A 1 64  ? 4.062   -2.621  -9.392  1.00 2.73  ? 64  TYR A CA  1 
ATOM   483  C  C   . TYR A 1 64  ? 2.739   -2.058  -8.938  1.00 2.56  ? 64  TYR A C   1 
ATOM   484  O  O   . TYR A 1 64  ? 1.697   -2.733  -8.930  1.00 1.63  ? 64  TYR A O   1 
ATOM   485  C  CB  . TYR A 1 64  ? 4.406   -2.056  -10.767 1.00 6.41  ? 64  TYR A CB  1 
ATOM   486  C  CG  . TYR A 1 64  ? 3.479   -2.356  -11.905 1.00 9.40  ? 64  TYR A CG  1 
ATOM   487  C  CD1 . TYR A 1 64  ? 3.689   -3.470  -12.708 1.00 11.36 ? 64  TYR A CD1 1 
ATOM   488  C  CD2 . TYR A 1 64  ? 2.444   -1.481  -12.212 1.00 13.23 ? 64  TYR A CD2 1 
ATOM   489  C  CE1 . TYR A 1 64  ? 2.841   -3.724  -13.770 1.00 13.83 ? 64  TYR A CE1 1 
ATOM   490  C  CE2 . TYR A 1 64  ? 1.584   -1.712  -13.288 1.00 14.90 ? 64  TYR A CE2 1 
ATOM   491  C  CZ  . TYR A 1 64  ? 1.802   -2.860  -14.042 1.00 15.42 ? 64  TYR A CZ  1 
ATOM   492  O  OH  . TYR A 1 64  ? 0.963   -3.120  -15.132 1.00 19.05 ? 64  TYR A OH  1 
ATOM   493  N  N   . ILE A 1 65  ? 2.716   -0.789  -8.554  1.00 1.63  ? 65  ILE A N   1 
ATOM   494  C  CA  . ILE A 1 65  ? 1.508   -0.079  -8.128  1.00 1.63  ? 65  ILE A CA  1 
ATOM   495  C  C   . ILE A 1 65  ? 1.388   1.161   -9.041  1.00 1.63  ? 65  ILE A C   1 
ATOM   496  O  O   . ILE A 1 65  ? 2.418   1.783   -9.200  1.00 3.69  ? 65  ILE A O   1 
ATOM   497  C  CB  . ILE A 1 65  ? 1.512   0.382   -6.661  1.00 1.63  ? 65  ILE A CB  1 
ATOM   498  C  CG1 . ILE A 1 65  ? 1.348   -0.847  -5.767  1.00 2.33  ? 65  ILE A CG1 1 
ATOM   499  C  CG2 . ILE A 1 65  ? 0.397   1.363   -6.297  1.00 1.63  ? 65  ILE A CG2 1 
ATOM   500  C  CD1 . ILE A 1 65  ? 1.903   -0.515  -4.362  1.00 2.77  ? 65  ILE A CD1 1 
ATOM   501  N  N   . PHE A 1 66  ? 0.207   1.435   -9.553  1.00 1.63  ? 66  PHE A N   1 
ATOM   502  C  CA  . PHE A 1 66  ? -0.051  2.575   -10.409 1.00 2.18  ? 66  PHE A CA  1 
ATOM   503  C  C   . PHE A 1 66  ? -0.836  3.595   -9.570  1.00 1.63  ? 66  PHE A C   1 
ATOM   504  O  O   . PHE A 1 66  ? -1.906  3.165   -9.123  1.00 1.63  ? 66  PHE A O   1 
ATOM   505  C  CB  . PHE A 1 66  ? -0.901  2.166   -11.619 1.00 3.50  ? 66  PHE A CB  1 
ATOM   506  C  CG  . PHE A 1 66  ? -1.194  3.314   -12.573 1.00 5.65  ? 66  PHE A CG  1 
ATOM   507  C  CD1 . PHE A 1 66  ? -0.309  3.595   -13.588 1.00 7.14  ? 66  PHE A CD1 1 
ATOM   508  C  CD2 . PHE A 1 66  ? -2.360  4.067   -12.390 1.00 6.36  ? 66  PHE A CD2 1 
ATOM   509  C  CE1 . PHE A 1 66  ? -0.564  4.639   -14.454 1.00 7.71  ? 66  PHE A CE1 1 
ATOM   510  C  CE2 . PHE A 1 66  ? -2.630  5.121   -13.278 1.00 7.38  ? 66  PHE A CE2 1 
ATOM   511  C  CZ  . PHE A 1 66  ? -1.704  5.367   -14.292 1.00 7.73  ? 66  PHE A CZ  1 
ATOM   512  N  N   . LEU A 1 67  ? -0.367  4.796   -9.311  1.00 1.63  ? 67  LEU A N   1 
ATOM   513  C  CA  . LEU A 1 67  ? -1.168  5.716   -8.513  1.00 1.63  ? 67  LEU A CA  1 
ATOM   514  C  C   . LEU A 1 67  ? -1.846  6.689   -9.418  1.00 2.92  ? 67  LEU A C   1 
ATOM   515  O  O   . LEU A 1 67  ? -1.174  7.465   -10.128 1.00 2.19  ? 67  LEU A O   1 
ATOM   516  C  CB  . LEU A 1 67  ? -0.208  6.491   -7.573  1.00 1.63  ? 67  LEU A CB  1 
ATOM   517  C  CG  . LEU A 1 67  ? 0.429   5.526   -6.571  1.00 1.63  ? 67  LEU A CG  1 
ATOM   518  C  CD1 . LEU A 1 67  ? 1.622   6.155   -5.831  1.00 1.63  ? 67  LEU A CD1 1 
ATOM   519  C  CD2 . LEU A 1 67  ? -0.592  5.081   -5.505  1.00 1.63  ? 67  LEU A CD2 1 
ATOM   520  N  N   . ASP A 1 68  ? -3.178  6.788   -9.423  1.00 2.86  ? 68  ASP A N   1 
ATOM   521  C  CA  . ASP A 1 68  ? -3.957  7.713   -10.226 1.00 2.88  ? 68  ASP A CA  1 
ATOM   522  C  C   . ASP A 1 68  ? -4.054  9.096   -9.622  1.00 3.75  ? 68  ASP A C   1 
ATOM   523  O  O   . ASP A 1 68  ? -4.274  9.363   -8.435  1.00 2.02  ? 68  ASP A O   1 
ATOM   524  C  CB  . ASP A 1 68  ? -5.376  7.125   -10.313 1.00 1.63  ? 68  ASP A CB  1 
ATOM   525  C  CG  . ASP A 1 68  ? -6.340  8.004   -11.061 1.00 1.63  ? 68  ASP A CG  1 
ATOM   526  O  OD1 . ASP A 1 68  ? -6.104  8.279   -12.228 1.00 3.04  ? 68  ASP A OD1 1 
ATOM   527  O  OD2 . ASP A 1 68  ? -7.303  8.463   -10.406 1.00 6.30  ? 68  ASP A OD2 1 
ATOM   528  N  N   . TYR A 1 69  ? -3.902  10.117  -10.514 1.00 2.72  ? 69  TYR A N   1 
ATOM   529  C  CA  . TYR A 1 69  ? -3.970  11.510  -10.037 1.00 5.26  ? 69  TYR A CA  1 
ATOM   530  C  C   . TYR A 1 69  ? -5.303  11.943  -9.448  1.00 6.11  ? 69  TYR A C   1 
ATOM   531  O  O   . TYR A 1 69  ? -5.299  12.614  -8.391  1.00 6.64  ? 69  TYR A O   1 
ATOM   532  C  CB  . TYR A 1 69  ? -3.689  12.463  -11.201 1.00 3.54  ? 69  TYR A CB  1 
ATOM   533  C  CG  . TYR A 1 69  ? -2.307  12.365  -11.794 1.00 5.54  ? 69  TYR A CG  1 
ATOM   534  C  CD1 . TYR A 1 69  ? -1.179  12.274  -10.968 1.00 6.71  ? 69  TYR A CD1 1 
ATOM   535  C  CD2 . TYR A 1 69  ? -2.084  12.394  -13.161 1.00 5.68  ? 69  TYR A CD2 1 
ATOM   536  C  CE1 . TYR A 1 69  ? 0.110   12.189  -11.476 1.00 7.90  ? 69  TYR A CE1 1 
ATOM   537  C  CE2 . TYR A 1 69  ? -0.803  12.344  -13.706 1.00 5.97  ? 69  TYR A CE2 1 
ATOM   538  C  CZ  . TYR A 1 69  ? 0.288   12.243  -12.859 1.00 7.32  ? 69  TYR A CZ  1 
ATOM   539  O  OH  . TYR A 1 69  ? 1.574   12.170  -13.333 1.00 8.28  ? 69  TYR A OH  1 
ATOM   540  N  N   . GLN A 1 70  ? -6.420  11.617  -10.111 1.00 7.59  ? 70  GLN A N   1 
ATOM   541  C  CA  . GLN A 1 70  ? -7.705  12.042  -9.544  1.00 7.98  ? 70  GLN A CA  1 
ATOM   542  C  C   . GLN A 1 70  ? -8.035  11.338  -8.234  1.00 8.59  ? 70  GLN A C   1 
ATOM   543  O  O   . GLN A 1 70  ? -8.474  12.062  -7.313  1.00 9.46  ? 70  GLN A O   1 
ATOM   544  C  CB  . GLN A 1 70  ? -8.937  11.831  -10.439 1.00 10.18 ? 70  GLN A CB  1 
ATOM   545  C  CG  . GLN A 1 70  ? -8.912  12.793  -11.633 1.00 12.71 ? 70  GLN A CG  1 
ATOM   546  C  CD  . GLN A 1 70  ? -8.848  14.269  -11.242 1.00 15.06 ? 70  GLN A CD  1 
ATOM   547  O  OE1 . GLN A 1 70  ? -7.901  14.991  -11.586 1.00 16.50 ? 70  GLN A OE1 1 
ATOM   548  N  NE2 . GLN A 1 70  ? -9.861  14.606  -10.444 1.00 15.76 ? 70  GLN A NE2 1 
ATOM   549  N  N   . GLN A 1 71  ? -7.843  10.021  -8.133  1.00 8.58  ? 71  GLN A N   1 
ATOM   550  C  CA  . GLN A 1 71  ? -8.140  9.385   -6.860  1.00 6.98  ? 71  GLN A CA  1 
ATOM   551  C  C   . GLN A 1 71  ? -7.304  9.918   -5.708  1.00 7.79  ? 71  GLN A C   1 
ATOM   552  O  O   . GLN A 1 71  ? -7.769  10.068  -4.554  1.00 7.28  ? 71  GLN A O   1 
ATOM   553  C  CB  . GLN A 1 71  ? -7.792  7.903   -6.956  1.00 7.14  ? 71  GLN A CB  1 
ATOM   554  C  CG  . GLN A 1 71  ? -8.412  7.133   -5.779  1.00 7.58  ? 71  GLN A CG  1 
ATOM   555  C  CD  . GLN A 1 71  ? -8.088  5.680   -5.863  1.00 9.37  ? 71  GLN A CD  1 
ATOM   556  O  OE1 . GLN A 1 71  ? -6.963  5.345   -6.236  1.00 10.46 ? 71  GLN A OE1 1 
ATOM   557  N  NE2 . GLN A 1 71  ? -9.019  4.756   -5.619  1.00 12.77 ? 71  GLN A NE2 1 
ATOM   558  N  N   . ASN A 1 72  ? -6.021  10.222  -5.956  1.00 7.70  ? 72  ASN A N   1 
ATOM   559  C  CA  . ASN A 1 72  ? -5.177  10.722  -4.880  1.00 7.83  ? 72  ASN A CA  1 
ATOM   560  C  C   . ASN A 1 72  ? -5.471  12.199  -4.574  1.00 8.59  ? 72  ASN A C   1 
ATOM   561  O  O   . ASN A 1 72  ? -4.932  12.707  -3.575  1.00 9.45  ? 72  ASN A O   1 
ATOM   562  C  CB  . ASN A 1 72  ? -3.713  10.461  -5.229  1.00 9.02  ? 72  ASN A CB  1 
ATOM   563  C  CG  . ASN A 1 72  ? -3.347  8.981   -5.064  1.00 8.08  ? 72  ASN A CG  1 
ATOM   564  O  OD1 . ASN A 1 72  ? -3.451  8.172   -6.006  1.00 9.85  ? 72  ASN A OD1 1 
ATOM   565  N  ND2 . ASN A 1 72  ? -2.969  8.647   -3.854  1.00 6.37  ? 72  ASN A ND2 1 
ATOM   566  N  N   . GLN A 1 73  ? -6.242  12.919  -5.377  1.00 7.41  ? 73  GLN A N   1 
ATOM   567  C  CA  . GLN A 1 73  ? -6.585  14.280  -5.017  1.00 8.94  ? 73  GLN A CA  1 
ATOM   568  C  C   . GLN A 1 73  ? -7.930  14.234  -4.311  1.00 10.37 ? 73  GLN A C   1 
ATOM   569  O  O   . GLN A 1 73  ? -8.209  15.050  -3.398  1.00 13.18 ? 73  GLN A O   1 
ATOM   570  C  CB  . GLN A 1 73  ? -6.717  15.091  -6.299  1.00 9.22  ? 73  GLN A CB  1 
ATOM   571  C  CG  . GLN A 1 73  ? -5.298  15.423  -6.771  1.00 12.62 ? 73  GLN A CG  1 
ATOM   572  C  CD  . GLN A 1 73  ? -5.469  16.037  -8.155  1.00 15.14 ? 73  GLN A CD  1 
ATOM   573  O  OE1 . GLN A 1 73  ? -5.723  17.238  -8.230  1.00 18.60 ? 73  GLN A OE1 1 
ATOM   574  N  NE2 . GLN A 1 73  ? -5.365  15.248  -9.185  1.00 17.38 ? 73  GLN A NE2 1 
ATOM   575  N  N   . GLN A 1 74  ? -8.828  13.295  -4.646  1.00 9.82  ? 74  GLN A N   1 
ATOM   576  C  CA  . GLN A 1 74  ? -10.136 13.289  -4.004  1.00 10.81 ? 74  GLN A CA  1 
ATOM   577  C  C   . GLN A 1 74  ? -10.166 12.475  -2.730  1.00 9.93  ? 74  GLN A C   1 
ATOM   578  O  O   . GLN A 1 74  ? -11.078 12.705  -1.916  1.00 10.67 ? 74  GLN A O   1 
ATOM   579  C  CB  . GLN A 1 74  ? -11.161 12.725  -4.981  1.00 16.18 ? 74  GLN A CB  1 
ATOM   580  C  CG  . GLN A 1 74  ? -11.151 13.269  -6.382  1.00 22.72 ? 74  GLN A CG  1 
ATOM   581  C  CD  . GLN A 1 74  ? -11.367 14.696  -6.743  1.00 26.38 ? 74  GLN A CD  1 
ATOM   582  O  OE1 . GLN A 1 74  ? -10.555 15.628  -6.880  1.00 28.97 ? 74  GLN A OE1 1 
ATOM   583  N  NE2 . GLN A 1 74  ? -12.659 14.943  -7.031  1.00 30.01 ? 74  GLN A NE2 1 
ATOM   584  N  N   . TYR A 1 75  ? -9.257  11.547  -2.502  1.00 6.91  ? 75  TYR A N   1 
ATOM   585  C  CA  . TYR A 1 75  ? -9.236  10.715  -1.306  1.00 6.65  ? 75  TYR A CA  1 
ATOM   586  C  C   . TYR A 1 75  ? -7.880  10.977  -0.643  1.00 6.21  ? 75  TYR A C   1 
ATOM   587  O  O   . TYR A 1 75  ? -7.042  11.582  -1.330  1.00 7.30  ? 75  TYR A O   1 
ATOM   588  C  CB  . TYR A 1 75  ? -9.230  9.225   -1.631  1.00 6.88  ? 75  TYR A CB  1 
ATOM   589  C  CG  . TYR A 1 75  ? -10.562 8.772   -2.155  1.00 7.60  ? 75  TYR A CG  1 
ATOM   590  C  CD1 . TYR A 1 75  ? -10.925 9.085   -3.468  1.00 8.99  ? 75  TYR A CD1 1 
ATOM   591  C  CD2 . TYR A 1 75  ? -11.448 8.087   -1.368  1.00 8.65  ? 75  TYR A CD2 1 
ATOM   592  C  CE1 . TYR A 1 75  ? -12.148 8.719   -3.973  1.00 10.73 ? 75  TYR A CE1 1 
ATOM   593  C  CE2 . TYR A 1 75  ? -12.681 7.683   -1.868  1.00 10.21 ? 75  TYR A CE2 1 
ATOM   594  C  CZ  . TYR A 1 75  ? -13.006 8.012   -3.137  1.00 11.22 ? 75  TYR A CZ  1 
ATOM   595  O  OH  . TYR A 1 75  ? -14.229 7.647   -3.681  1.00 14.81 ? 75  TYR A OH  1 
ATOM   596  N  N   . ASP A 1 76  ? -7.726  10.591  0.610   1.00 5.74  ? 76  ASP A N   1 
ATOM   597  C  CA  . ASP A 1 76  ? -6.431  10.837  1.242   1.00 6.04  ? 76  ASP A CA  1 
ATOM   598  C  C   . ASP A 1 76  ? -5.398  9.971   0.533   1.00 5.16  ? 76  ASP A C   1 
ATOM   599  O  O   . ASP A 1 76  ? -5.509  8.716   0.492   1.00 5.19  ? 76  ASP A O   1 
ATOM   600  C  CB  . ASP A 1 76  ? -6.647  10.377  2.717   1.00 5.16  ? 76  ASP A CB  1 
ATOM   601  C  CG  . ASP A 1 76  ? -5.356  10.690  3.388   1.00 6.21  ? 76  ASP A CG  1 
ATOM   602  O  OD1 . ASP A 1 76  ? -5.209  11.888  3.754   1.00 5.91  ? 76  ASP A OD1 1 
ATOM   603  O  OD2 . ASP A 1 76  ? -4.377  9.919   3.461   1.00 1.63  ? 76  ASP A OD2 1 
ATOM   604  N  N   . SER A 1 77  ? -4.330  10.571  0.051   1.00 3.91  ? 77  SER A N   1 
ATOM   605  C  CA  . SER A 1 77  ? -3.297  9.851   -0.678  1.00 5.32  ? 77  SER A CA  1 
ATOM   606  C  C   . SER A 1 77  ? -2.478  8.887   0.140   1.00 3.58  ? 77  SER A C   1 
ATOM   607  O  O   . SER A 1 77  ? -1.982  7.873   -0.328  1.00 6.76  ? 77  SER A O   1 
ATOM   608  C  CB  . SER A 1 77  ? -2.315  10.879  -1.303  1.00 2.31  ? 77  SER A CB  1 
ATOM   609  O  OG  . SER A 1 77  ? -1.503  10.232  -2.235  1.00 1.63  ? 77  SER A OG  1 
ATOM   610  N  N   . THR A 1 78  ? -2.265  9.186   1.446   1.00 2.39  ? 78  THR A N   1 
ATOM   611  C  CA  . THR A 1 78  ? -1.497  8.197   2.225   1.00 1.63  ? 78  THR A CA  1 
ATOM   612  C  C   . THR A 1 78  ? -2.353  6.943   2.380   1.00 1.63  ? 78  THR A C   1 
ATOM   613  O  O   . THR A 1 78  ? -1.800  5.850   2.380   1.00 1.63  ? 78  THR A O   1 
ATOM   614  C  CB  . THR A 1 78  ? -1.214  8.690   3.660   1.00 1.63  ? 78  THR A CB  1 
ATOM   615  O  OG1 . THR A 1 78  ? -0.786  10.047  3.500   1.00 1.72  ? 78  THR A OG1 1 
ATOM   616  C  CG2 . THR A 1 78  ? -0.152  7.858   4.344   1.00 1.63  ? 78  THR A CG2 1 
ATOM   617  N  N   . ARG A 1 79  ? -3.691  7.107   2.524   1.00 1.63  ? 79  ARG A N   1 
ATOM   618  C  CA  . ARG A 1 79  ? -4.534  5.925   2.665   1.00 1.63  ? 79  ARG A CA  1 
ATOM   619  C  C   . ARG A 1 79  ? -4.515  5.144   1.343   1.00 1.63  ? 79  ARG A C   1 
ATOM   620  O  O   . ARG A 1 79  ? -4.399  3.904   1.348   1.00 1.63  ? 79  ARG A O   1 
ATOM   621  C  CB  . ARG A 1 79  ? -5.969  6.300   3.104   1.00 2.26  ? 79  ARG A CB  1 
ATOM   622  C  CG  . ARG A 1 79  ? -6.857  5.053   3.115   1.00 1.80  ? 79  ARG A CG  1 
ATOM   623  C  CD  . ARG A 1 79  ? -8.286  5.418   3.332   1.00 2.85  ? 79  ARG A CD  1 
ATOM   624  N  NE  . ARG A 1 79  ? -9.140  4.266   3.349   1.00 3.82  ? 79  ARG A NE  1 
ATOM   625  C  CZ  . ARG A 1 79  ? -9.450  3.363   4.284   1.00 4.13  ? 79  ARG A CZ  1 
ATOM   626  N  NH1 . ARG A 1 79  ? -8.915  3.397   5.514   1.00 3.26  ? 79  ARG A NH1 1 
ATOM   627  N  NH2 . ARG A 1 79  ? -10.334 2.382   4.030   1.00 5.16  ? 79  ARG A NH2 1 
ATOM   628  N  N   . VAL A 1 80  ? -4.586  5.864   0.235   1.00 1.63  ? 80  VAL A N   1 
ATOM   629  C  CA  . VAL A 1 80  ? -4.575  5.194   -1.077  1.00 1.63  ? 80  VAL A CA  1 
ATOM   630  C  C   . VAL A 1 80  ? -3.269  4.394   -1.254  1.00 1.63  ? 80  VAL A C   1 
ATOM   631  O  O   . VAL A 1 80  ? -3.332  3.187   -1.579  1.00 1.63  ? 80  VAL A O   1 
ATOM   632  C  CB  . VAL A 1 80  ? -4.813  6.159   -2.237  1.00 1.63  ? 80  VAL A CB  1 
ATOM   633  C  CG1 . VAL A 1 80  ? -4.687  5.475   -3.602  1.00 5.04  ? 80  VAL A CG1 1 
ATOM   634  C  CG2 . VAL A 1 80  ? -6.251  6.697   -2.153  1.00 1.63  ? 80  VAL A CG2 1 
ATOM   635  N  N   . THR A 1 81  ? -2.207  5.105   -0.980  1.00 1.63  ? 81  THR A N   1 
ATOM   636  C  CA  . THR A 1 81  ? -0.872  4.489   -1.164  1.00 1.84  ? 81  THR A CA  1 
ATOM   637  C  C   . THR A 1 81  ? -0.618  3.319   -0.240  1.00 1.63  ? 81  THR A C   1 
ATOM   638  O  O   . THR A 1 81  ? -0.181  2.252   -0.718  1.00 1.63  ? 81  THR A O   1 
ATOM   639  C  CB  . THR A 1 81  ? 0.178   5.620   -1.108  1.00 1.63  ? 81  THR A CB  1 
ATOM   640  O  OG1 . THR A 1 81  ? -0.120  6.672   -2.067  1.00 5.92  ? 81  THR A OG1 1 
ATOM   641  C  CG2 . THR A 1 81  ? 1.509   5.034   -1.570  1.00 1.63  ? 81  THR A CG2 1 
ATOM   642  N  N   . ALA A 1 82  ? -0.922  3.492   1.036   1.00 1.63  ? 82  ALA A N   1 
ATOM   643  C  CA  . ALA A 1 82  ? -0.772  2.432   2.010   1.00 1.63  ? 82  ALA A CA  1 
ATOM   644  C  C   . ALA A 1 82  ? -1.709  1.278   1.658   1.00 1.63  ? 82  ALA A C   1 
ATOM   645  O  O   . ALA A 1 82  ? -1.284  0.144   1.841   1.00 1.63  ? 82  ALA A O   1 
ATOM   646  C  CB  . ALA A 1 82  ? -1.081  2.900   3.435   1.00 1.63  ? 82  ALA A CB  1 
ATOM   647  N  N   . HIS A 1 83  ? -2.942  1.512   1.207   1.00 1.63  ? 83  HIS A N   1 
ATOM   648  C  CA  . HIS A 1 83  ? -3.876  0.440   0.820   1.00 1.63  ? 83  HIS A CA  1 
ATOM   649  C  C   . HIS A 1 83  ? -3.316  -0.435  -0.307  1.00 1.63  ? 83  HIS A C   1 
ATOM   650  O  O   . HIS A 1 83  ? -3.258  -1.684  -0.251  1.00 1.63  ? 83  HIS A O   1 
ATOM   651  C  CB  . HIS A 1 83  ? -5.208  1.171   0.449   1.00 1.63  ? 83  HIS A CB  1 
ATOM   652  C  CG  . HIS A 1 83  ? -6.145  0.206   -0.185  1.00 1.63  ? 83  HIS A CG  1 
ATOM   653  N  ND1 . HIS A 1 83  ? -6.969  -0.608  0.552   1.00 1.63  ? 83  HIS A ND1 1 
ATOM   654  C  CD2 . HIS A 1 83  ? -6.282  -0.086  -1.494  1.00 1.63  ? 83  HIS A CD2 1 
ATOM   655  C  CE1 . HIS A 1 83  ? -7.657  -1.422  -0.226  1.00 1.63  ? 83  HIS A CE1 1 
ATOM   656  N  NE2 . HIS A 1 83  ? -7.243  -1.058  -1.421  1.00 3.70  ? 83  HIS A NE2 1 
ATOM   657  N  N   . GLU A 1 84  ? -2.948  0.238   -1.417  1.00 1.63  ? 84  GLU A N   1 
ATOM   658  C  CA  . GLU A 1 84  ? -2.355  -0.480  -2.561  1.00 2.44  ? 84  GLU A CA  1 
ATOM   659  C  C   . GLU A 1 84  ? -1.117  -1.280  -2.192  1.00 2.08  ? 84  GLU A C   1 
ATOM   660  O  O   . GLU A 1 84  ? -0.926  -2.390  -2.675  1.00 1.63  ? 84  GLU A O   1 
ATOM   661  C  CB  . GLU A 1 84  ? -2.086  0.514   -3.694  1.00 3.09  ? 84  GLU A CB  1 
ATOM   662  C  CG  . GLU A 1 84  ? -3.341  1.094   -4.336  1.00 5.11  ? 84  GLU A CG  1 
ATOM   663  C  CD  . GLU A 1 84  ? -4.453  0.129   -4.764  1.00 6.32  ? 84  GLU A CD  1 
ATOM   664  O  OE1 . GLU A 1 84  ? -4.236  -0.987  -5.230  1.00 5.29  ? 84  GLU A OE1 1 
ATOM   665  O  OE2 . GLU A 1 84  ? -5.634  0.503   -4.591  1.00 6.95  ? 84  GLU A OE2 1 
ATOM   666  N  N   . THR A 1 85  ? -0.266  -0.734  -1.340  1.00 1.63  ? 85  THR A N   1 
ATOM   667  C  CA  . THR A 1 85  ? 0.921   -1.432  -0.827  1.00 1.63  ? 85  THR A CA  1 
ATOM   668  C  C   . THR A 1 85  ? 0.461   -2.656  -0.028  1.00 3.03  ? 85  THR A C   1 
ATOM   669  O  O   . THR A 1 85  ? 1.077   -3.749  -0.181  1.00 1.63  ? 85  THR A O   1 
ATOM   670  C  CB  . THR A 1 85  ? 1.717   -0.393  -0.016  1.00 3.26  ? 85  THR A CB  1 
ATOM   671  O  OG1 . THR A 1 85  ? 2.071   0.625   -0.923  1.00 1.63  ? 85  THR A OG1 1 
ATOM   672  C  CG2 . THR A 1 85  ? 2.940   -0.968  0.688   1.00 6.97  ? 85  THR A CG2 1 
ATOM   673  N  N   . GLY A 1 86  ? -0.668  -2.628  0.696   1.00 1.63  ? 86  GLY A N   1 
ATOM   674  C  CA  . GLY A 1 86  ? -1.193  -3.796  1.391   1.00 1.63  ? 86  GLY A CA  1 
ATOM   675  C  C   . GLY A 1 86  ? -1.388  -4.977  0.445   1.00 1.63  ? 86  GLY A C   1 
ATOM   676  O  O   . GLY A 1 86  ? -1.244  -6.147  0.876   1.00 1.63  ? 86  GLY A O   1 
ATOM   677  N  N   . HIS A 1 87  ? -1.763  -4.712  -0.810  1.00 1.63  ? 87  HIS A N   1 
ATOM   678  C  CA  . HIS A 1 87  ? -1.912  -5.792  -1.806  1.00 2.14  ? 87  HIS A CA  1 
ATOM   679  C  C   . HIS A 1 87  ? -0.634  -6.533  -2.152  1.00 2.46  ? 87  HIS A C   1 
ATOM   680  O  O   . HIS A 1 87  ? -0.616  -7.767  -2.283  1.00 1.63  ? 87  HIS A O   1 
ATOM   681  C  CB  . HIS A 1 87  ? -2.435  -5.220  -3.135  1.00 1.63  ? 87  HIS A CB  1 
ATOM   682  C  CG  . HIS A 1 87  ? -3.885  -4.926  -2.943  1.00 1.63  ? 87  HIS A CG  1 
ATOM   683  N  ND1 . HIS A 1 87  ? -4.760  -5.780  -2.273  1.00 1.63  ? 87  HIS A ND1 1 
ATOM   684  C  CD2 . HIS A 1 87  ? -4.569  -3.825  -3.358  1.00 1.63  ? 87  HIS A CD2 1 
ATOM   685  C  CE1 . HIS A 1 87  ? -5.957  -5.267  -2.251  1.00 1.63  ? 87  HIS A CE1 1 
ATOM   686  N  NE2 . HIS A 1 87  ? -5.781  -4.173  -2.909  1.00 1.63  ? 87  HIS A NE2 1 
ATOM   687  N  N   . VAL A 1 88  ? 0.430   -5.727  -2.254  1.00 1.63  ? 88  VAL A N   1 
ATOM   688  C  CA  . VAL A 1 88  ? 1.775   -6.281  -2.506  1.00 2.70  ? 88  VAL A CA  1 
ATOM   689  C  C   . VAL A 1 88  ? 2.158   -7.092  -1.281  1.00 1.63  ? 88  VAL A C   1 
ATOM   690  O  O   . VAL A 1 88  ? 2.823   -8.158  -1.410  1.00 4.56  ? 88  VAL A O   1 
ATOM   691  C  CB  . VAL A 1 88  ? 2.814   -5.159  -2.788  1.00 1.63  ? 88  VAL A CB  1 
ATOM   692  C  CG1 . VAL A 1 88  ? 4.227   -5.665  -2.971  1.00 1.63  ? 88  VAL A CG1 1 
ATOM   693  C  CG2 . VAL A 1 88  ? 2.398   -4.450  -4.082  1.00 1.63  ? 88  VAL A CG2 1 
ATOM   694  N  N   . LEU A 1 89  ? 1.688   -6.700  -0.068  1.00 1.82  ? 89  LEU A N   1 
ATOM   695  C  CA  . LEU A 1 89  ? 2.039   -7.523  1.099   1.00 1.63  ? 89  LEU A CA  1 
ATOM   696  C  C   . LEU A 1 89  ? 1.176   -8.771  1.217   1.00 1.63  ? 89  LEU A C   1 
ATOM   697  O  O   . LEU A 1 89  ? 1.532   -9.609  2.031   1.00 1.63  ? 89  LEU A O   1 
ATOM   698  C  CB  . LEU A 1 89  ? 2.021   -6.681  2.383   1.00 1.63  ? 89  LEU A CB  1 
ATOM   699  C  CG  . LEU A 1 89  ? 3.001   -5.494  2.388   1.00 1.63  ? 89  LEU A CG  1 
ATOM   700  C  CD1 . LEU A 1 89  ? 2.828   -4.633  3.625   1.00 3.49  ? 89  LEU A CD1 1 
ATOM   701  C  CD2 . LEU A 1 89  ? 4.438   -5.995  2.457   1.00 4.93  ? 89  LEU A CD2 1 
ATOM   702  N  N   . GLY A 1 90  ? 0.091   -8.896  0.472   1.00 1.63  ? 90  GLY A N   1 
ATOM   703  C  CA  . GLY A 1 90  ? -0.734  -10.118 0.476   1.00 1.63  ? 90  GLY A CA  1 
ATOM   704  C  C   . GLY A 1 90  ? -2.141  -9.946  0.917   1.00 1.77  ? 90  GLY A C   1 
ATOM   705  O  O   . GLY A 1 90  ? -2.923  -10.956 0.932   1.00 1.63  ? 90  GLY A O   1 
ATOM   706  N  N   . LEU A 1 91  ? -2.583  -8.723  1.295   1.00 1.63  ? 91  LEU A N   1 
ATOM   707  C  CA  . LEU A 1 91  ? -3.971  -8.575  1.743   1.00 1.63  ? 91  LEU A CA  1 
ATOM   708  C  C   . LEU A 1 91  ? -4.962  -8.271  0.632   1.00 1.63  ? 91  LEU A C   1 
ATOM   709  O  O   . LEU A 1 91  ? -4.725  -7.488  -0.277  1.00 1.63  ? 91  LEU A O   1 
ATOM   710  C  CB  . LEU A 1 91  ? -4.132  -7.443  2.767   1.00 1.63  ? 91  LEU A CB  1 
ATOM   711  C  CG  . LEU A 1 91  ? -3.201  -7.553  3.955   1.00 1.63  ? 91  LEU A CG  1 
ATOM   712  C  CD1 . LEU A 1 91  ? -3.457  -6.379  4.926   1.00 1.63  ? 91  LEU A CD1 1 
ATOM   713  C  CD2 . LEU A 1 91  ? -3.397  -8.791  4.793   1.00 4.06  ? 91  LEU A CD2 1 
ATOM   714  N  N   . PRO A 1 92  ? -6.140  -8.877  0.684   1.00 1.63  ? 92  PRO A N   1 
ATOM   715  C  CA  . PRO A 1 92  ? -7.139  -8.668  -0.327  1.00 1.63  ? 92  PRO A CA  1 
ATOM   716  C  C   . PRO A 1 92  ? -8.038  -7.463  -0.074  1.00 1.63  ? 92  PRO A C   1 
ATOM   717  O  O   . PRO A 1 92  ? -8.128  -6.935  1.047   1.00 1.63  ? 92  PRO A O   1 
ATOM   718  C  CB  . PRO A 1 92  ? -7.993  -9.985  -0.233  1.00 1.63  ? 92  PRO A CB  1 
ATOM   719  C  CG  . PRO A 1 92  ? -7.956  -10.213 1.275   1.00 1.63  ? 92  PRO A CG  1 
ATOM   720  C  CD  . PRO A 1 92  ? -6.575  -9.859  1.715   1.00 2.51  ? 92  PRO A CD  1 
ATOM   721  N  N   . ASP A 1 93  ? -8.695  -7.122  -1.161  1.00 1.63  ? 93  ASP A N   1 
ATOM   722  C  CA  . ASP A 1 93  ? -9.682  -6.051  -1.021  1.00 4.51  ? 93  ASP A CA  1 
ATOM   723  C  C   . ASP A 1 93  ? -10.888 -6.484  -0.184  1.00 5.26  ? 93  ASP A C   1 
ATOM   724  O  O   . ASP A 1 93  ? -11.276 -7.655  -0.298  1.00 1.63  ? 93  ASP A O   1 
ATOM   725  C  CB  . ASP A 1 93  ? -10.334 -5.736  -2.381  1.00 4.28  ? 93  ASP A CB  1 
ATOM   726  C  CG  . ASP A 1 93  ? -9.443  -4.851  -3.226  1.00 5.34  ? 93  ASP A CG  1 
ATOM   727  O  OD1 . ASP A 1 93  ? -9.353  -3.809  -2.557  1.00 8.45  ? 93  ASP A OD1 1 
ATOM   728  O  OD2 . ASP A 1 93  ? -8.903  -5.061  -4.319  1.00 8.70  ? 93  ASP A OD2 1 
ATOM   729  N  N   . HIS A 1 94  ? -11.426 -5.576  0.637   1.00 6.07  ? 94  HIS A N   1 
ATOM   730  C  CA  . HIS A 1 94  ? -12.584 -5.879  1.466   1.00 7.15  ? 94  HIS A CA  1 
ATOM   731  C  C   . HIS A 1 94  ? -13.432 -4.586  1.519   1.00 6.05  ? 94  HIS A C   1 
ATOM   732  O  O   . HIS A 1 94  ? -13.578 -3.939  2.525   1.00 7.15  ? 94  HIS A O   1 
ATOM   733  C  CB  . HIS A 1 94  ? -12.172 -6.289  2.878   1.00 8.23  ? 94  HIS A CB  1 
ATOM   734  C  CG  . HIS A 1 94  ? -13.334 -6.777  3.690   1.00 10.42 ? 94  HIS A CG  1 
ATOM   735  N  ND1 . HIS A 1 94  ? -13.618 -6.264  4.920   1.00 12.10 ? 94  HIS A ND1 1 
ATOM   736  C  CD2 . HIS A 1 94  ? -14.281 -7.727  3.432   1.00 12.04 ? 94  HIS A CD2 1 
ATOM   737  C  CE1 . HIS A 1 94  ? -14.694 -6.856  5.425   1.00 11.39 ? 94  HIS A CE1 1 
ATOM   738  N  NE2 . HIS A 1 94  ? -15.128 -7.724  4.535   1.00 12.92 ? 94  HIS A NE2 1 
ATOM   739  N  N   . TYR A 1 95  ? -13.984 -4.219  0.361   1.00 7.51  ? 95  TYR A N   1 
ATOM   740  C  CA  . TYR A 1 95  ? -14.722 -2.982  0.172   1.00 8.65  ? 95  TYR A CA  1 
ATOM   741  C  C   . TYR A 1 95  ? -15.859 -2.716  1.135   1.00 9.44  ? 95  TYR A C   1 
ATOM   742  O  O   . TYR A 1 95  ? -16.162 -1.528  1.332   1.00 10.59 ? 95  TYR A O   1 
ATOM   743  C  CB  . TYR A 1 95  ? -15.301 -2.971  -1.267  1.00 8.46  ? 95  TYR A CB  1 
ATOM   744  C  CG  . TYR A 1 95  ? -14.266 -3.094  -2.370  1.00 8.77  ? 95  TYR A CG  1 
ATOM   745  C  CD1 . TYR A 1 95  ? -13.060 -2.374  -2.389  1.00 9.86  ? 95  TYR A CD1 1 
ATOM   746  C  CD2 . TYR A 1 95  ? -14.558 -3.927  -3.462  1.00 9.48  ? 95  TYR A CD2 1 
ATOM   747  C  CE1 . TYR A 1 95  ? -12.158 -2.512  -3.444  1.00 10.25 ? 95  TYR A CE1 1 
ATOM   748  C  CE2 . TYR A 1 95  ? -13.654 -4.072  -4.519  1.00 9.24  ? 95  TYR A CE2 1 
ATOM   749  C  CZ  . TYR A 1 95  ? -12.473 -3.341  -4.496  1.00 9.99  ? 95  TYR A CZ  1 
ATOM   750  O  OH  . TYR A 1 95  ? -11.592 -3.454  -5.562  1.00 9.87  ? 95  TYR A OH  1 
ATOM   751  N  N   . GLN A 1 96  ? -16.449 -3.731  1.742   1.00 9.64  ? 96  GLN A N   1 
ATOM   752  C  CA  . GLN A 1 96  ? -17.551 -3.478  2.676   1.00 10.81 ? 96  GLN A CA  1 
ATOM   753  C  C   . GLN A 1 96  ? -17.111 -3.173  4.087   1.00 9.96  ? 96  GLN A C   1 
ATOM   754  O  O   . GLN A 1 96  ? -17.946 -2.904  4.958   1.00 11.60 ? 96  GLN A O   1 
ATOM   755  C  CB  . GLN A 1 96  ? -18.471 -4.693  2.703   1.00 13.52 ? 96  GLN A CB  1 
ATOM   756  C  CG  . GLN A 1 96  ? -17.845 -6.011  3.092   1.00 17.82 ? 96  GLN A CG  1 
ATOM   757  C  CD  . GLN A 1 96  ? -17.221 -6.856  1.996   1.00 21.24 ? 96  GLN A CD  1 
ATOM   758  O  OE1 . GLN A 1 96  ? -16.414 -6.396  1.171   1.00 22.00 ? 96  GLN A OE1 1 
ATOM   759  N  NE2 . GLN A 1 96  ? -17.520 -8.181  1.955   1.00 22.22 ? 96  GLN A NE2 1 
ATOM   760  N  N   . GLY A 1 97  ? -15.824 -3.180  4.384   1.00 8.76  ? 97  GLY A N   1 
ATOM   761  C  CA  . GLY A 1 97  ? -15.374 -2.913  5.735   1.00 7.59  ? 97  GLY A CA  1 
ATOM   762  C  C   . GLY A 1 97  ? -15.397 -1.428  6.070   1.00 6.15  ? 97  GLY A C   1 
ATOM   763  O  O   . GLY A 1 97  ? -15.536 -0.620  5.157   1.00 5.14  ? 97  GLY A O   1 
ATOM   764  N  N   . PRO A 1 98  ? -15.241 -1.104  7.348   1.00 7.37  ? 98  PRO A N   1 
ATOM   765  C  CA  . PRO A 1 98  ? -15.237 0.252   7.828   1.00 7.37  ? 98  PRO A CA  1 
ATOM   766  C  C   . PRO A 1 98  ? -13.938 0.996   7.522   1.00 7.31  ? 98  PRO A C   1 
ATOM   767  O  O   . PRO A 1 98  ? -12.968 0.407   7.038   1.00 7.75  ? 98  PRO A O   1 
ATOM   768  C  CB  . PRO A 1 98  ? -15.377 0.120   9.371   1.00 7.47  ? 98  PRO A CB  1 
ATOM   769  C  CG  . PRO A 1 98  ? -14.649 -1.163  9.599   1.00 7.49  ? 98  PRO A CG  1 
ATOM   770  C  CD  . PRO A 1 98  ? -15.029 -2.067  8.440   1.00 7.01  ? 98  PRO A CD  1 
ATOM   771  N  N   . CYS A 1 99  ? -13.951 2.276   7.913   1.00 7.38  ? 99  CYS A N   1 
ATOM   772  C  CA  . CYS A 1 99  ? -12.770 3.116   7.716   1.00 7.50  ? 99  CYS A CA  1 
ATOM   773  C  C   . CYS A 1 99  ? -11.574 2.602   8.512   1.00 7.08  ? 99  CYS A C   1 
ATOM   774  O  O   . CYS A 1 99  ? -10.425 2.716   8.027   1.00 7.42  ? 99  CYS A O   1 
ATOM   775  C  CB  . CYS A 1 99  ? -13.139 4.560   8.115   1.00 7.20  ? 99  CYS A CB  1 
ATOM   776  S  SG  . CYS A 1 99  ? -11.812 5.756   7.851   1.00 8.54  ? 99  CYS A SG  1 
ATOM   777  N  N   . SER A 1 100 ? -11.818 1.986   9.672   1.00 7.19  ? 100 SER A N   1 
ATOM   778  C  CA  . SER A 1 100 ? -10.669 1.461   10.437  1.00 7.00  ? 100 SER A CA  1 
ATOM   779  C  C   . SER A 1 100 ? -9.953  0.276   9.809   1.00 5.60  ? 100 SER A C   1 
ATOM   780  O  O   . SER A 1 100 ? -8.870  -0.099  10.301  1.00 6.39  ? 100 SER A O   1 
ATOM   781  C  CB  . SER A 1 100 ? -11.187 1.117   11.843  1.00 8.15  ? 100 SER A CB  1 
ATOM   782  O  OG  . SER A 1 100 ? -12.344 0.318   11.677  1.00 7.56  ? 100 SER A OG  1 
ATOM   783  N  N   . GLU A 1 101 ? -10.410 -0.342  8.749   1.00 4.45  ? 101 GLU A N   1 
ATOM   784  C  CA  . GLU A 1 101 ? -9.844  -1.395  7.963   1.00 3.21  ? 101 GLU A CA  1 
ATOM   785  C  C   . GLU A 1 101 ? -9.147  -0.679  6.765   1.00 3.37  ? 101 GLU A C   1 
ATOM   786  O  O   . GLU A 1 101 ? -9.823  -0.002  5.955   1.00 1.63  ? 101 GLU A O   1 
ATOM   787  C  CB  . GLU A 1 101 ? -10.760 -2.343  7.183   1.00 7.65  ? 101 GLU A CB  1 
ATOM   788  C  CG  . GLU A 1 101 ? -11.204 -3.515  8.001   1.00 11.63 ? 101 GLU A CG  1 
ATOM   789  C  CD  . GLU A 1 101 ? -12.057 -4.538  7.287   1.00 13.08 ? 101 GLU A CD  1 
ATOM   790  O  OE1 . GLU A 1 101 ? -11.951 -4.745  6.084   1.00 14.67 ? 101 GLU A OE1 1 
ATOM   791  O  OE2 . GLU A 1 101 ? -12.858 -5.121  8.065   1.00 17.42 ? 101 GLU A OE2 1 
ATOM   792  N  N   . LEU A 1 102 ? -7.831  -0.769  6.763   1.00 1.63  ? 102 LEU A N   1 
ATOM   793  C  CA  . LEU A 1 102 ? -7.162  -0.105  5.636   1.00 1.63  ? 102 LEU A CA  1 
ATOM   794  C  C   . LEU A 1 102 ? -7.606  -0.747  4.302   1.00 1.63  ? 102 LEU A C   1 
ATOM   795  O  O   . LEU A 1 102 ? -7.647  -0.070  3.287   1.00 1.63  ? 102 LEU A O   1 
ATOM   796  C  CB  . LEU A 1 102 ? -5.645  -0.224  5.758   1.00 1.63  ? 102 LEU A CB  1 
ATOM   797  C  CG  . LEU A 1 102 ? -4.758  0.300   4.609   1.00 2.69  ? 102 LEU A CG  1 
ATOM   798  C  CD1 . LEU A 1 102 ? -4.855  1.796   4.371   1.00 2.54  ? 102 LEU A CD1 1 
ATOM   799  C  CD2 . LEU A 1 102 ? -3.294  -0.024  4.966   1.00 1.63  ? 102 LEU A CD2 1 
ATOM   800  N  N   . MET A 1 103 ? -7.882  -2.063  4.287   1.00 1.63  ? 103 MET A N   1 
ATOM   801  C  CA  . MET A 1 103 ? -8.200  -2.793  3.065   1.00 1.63  ? 103 MET A CA  1 
ATOM   802  C  C   . MET A 1 103 ? -9.605  -2.681  2.514   1.00 2.58  ? 103 MET A C   1 
ATOM   803  O  O   . MET A 1 103 ? -9.908  -3.200  1.408   1.00 2.94  ? 103 MET A O   1 
ATOM   804  C  CB  . MET A 1 103 ? -7.734  -4.251  3.161   1.00 1.63  ? 103 MET A CB  1 
ATOM   805  C  CG  . MET A 1 103 ? -6.246  -4.383  3.507   1.00 1.63  ? 103 MET A CG  1 
ATOM   806  S  SD  . MET A 1 103 ? -5.113  -3.312  2.560   1.00 1.63  ? 103 MET A SD  1 
ATOM   807  C  CE  . MET A 1 103 ? -5.409  -4.017  0.879   1.00 1.63  ? 103 MET A CE  1 
ATOM   808  N  N   . SER A 1 104 ? -10.401 -1.830  3.160   1.00 2.73  ? 104 SER A N   1 
ATOM   809  C  CA  . SER A 1 104 ? -11.716 -1.439  2.637   1.00 3.38  ? 104 SER A CA  1 
ATOM   810  C  C   . SER A 1 104 ? -11.493 -0.392  1.553   1.00 5.19  ? 104 SER A C   1 
ATOM   811  O  O   . SER A 1 104 ? -12.405 -0.038  0.756   1.00 7.47  ? 104 SER A O   1 
ATOM   812  C  CB  . SER A 1 104 ? -12.670 -0.909  3.699   1.00 1.63  ? 104 SER A CB  1 
ATOM   813  O  OG  . SER A 1 104 ? -12.130 0.245   4.284   1.00 3.85  ? 104 SER A OG  1 
ATOM   814  N  N   . GLY A 1 105 ? -10.297 0.193   1.409   1.00 4.75  ? 105 GLY A N   1 
ATOM   815  C  CA  . GLY A 1 105 ? -9.924  1.147   0.384   1.00 6.32  ? 105 GLY A CA  1 
ATOM   816  C  C   . GLY A 1 105 ? -10.935 2.283   0.209   1.00 6.57  ? 105 GLY A C   1 
ATOM   817  O  O   . GLY A 1 105 ? -11.214 2.951   1.203   1.00 7.13  ? 105 GLY A O   1 
ATOM   818  N  N   . GLY A 1 106 ? -11.503 2.521   -0.967  1.00 6.54  ? 106 GLY A N   1 
ATOM   819  C  CA  . GLY A 1 106 ? -12.458 3.602   -1.144  1.00 6.33  ? 106 GLY A CA  1 
ATOM   820  C  C   . GLY A 1 106 ? -13.870 3.340   -0.663  1.00 7.18  ? 106 GLY A C   1 
ATOM   821  O  O   . GLY A 1 106 ? -14.680 4.271   -0.654  1.00 8.40  ? 106 GLY A O   1 
ATOM   822  N  N   . GLY A 1 107 ? -14.233 2.133   -0.233  1.00 6.87  ? 107 GLY A N   1 
ATOM   823  C  CA  . GLY A 1 107 ? -15.572 1.819   0.281   1.00 7.49  ? 107 GLY A CA  1 
ATOM   824  C  C   . GLY A 1 107 ? -16.165 2.895   1.182   1.00 6.91  ? 107 GLY A C   1 
ATOM   825  O  O   . GLY A 1 107 ? -17.294 3.406   0.916   1.00 9.28  ? 107 GLY A O   1 
ATOM   826  N  N   . PRO A 1 108 ? -15.484 3.260   2.274   1.00 6.65  ? 108 PRO A N   1 
ATOM   827  C  CA  . PRO A 1 108 ? -15.982 4.267   3.213   1.00 6.00  ? 108 PRO A CA  1 
ATOM   828  C  C   . PRO A 1 108 ? -16.096 5.667   2.619   1.00 7.10  ? 108 PRO A C   1 
ATOM   829  O  O   . PRO A 1 108 ? -16.770 6.477   3.250   1.00 8.59  ? 108 PRO A O   1 
ATOM   830  C  CB  . PRO A 1 108 ? -15.032 4.234   4.406   1.00 5.06  ? 108 PRO A CB  1 
ATOM   831  C  CG  . PRO A 1 108 ? -14.210 3.003   4.240   1.00 5.51  ? 108 PRO A CG  1 
ATOM   832  C  CD  . PRO A 1 108 ? -14.232 2.671   2.760   1.00 5.03  ? 108 PRO A CD  1 
ATOM   833  N  N   . GLY A 1 109 ? -15.537 5.969   1.478   1.00 7.86  ? 109 GLY A N   1 
ATOM   834  C  CA  . GLY A 1 109 ? -15.663 7.279   0.875   1.00 7.16  ? 109 GLY A CA  1 
ATOM   835  C  C   . GLY A 1 109 ? -14.501 8.191   1.256   1.00 7.60  ? 109 GLY A C   1 
ATOM   836  O  O   . GLY A 1 109 ? -13.629 7.824   2.076   1.00 8.19  ? 109 GLY A O   1 
ATOM   837  N  N   . PRO A 1 110 ? -14.505 9.385   0.672   1.00 8.41  ? 110 PRO A N   1 
ATOM   838  C  CA  . PRO A 1 110 ? -13.451 10.367  0.847   1.00 8.74  ? 110 PRO A CA  1 
ATOM   839  C  C   . PRO A 1 110 ? -13.347 10.996  2.236   1.00 8.76  ? 110 PRO A C   1 
ATOM   840  O  O   . PRO A 1 110 ? -12.327 11.649  2.579   1.00 8.97  ? 110 PRO A O   1 
ATOM   841  C  CB  . PRO A 1 110 ? -13.657 11.346  -0.318  1.00 8.97  ? 110 PRO A CB  1 
ATOM   842  C  CG  . PRO A 1 110 ? -15.074 11.180  -0.736  1.00 9.84  ? 110 PRO A CG  1 
ATOM   843  C  CD  . PRO A 1 110 ? -15.534 9.828   -0.303  1.00 8.58  ? 110 PRO A CD  1 
ATOM   844  N  N   . SER A 1 111 ? -14.371 10.806  3.072   1.00 7.43  ? 111 SER A N   1 
ATOM   845  C  CA  . SER A 1 111 ? -14.291 11.307  4.442   1.00 8.51  ? 111 SER A CA  1 
ATOM   846  C  C   . SER A 1 111 ? -13.358 10.403  5.273   1.00 8.53  ? 111 SER A C   1 
ATOM   847  O  O   . SER A 1 111 ? -12.869 10.892  6.322   1.00 7.98  ? 111 SER A O   1 
ATOM   848  C  CB  . SER A 1 111 ? -15.645 11.412  5.151   1.00 10.72 ? 111 SER A CB  1 
ATOM   849  O  OG  . SER A 1 111 ? -16.169 10.107  5.385   1.00 12.96 ? 111 SER A OG  1 
ATOM   850  N  N   . CYS A 1 112 ? -13.101 9.184   4.823   1.00 5.94  ? 112 CYS A N   1 
ATOM   851  C  CA  . CYS A 1 112 ? -12.226 8.252   5.508   1.00 5.91  ? 112 CYS A CA  1 
ATOM   852  C  C   . CYS A 1 112 ? -10.761 8.532   5.175   1.00 6.64  ? 112 CYS A C   1 
ATOM   853  O  O   . CYS A 1 112 ? -10.331 8.352   4.018   1.00 8.72  ? 112 CYS A O   1 
ATOM   854  C  CB  . CYS A 1 112 ? -12.610 6.812   5.121   1.00 4.26  ? 112 CYS A CB  1 
ATOM   855  S  SG  . CYS A 1 112 ? -11.426 5.641   5.850   1.00 2.69  ? 112 CYS A SG  1 
ATOM   856  N  N   . THR A 1 113 ? -9.964  9.020   6.156   1.00 6.23  ? 113 THR A N   1 
ATOM   857  C  CA  . THR A 1 113 ? -8.556  9.320   5.861   1.00 7.39  ? 113 THR A CA  1 
ATOM   858  C  C   . THR A 1 113 ? -7.501  8.437   6.520   1.00 7.68  ? 113 THR A C   1 
ATOM   859  O  O   . THR A 1 113 ? -6.294  8.598   6.260   1.00 9.44  ? 113 THR A O   1 
ATOM   860  C  CB  . THR A 1 113 ? -8.239  10.775  6.256   1.00 7.25  ? 113 THR A CB  1 
ATOM   861  O  OG1 . THR A 1 113 ? -8.324  10.896  7.682   1.00 8.96  ? 113 THR A OG1 1 
ATOM   862  C  CG2 . THR A 1 113 ? -9.277  11.712  5.608   1.00 8.89  ? 113 THR A CG2 1 
ATOM   863  N  N   . ASN A 1 114 ? -7.932  7.510   7.367   1.00 6.94  ? 114 ASN A N   1 
ATOM   864  C  CA  . ASN A 1 114 ? -7.017  6.607   8.082   1.00 5.24  ? 114 ASN A CA  1 
ATOM   865  C  C   . ASN A 1 114 ? -6.134  5.784   7.153   1.00 4.65  ? 114 ASN A C   1 
ATOM   866  O  O   . ASN A 1 114 ? -6.632  4.996   6.345   1.00 3.31  ? 114 ASN A O   1 
ATOM   867  C  CB  . ASN A 1 114 ? -7.898  5.654   8.943   1.00 5.51  ? 114 ASN A CB  1 
ATOM   868  C  CG  . ASN A 1 114 ? -7.107  4.474   9.513   1.00 5.98  ? 114 ASN A CG  1 
ATOM   869  O  OD1 . ASN A 1 114 ? -6.036  4.702   10.100  1.00 6.16  ? 114 ASN A OD1 1 
ATOM   870  N  ND2 . ASN A 1 114 ? -7.554  3.275   9.205   1.00 7.06  ? 114 ASN A ND2 1 
ATOM   871  N  N   . PRO A 1 115 ? -4.803  5.928   7.302   1.00 5.34  ? 115 PRO A N   1 
ATOM   872  C  CA  . PRO A 1 115 ? -3.881  5.140   6.481   1.00 5.50  ? 115 PRO A CA  1 
ATOM   873  C  C   . PRO A 1 115 ? -3.349  3.925   7.248   1.00 5.65  ? 115 PRO A C   1 
ATOM   874  O  O   . PRO A 1 115 ? -2.532  3.203   6.683   1.00 6.35  ? 115 PRO A O   1 
ATOM   875  C  CB  . PRO A 1 115 ? -2.761  6.174   6.246   1.00 5.33  ? 115 PRO A CB  1 
ATOM   876  C  CG  . PRO A 1 115 ? -2.742  6.945   7.525   1.00 5.02  ? 115 PRO A CG  1 
ATOM   877  C  CD  . PRO A 1 115 ? -4.119  6.896   8.164   1.00 4.40  ? 115 PRO A CD  1 
ATOM   878  N  N   . TYR A 1 116 ? -3.750  3.672   8.484   1.00 5.26  ? 116 TYR A N   1 
ATOM   879  C  CA  . TYR A 1 116 ? -3.236  2.553   9.260   1.00 6.77  ? 116 TYR A CA  1 
ATOM   880  C  C   . TYR A 1 116 ? -3.959  1.233   9.165   1.00 5.54  ? 116 TYR A C   1 
ATOM   881  O  O   . TYR A 1 116 ? -5.167  1.196   9.334   1.00 6.32  ? 116 TYR A O   1 
ATOM   882  C  CB  . TYR A 1 116 ? -3.332  2.923   10.781  1.00 8.01  ? 116 TYR A CB  1 
ATOM   883  C  CG  . TYR A 1 116 ? -2.200  3.871   11.156  1.00 11.18 ? 116 TYR A CG  1 
ATOM   884  C  CD1 . TYR A 1 116 ? -0.924  3.347   11.338  1.00 12.41 ? 116 TYR A CD1 1 
ATOM   885  C  CD2 . TYR A 1 116 ? -2.393  5.224   11.261  1.00 12.96 ? 116 TYR A CD2 1 
ATOM   886  C  CE1 . TYR A 1 116 ? 0.132   4.189   11.649  1.00 15.76 ? 116 TYR A CE1 1 
ATOM   887  C  CE2 . TYR A 1 116 ? -1.332  6.088   11.565  1.00 14.87 ? 116 TYR A CE2 1 
ATOM   888  C  CZ  . TYR A 1 116 ? -0.089  5.545   11.751  1.00 15.61 ? 116 TYR A CZ  1 
ATOM   889  O  OH  . TYR A 1 116 ? 1.029   6.341   12.055  1.00 20.56 ? 116 TYR A OH  1 
ATOM   890  N  N   . PRO A 1 117 ? -3.275  0.116   9.107   1.00 5.73  ? 117 PRO A N   1 
ATOM   891  C  CA  . PRO A 1 117 ? -3.932  -1.183  9.137   1.00 5.63  ? 117 PRO A CA  1 
ATOM   892  C  C   . PRO A 1 117 ? -4.456  -1.466  10.564  1.00 5.76  ? 117 PRO A C   1 
ATOM   893  O  O   . PRO A 1 117 ? -3.804  -1.059  11.551  1.00 6.05  ? 117 PRO A O   1 
ATOM   894  C  CB  . PRO A 1 117 ? -2.861  -2.181  8.665   1.00 6.47  ? 117 PRO A CB  1 
ATOM   895  C  CG  . PRO A 1 117 ? -1.586  -1.490  9.005   1.00 7.43  ? 117 PRO A CG  1 
ATOM   896  C  CD  . PRO A 1 117 ? -1.800  0.026   8.972   1.00 6.60  ? 117 PRO A CD  1 
ATOM   897  N  N   . ASN A 1 118 ? -5.578  -2.190  10.658  1.00 6.78  ? 118 ASN A N   1 
ATOM   898  C  CA  . ASN A 1 118 ? -6.088  -2.481  12.006  1.00 6.21  ? 118 ASN A CA  1 
ATOM   899  C  C   . ASN A 1 118 ? -5.329  -3.684  12.592  1.00 7.72  ? 118 ASN A C   1 
ATOM   900  O  O   . ASN A 1 118 ? -4.390  -4.228  11.962  1.00 7.68  ? 118 ASN A O   1 
ATOM   901  C  CB  . ASN A 1 118 ? -7.590  -2.622  11.968  1.00 5.67  ? 118 ASN A CB  1 
ATOM   902  C  CG  . ASN A 1 118 ? -8.151  -3.836  11.294  1.00 6.45  ? 118 ASN A CG  1 
ATOM   903  O  OD1 . ASN A 1 118 ? -9.384  -3.910  11.059  1.00 10.05 ? 118 ASN A OD1 1 
ATOM   904  N  ND2 . ASN A 1 118 ? -7.374  -4.864  10.935  1.00 1.63  ? 118 ASN A ND2 1 
ATOM   905  N  N   . ALA A 1 119 ? -5.754  -4.143  13.785  1.00 7.96  ? 119 ALA A N   1 
ATOM   906  C  CA  . ALA A 1 119 ? -5.036  -5.245  14.439  1.00 7.78  ? 119 ALA A CA  1 
ATOM   907  C  C   . ALA A 1 119 ? -5.121  -6.544  13.639  1.00 8.37  ? 119 ALA A C   1 
ATOM   908  O  O   . ALA A 1 119 ? -4.143  -7.304  13.573  1.00 9.78  ? 119 ALA A O   1 
ATOM   909  C  CB  . ALA A 1 119 ? -5.535  -5.449  15.858  1.00 8.05  ? 119 ALA A CB  1 
ATOM   910  N  N   . GLN A 1 120 ? -6.240  -6.836  13.017  1.00 8.58  ? 120 GLN A N   1 
ATOM   911  C  CA  . GLN A 1 120 ? -6.393  -8.048  12.232  1.00 9.62  ? 120 GLN A CA  1 
ATOM   912  C  C   . GLN A 1 120 ? -5.533  -7.988  10.966  1.00 8.10  ? 120 GLN A C   1 
ATOM   913  O  O   . GLN A 1 120 ? -4.925  -8.995  10.597  1.00 7.07  ? 120 GLN A O   1 
ATOM   914  C  CB  . GLN A 1 120 ? -7.879  -8.207  11.839  1.00 15.05 ? 120 GLN A CB  1 
ATOM   915  C  CG  . GLN A 1 120 ? -8.103  -9.648  11.422  1.00 24.53 ? 120 GLN A CG  1 
ATOM   916  C  CD  . GLN A 1 120 ? -9.138  -9.950  10.362  1.00 29.58 ? 120 GLN A CD  1 
ATOM   917  O  OE1 . GLN A 1 120 ? -10.082 -9.152  10.151  1.00 33.11 ? 120 GLN A OE1 1 
ATOM   918  N  NE2 . GLN A 1 120 ? -8.953  -11.129 9.719   1.00 31.98 ? 120 GLN A NE2 1 
ATOM   919  N  N   . GLU A 1 121 ? -5.494  -6.832  10.311  1.00 6.29  ? 121 GLU A N   1 
ATOM   920  C  CA  . GLU A 1 121 ? -4.683  -6.649  9.105   1.00 4.86  ? 121 GLU A CA  1 
ATOM   921  C  C   . GLU A 1 121 ? -3.211  -6.838  9.417   1.00 4.26  ? 121 GLU A C   1 
ATOM   922  O  O   . GLU A 1 121 ? -2.447  -7.485  8.683   1.00 3.63  ? 121 GLU A O   1 
ATOM   923  C  CB  . GLU A 1 121 ? -4.948  -5.225  8.551   1.00 6.03  ? 121 GLU A CB  1 
ATOM   924  C  CG  . GLU A 1 121 ? -6.337  -5.230  7.878   1.00 3.56  ? 121 GLU A CG  1 
ATOM   925  C  CD  . GLU A 1 121 ? -6.814  -3.831  7.426   1.00 3.00  ? 121 GLU A CD  1 
ATOM   926  O  OE1 . GLU A 1 121 ? -6.500  -2.861  8.114   1.00 1.63  ? 121 GLU A OE1 1 
ATOM   927  O  OE2 . GLU A 1 121 ? -7.526  -3.879  6.389   1.00 1.63  ? 121 GLU A OE2 1 
ATOM   928  N  N   . ARG A 1 122 ? -2.767  -6.220  10.506  1.00 4.71  ? 122 ARG A N   1 
ATOM   929  C  CA  . ARG A 1 122 ? -1.348  -6.376  10.909  1.00 6.11  ? 122 ARG A CA  1 
ATOM   930  C  C   . ARG A 1 122 ? -1.051  -7.835  11.235  1.00 7.38  ? 122 ARG A C   1 
ATOM   931  O  O   . ARG A 1 122 ? -0.039  -8.421  10.834  1.00 7.54  ? 122 ARG A O   1 
ATOM   932  C  CB  . ARG A 1 122 ? -1.080  -5.609  12.207  1.00 7.87  ? 122 ARG A CB  1 
ATOM   933  C  CG  . ARG A 1 122 ? -1.156  -4.113  12.025  1.00 9.50  ? 122 ARG A CG  1 
ATOM   934  C  CD  . ARG A 1 122 ? -1.031  -3.405  13.381  1.00 10.59 ? 122 ARG A CD  1 
ATOM   935  N  NE  . ARG A 1 122 ? -1.408  -2.023  13.087  1.00 16.82 ? 122 ARG A NE  1 
ATOM   936  C  CZ  . ARG A 1 122 ? -0.913  -0.935  13.679  1.00 19.46 ? 122 ARG A CZ  1 
ATOM   937  N  NH1 . ARG A 1 122 ? -0.170  -1.021  14.781  1.00 20.86 ? 122 ARG A NH1 1 
ATOM   938  N  NH2 . ARG A 1 122 ? -1.160  0.264   13.131  1.00 20.81 ? 122 ARG A NH2 1 
ATOM   939  N  N   . SER A 1 123 ? -1.918  -8.470  12.014  1.00 8.78  ? 123 SER A N   1 
ATOM   940  C  CA  . SER A 1 123 ? -1.739  -9.891  12.368  1.00 9.16  ? 123 SER A CA  1 
ATOM   941  C  C   . SER A 1 123 ? -1.636  -10.742 11.116  1.00 8.27  ? 123 SER A C   1 
ATOM   942  O  O   . SER A 1 123 ? -0.702  -11.554 11.005  1.00 8.57  ? 123 SER A O   1 
ATOM   943  C  CB  . SER A 1 123 ? -2.935  -10.269 13.245  1.00 12.24 ? 123 SER A CB  1 
ATOM   944  O  OG  . SER A 1 123 ? -2.884  -11.645 13.558  1.00 16.58 ? 123 SER A OG  1 
ATOM   945  N  N   . ARG A 1 124 ? -2.530  -10.595 10.132  1.00 7.20  ? 124 ARG A N   1 
ATOM   946  C  CA  . ARG A 1 124 ? -2.431  -11.369 8.898   1.00 9.16  ? 124 ARG A CA  1 
ATOM   947  C  C   . ARG A 1 124 ? -1.138  -11.105 8.117   1.00 7.08  ? 124 ARG A C   1 
ATOM   948  O  O   . ARG A 1 124 ? -0.579  -12.047 7.591   1.00 8.22  ? 124 ARG A O   1 
ATOM   949  C  CB  . ARG A 1 124 ? -3.611  -11.025 7.986   1.00 13.17 ? 124 ARG A CB  1 
ATOM   950  C  CG  . ARG A 1 124 ? -3.734  -11.980 6.803   1.00 20.94 ? 124 ARG A CG  1 
ATOM   951  C  CD  . ARG A 1 124 ? -5.236  -12.202 6.608   1.00 27.59 ? 124 ARG A CD  1 
ATOM   952  N  NE  . ARG A 1 124 ? -5.909  -11.057 5.999   1.00 33.09 ? 124 ARG A NE  1 
ATOM   953  C  CZ  . ARG A 1 124 ? -7.139  -10.911 5.505   1.00 34.94 ? 124 ARG A CZ  1 
ATOM   954  N  NH1 . ARG A 1 124 ? -8.073  -11.864 5.563   1.00 37.12 ? 124 ARG A NH1 1 
ATOM   955  N  NH2 . ARG A 1 124 ? -7.495  -9.766  4.909   1.00 35.88 ? 124 ARG A NH2 1 
ATOM   956  N  N   . VAL A 1 125 ? -0.684  -9.856  8.019   1.00 6.11  ? 125 VAL A N   1 
ATOM   957  C  CA  . VAL A 1 125 ? 0.593   -9.639  7.296   1.00 3.44  ? 125 VAL A CA  1 
ATOM   958  C  C   . VAL A 1 125 ? 1.691   -10.339 8.079   1.00 3.73  ? 125 VAL A C   1 
ATOM   959  O  O   . VAL A 1 125 ? 2.541   -11.025 7.480   1.00 1.63  ? 125 VAL A O   1 
ATOM   960  C  CB  . VAL A 1 125 ? 0.799   -8.126  7.144   1.00 3.86  ? 125 VAL A CB  1 
ATOM   961  C  CG1 . VAL A 1 125 ? 2.196   -7.699  6.756   1.00 5.78  ? 125 VAL A CG1 1 
ATOM   962  C  CG2 . VAL A 1 125 ? -0.179  -7.644  6.074   1.00 3.99  ? 125 VAL A CG2 1 
ATOM   963  N  N   . ASN A 1 126 ? 1.756   -10.223 9.404   1.00 2.07  ? 126 ASN A N   1 
ATOM   964  C  CA  . ASN A 1 126 ? 2.823   -10.961 10.106  1.00 4.53  ? 126 ASN A CA  1 
ATOM   965  C  C   . ASN A 1 126 ? 2.777   -12.471 9.819   1.00 5.40  ? 126 ASN A C   1 
ATOM   966  O  O   . ASN A 1 126 ? 3.805   -13.110 9.664   1.00 6.07  ? 126 ASN A O   1 
ATOM   967  C  CB  . ASN A 1 126 ? 2.647   -10.761 11.602  1.00 2.72  ? 126 ASN A CB  1 
ATOM   968  C  CG  . ASN A 1 126 ? 3.268   -9.433  11.994  1.00 5.69  ? 126 ASN A CG  1 
ATOM   969  O  OD1 . ASN A 1 126 ? 4.192   -8.880  11.375  1.00 1.63  ? 126 ASN A OD1 1 
ATOM   970  N  ND2 . ASN A 1 126 ? 2.646   -8.929  13.057  1.00 4.09  ? 126 ASN A ND2 1 
ATOM   971  N  N   . ALA A 1 127 ? 1.585   -13.055 9.707   1.00 6.99  ? 127 ALA A N   1 
ATOM   972  C  CA  . ALA A 1 127 ? 1.497   -14.500 9.437   1.00 8.20  ? 127 ALA A CA  1 
ATOM   973  C  C   . ALA A 1 127 ? 1.953   -14.786 8.014   1.00 9.05  ? 127 ALA A C   1 
ATOM   974  O  O   . ALA A 1 127 ? 2.656   -15.789 7.822   1.00 10.57 ? 127 ALA A O   1 
ATOM   975  C  CB  . ALA A 1 127 ? 0.064   -14.993 9.602   1.00 8.59  ? 127 ALA A CB  1 
ATOM   976  N  N   . LEU A 1 128 ? 1.591   -13.958 7.019   1.00 7.88  ? 128 LEU A N   1 
ATOM   977  C  CA  . LEU A 1 128 ? 2.036   -14.200 5.638   1.00 7.80  ? 128 LEU A CA  1 
ATOM   978  C  C   . LEU A 1 128 ? 3.532   -14.079 5.457   1.00 7.78  ? 128 LEU A C   1 
ATOM   979  O  O   . LEU A 1 128 ? 4.064   -14.660 4.476   1.00 7.66  ? 128 LEU A O   1 
ATOM   980  C  CB  . LEU A 1 128 ? 1.412   -13.167 4.672   1.00 8.25  ? 128 LEU A CB  1 
ATOM   981  C  CG  . LEU A 1 128 ? -0.118  -13.258 4.589   1.00 8.24  ? 128 LEU A CG  1 
ATOM   982  C  CD1 . LEU A 1 128 ? -0.767  -12.021 3.989   1.00 9.52  ? 128 LEU A CD1 1 
ATOM   983  C  CD2 . LEU A 1 128 ? -0.475  -14.441 3.698   1.00 9.48  ? 128 LEU A CD2 1 
ATOM   984  N  N   . TRP A 1 129 ? 4.216   -13.344 6.321   1.00 6.79  ? 129 TRP A N   1 
ATOM   985  C  CA  . TRP A 1 129 ? 5.661   -13.192 6.124   1.00 7.46  ? 129 TRP A CA  1 
ATOM   986  C  C   . TRP A 1 129 ? 6.426   -13.919 7.199   1.00 9.43  ? 129 TRP A C   1 
ATOM   987  O  O   . TRP A 1 129 ? 7.637   -13.769 7.237   1.00 9.64  ? 129 TRP A O   1 
ATOM   988  C  CB  . TRP A 1 129 ? 5.988   -11.688 6.152   1.00 5.28  ? 129 TRP A CB  1 
ATOM   989  C  CG  . TRP A 1 129 ? 5.422   -11.093 4.884   1.00 3.47  ? 129 TRP A CG  1 
ATOM   990  C  CD1 . TRP A 1 129 ? 4.178   -10.578 4.649   1.00 5.19  ? 129 TRP A CD1 1 
ATOM   991  C  CD2 . TRP A 1 129 ? 6.140   -10.981 3.657   1.00 5.99  ? 129 TRP A CD2 1 
ATOM   992  N  NE1 . TRP A 1 129 ? 4.023   -10.140 3.361   1.00 1.63  ? 129 TRP A NE1 1 
ATOM   993  C  CE2 . TRP A 1 129 ? 5.253   -10.356 2.735   1.00 5.81  ? 129 TRP A CE2 1 
ATOM   994  C  CE3 . TRP A 1 129 ? 7.439   -11.282 3.241   1.00 5.64  ? 129 TRP A CE3 1 
ATOM   995  C  CZ2 . TRP A 1 129 ? 5.603   -10.107 1.406   1.00 2.49  ? 129 TRP A CZ2 1 
ATOM   996  C  CZ3 . TRP A 1 129 ? 7.819   -11.019 1.921   1.00 5.64  ? 129 TRP A CZ3 1 
ATOM   997  C  CH2 . TRP A 1 129 ? 6.868   -10.431 1.024   1.00 6.31  ? 129 TRP A CH2 1 
ATOM   998  N  N   . ALA A 1 130 ? 5.774   -14.683 8.053   1.00 10.27 ? 130 ALA A N   1 
ATOM   999  C  CA  . ALA A 1 130 ? 6.514   -15.321 9.163   1.00 12.74 ? 130 ALA A CA  1 
ATOM   1000 C  C   . ALA A 1 130 ? 7.618   -16.264 8.702   1.00 14.10 ? 130 ALA A C   1 
ATOM   1001 O  O   . ALA A 1 130 ? 8.649   -16.294 9.387   1.00 15.87 ? 130 ALA A O   1 
ATOM   1002 C  CB  . ALA A 1 130 ? 5.561   -16.084 10.061  1.00 10.29 ? 130 ALA A CB  1 
ATOM   1003 N  N   . ASN A 1 131 ? 7.403   -16.977 7.607   1.00 15.48 ? 131 ASN A N   1 
ATOM   1004 C  CA  . ASN A 1 131 ? 8.388   -17.911 7.056   1.00 16.18 ? 131 ASN A CA  1 
ATOM   1005 C  C   . ASN A 1 131 ? 9.003   -17.405 5.752   1.00 16.36 ? 131 ASN A C   1 
ATOM   1006 O  O   . ASN A 1 131 ? 9.450   -18.177 4.878   1.00 17.16 ? 131 ASN A O   1 
ATOM   1007 C  CB  . ASN A 1 131 ? 7.777   -19.303 6.794   1.00 18.53 ? 131 ASN A CB  1 
ATOM   1008 C  CG  . ASN A 1 131 ? 6.953   -19.766 7.981   1.00 21.56 ? 131 ASN A CG  1 
ATOM   1009 O  OD1 . ASN A 1 131 ? 5.756   -20.064 7.857   1.00 24.90 ? 131 ASN A OD1 1 
ATOM   1010 N  ND2 . ASN A 1 131 ? 7.548   -19.772 9.158   1.00 22.94 ? 131 ASN A ND2 1 
ATOM   1011 N  N   . GLY A 1 132 ? 9.054   -16.090 5.584   1.00 15.61 ? 132 GLY A N   1 
ATOM   1012 C  CA  . GLY A 1 132 ? 9.635   -15.430 4.422   1.00 14.23 ? 132 GLY A CA  1 
ATOM   1013 C  C   . GLY A 1 132 ? 8.599   -15.292 3.304   1.00 14.04 ? 132 GLY A C   1 
ATOM   1014 O  O   . GLY A 1 132 ? 9.026   -14.803 2.230   1.00 14.66 ? 132 GLY A O   1 
ATOM   1015 O  OXT . GLY A 1 132 ? 7.423   -15.653 3.500   1.00 13.76 ? 132 GLY A OXT 1 
HETATM 1016 ZN ZN  . ZN  B 2 .   ? -7.457  -2.622  -3.136  1.00 1.63  ? 133 ZN  A ZN  1 
HETATM 1017 CA CA  . CA  C 3 .   ? -2.629  11.689  4.736   1.00 8.54  ? 134 CA  A CA  1 
HETATM 1018 O  O   . HOH D 4 .   ? 2.935   13.573  -16.127 1.00 28.07 ? 135 HOH A O   1 
HETATM 1019 O  O   . HOH D 4 .   ? -4.198  -3.807  -15.117 1.00 37.77 ? 136 HOH A O   1 
HETATM 1020 O  O   . HOH D 4 .   ? -9.321  -6.012  5.864   1.00 12.95 ? 137 HOH A O   1 
HETATM 1021 O  O   . HOH D 4 .   ? -7.607  -1.142  -4.992  1.00 11.45 ? 138 HOH A O   1 
HETATM 1022 O  O   . HOH D 4 .   ? -6.359  13.921  -13.570 1.00 12.88 ? 139 HOH A O   1 
HETATM 1023 O  O   . HOH D 4 .   ? 15.077  -1.577  -9.009  1.00 16.36 ? 140 HOH A O   1 
HETATM 1024 O  O   . HOH D 4 .   ? -4.188  10.269  6.628   1.00 8.18  ? 141 HOH A O   1 
HETATM 1025 O  O   . HOH D 4 .   ? 2.570   -6.144  14.278  1.00 13.25 ? 142 HOH A O   1 
HETATM 1026 O  O   . HOH D 4 .   ? 9.202   3.473   -9.915  1.00 9.70  ? 143 HOH A O   1 
HETATM 1027 O  O   . HOH D 4 .   ? 2.236   11.267  -15.832 1.00 18.12 ? 144 HOH A O   1 
HETATM 1028 O  O   . HOH D 4 .   ? 10.325  -20.761 4.836   1.00 11.44 ? 145 HOH A O   1 
HETATM 1029 O  O   . HOH D 4 .   ? 4.967   6.760   -13.804 1.00 10.84 ? 146 HOH A O   1 
HETATM 1030 O  O   . HOH D 4 .   ? -2.300  -10.739 -5.583  1.00 18.24 ? 147 HOH A O   1 
HETATM 1031 O  O   . HOH D 4 .   ? 8.627   -2.767  12.988  1.00 14.39 ? 148 HOH A O   1 
HETATM 1032 O  O   . HOH D 4 .   ? -11.574 6.035   1.828   1.00 18.77 ? 149 HOH A O   1 
HETATM 1033 O  O   . HOH D 4 .   ? -8.452  -7.571  3.743   1.00 12.77 ? 150 HOH A O   1 
HETATM 1034 O  O   . HOH D 4 .   ? -2.439  12.472  2.024   1.00 10.20 ? 151 HOH A O   1 
HETATM 1035 O  O   . HOH D 4 .   ? 2.222   -12.414 1.217   1.00 14.73 ? 152 HOH A O   1 
HETATM 1036 O  O   . HOH D 4 .   ? 14.384  2.444   -11.823 1.00 19.61 ? 153 HOH A O   1 
HETATM 1037 O  O   . HOH D 4 .   ? -9.998  8.246   -10.816 1.00 17.58 ? 154 HOH A O   1 
HETATM 1038 O  O   . HOH D 4 .   ? -0.183  13.203  4.501   1.00 20.21 ? 155 HOH A O   1 
HETATM 1039 O  O   . HOH D 4 .   ? -2.925  -9.289  -3.162  1.00 13.00 ? 156 HOH A O   1 
HETATM 1040 O  O   . HOH D 4 .   ? -7.034  1.134   11.685  1.00 17.08 ? 157 HOH A O   1 
HETATM 1041 O  O   . HOH D 4 .   ? -6.924  2.802   -3.582  1.00 26.98 ? 158 HOH A O   1 
HETATM 1042 O  O   . HOH D 4 .   ? -4.555  -4.857  -12.631 1.00 41.03 ? 159 HOH A O   1 
HETATM 1043 O  O   . HOH D 4 .   ? -1.217  10.835  7.080   1.00 21.03 ? 160 HOH A O   1 
HETATM 1044 O  O   . HOH D 4 .   ? -6.457  -2.963  -13.986 1.00 32.42 ? 161 HOH A O   1 
HETATM 1045 O  O   . HOH D 4 .   ? 11.003  0.174   -12.260 1.00 42.73 ? 162 HOH A O   1 
HETATM 1046 O  O   . HOH D 4 .   ? 10.831  6.179   0.133   1.00 17.84 ? 163 HOH A O   1 
HETATM 1047 O  O   . HOH D 4 .   ? 7.235   -19.601 3.084   1.00 21.11 ? 164 HOH A O   1 
HETATM 1048 O  O   . HOH D 4 .   ? -3.563  2.285   -16.326 1.00 12.17 ? 165 HOH A O   1 
HETATM 1049 O  O   . HOH D 4 .   ? -18.762 6.312   5.134   1.00 21.77 ? 166 HOH A O   1 
HETATM 1050 O  O   . HOH D 4 .   ? 15.389  0.877   -7.789  1.00 16.53 ? 167 HOH A O   1 
HETATM 1051 O  O   . HOH D 4 .   ? 12.659  -0.910  -10.143 1.00 23.94 ? 168 HOH A O   1 
HETATM 1052 O  O   . HOH D 4 .   ? 5.893   -16.771 5.391   1.00 17.36 ? 169 HOH A O   1 
HETATM 1053 O  O   . HOH D 4 .   ? 11.185  -11.130 -1.998  1.00 35.91 ? 170 HOH A O   1 
HETATM 1054 O  O   . HOH D 4 .   ? 9.957   -7.860  -9.316  1.00 26.17 ? 171 HOH A O   1 
HETATM 1055 O  O   . HOH D 4 .   ? 6.128   -17.323 1.985   1.00 19.71 ? 172 HOH A O   1 
HETATM 1056 O  O   . HOH D 4 .   ? 2.869   -16.623 2.411   1.00 32.79 ? 173 HOH A O   1 
HETATM 1057 O  O   . HOH D 4 .   ? 2.471   -18.166 10.007  1.00 29.55 ? 174 HOH A O   1 
HETATM 1058 O  O   . HOH D 4 .   ? 14.712  -6.794  -1.392  1.00 25.03 ? 175 HOH A O   1 
HETATM 1059 O  O   . HOH D 4 .   ? 9.934   5.688   4.626   1.00 27.67 ? 176 HOH A O   1 
HETATM 1060 O  O   . HOH D 4 .   ? 9.744   8.088   -1.611  1.00 18.48 ? 177 HOH A O   1 
HETATM 1061 O  O   . HOH D 4 .   ? 0.243   -13.374 13.339  1.00 30.84 ? 178 HOH A O   1 
HETATM 1062 O  O   . HOH D 4 .   ? 10.767  9.256   -14.456 1.00 37.95 ? 179 HOH A O   1 
HETATM 1063 O  O   . HOH D 4 .   ? -2.208  -7.569  15.621  1.00 28.25 ? 180 HOH A O   1 
HETATM 1064 O  O   . HOH D 4 .   ? 3.716   13.020  -2.354  1.00 21.83 ? 181 HOH A O   1 
HETATM 1065 O  O   . HOH D 4 .   ? -1.357  14.809  -4.612  1.00 41.85 ? 182 HOH A O   1 
HETATM 1066 O  O   . HOH D 4 .   ? 7.586   15.227  -4.537  1.00 45.01 ? 183 HOH A O   1 
HETATM 1067 O  O   . HOH D 4 .   ? -7.715  -2.531  15.536  1.00 29.56 ? 184 HOH A O   1 
HETATM 1068 O  O   . HOH D 4 .   ? -6.303  7.041   11.735  1.00 23.59 ? 185 HOH A O   1 
HETATM 1069 O  O   . HOH D 4 .   ? -10.765 8.924   8.959   1.00 13.95 ? 186 HOH A O   1 
HETATM 1070 O  O   . HOH D 4 .   ? 10.420  3.304   7.766   1.00 29.86 ? 187 HOH A O   1 
HETATM 1071 O  O   . HOH D 4 .   ? 6.327   -3.409  6.050   1.00 33.70 ? 188 HOH A O   1 
HETATM 1072 O  O   . HOH D 4 .   ? 4.058   1.740   15.928  1.00 22.87 ? 189 HOH A O   1 
HETATM 1073 O  O   . HOH D 4 .   ? 1.427   1.626   13.921  1.00 28.05 ? 190 HOH A O   1 
HETATM 1074 O  O   . HOH D 4 .   ? -14.234 8.281   9.440   1.00 46.59 ? 191 HOH A O   1 
HETATM 1075 O  O   . HOH D 4 .   ? -16.565 6.266   7.311   1.00 33.81 ? 192 HOH A O   1 
HETATM 1076 O  O   . HOH D 4 .   ? -18.497 2.092   6.099   1.00 34.42 ? 193 HOH A O   1 
HETATM 1077 O  O   . HOH D 4 .   ? -10.573 -6.599  9.981   1.00 22.11 ? 194 HOH A O   1 
HETATM 1078 O  O   . HOH D 4 .   ? -13.457 -4.462  11.175  1.00 34.09 ? 195 HOH A O   1 
HETATM 1079 O  O   . HOH D 4 .   ? 13.748  3.345   2.682   1.00 27.82 ? 196 HOH A O   1 
HETATM 1080 O  O   . HOH D 4 .   ? -10.375 -2.279  14.276  1.00 26.89 ? 197 HOH A O   1 
HETATM 1081 O  O   . HOH D 4 .   ? 23.199  0.831   -7.325  1.00 18.98 ? 198 HOH A O   1 
HETATM 1082 O  O   . HOH D 4 .   ? 17.016  -5.706  -3.566  1.00 31.18 ? 199 HOH A O   1 
HETATM 1083 O  O   . HOH D 4 .   ? -12.052 -11.144 3.000   1.00 36.48 ? 200 HOH A O   1 
HETATM 1084 O  O   . HOH D 4 .   ? 10.538  -3.721  -9.659  1.00 33.16 ? 201 HOH A O   1 
HETATM 1085 O  O   . HOH D 4 .   ? 14.548  -5.730  -9.829  1.00 31.37 ? 202 HOH A O   1 
HETATM 1086 O  O   . HOH D 4 .   ? 7.642   -3.174  -13.077 1.00 40.15 ? 203 HOH A O   1 
HETATM 1087 O  O   . HOH D 4 .   ? -11.922 -2.527  12.144  1.00 19.02 ? 204 HOH A O   1 
HETATM 1088 O  O   . HOH D 4 .   ? -17.301 0.294   3.141   1.00 15.56 ? 205 HOH A O   1 
HETATM 1089 O  O   . HOH D 4 .   ? 4.534   9.177   -15.199 1.00 21.94 ? 206 HOH A O   1 
HETATM 1090 O  O   . HOH D 4 .   ? -11.651 -0.703  -9.828  1.00 40.85 ? 207 HOH A O   1 
HETATM 1091 O  O   . HOH D 4 .   ? -7.272  10.426  -13.111 1.00 20.89 ? 208 HOH A O   1 
HETATM 1092 O  O   . HOH D 4 .   ? -10.909 0.948   -18.639 1.00 45.78 ? 209 HOH A O   1 
HETATM 1093 O  O   . HOH D 4 .   ? -18.075 -6.741  -2.509  1.00 34.15 ? 210 HOH A O   1 
HETATM 1094 O  O   . HOH D 4 .   ? -9.114  5.316   0.153   1.00 25.31 ? 211 HOH A O   1 
HETATM 1095 O  O   . HOH D 4 .   ? -8.758  2.166   -6.781  1.00 25.30 ? 212 HOH A O   1 
HETATM 1096 O  O   . HOH D 4 .   ? -5.534  -3.074  -6.759  1.00 8.38  ? 213 HOH A O   1 
HETATM 1097 O  O   . HOH D 4 .   ? -8.387  -3.180  -6.556  1.00 11.09 ? 214 HOH A O   1 
HETATM 1098 O  O   . HOH D 4 .   ? -9.999  1.040   -4.141  1.00 29.73 ? 215 HOH A O   1 
HETATM 1099 O  O   . HOH D 4 .   ? -9.321  7.754   1.148   1.00 47.09 ? 216 HOH A O   1 
HETATM 1100 O  O   . HOH D 4 .   ? -1.113  15.848  -9.807  1.00 40.09 ? 217 HOH A O   1 
HETATM 1101 O  O   . HOH D 4 .   ? 6.017   -15.296 -6.636  1.00 28.38 ? 218 HOH A O   1 
HETATM 1102 O  O   . HOH D 4 .   ? 1.449   -16.970 -7.108  1.00 42.75 ? 219 HOH A O   1 
HETATM 1103 O  O   . HOH D 4 .   ? -0.209  -14.878 -8.587  1.00 29.60 ? 220 HOH A O   1 
HETATM 1104 O  O   . HOH D 4 .   ? -11.766 8.425   -8.166  1.00 36.82 ? 221 HOH A O   1 
HETATM 1105 O  O   . HOH D 4 .   ? -2.332  -13.428 0.217   1.00 25.29 ? 222 HOH A O   1 
HETATM 1106 O  O   . HOH D 4 .   ? -6.508  -13.122 0.085   1.00 18.69 ? 223 HOH A O   1 
HETATM 1107 O  O   . HOH D 4 .   ? -4.651  -10.745 -1.583  1.00 7.13  ? 224 HOH A O   1 
HETATM 1108 O  O   . HOH D 4 .   ? -11.649 3.033   -5.584  1.00 45.86 ? 225 HOH A O   1 
HETATM 1109 O  O   . HOH D 4 .   ? 7.087   -13.120 -4.656  1.00 17.63 ? 226 HOH A O   1 
HETATM 1110 O  O   . HOH D 4 .   ? 4.793   -1.364  -16.833 1.00 34.64 ? 227 HOH A O   1 
# 
